data_7WW5
# 
_entry.id   7WW5 
# 
_audit_conform.dict_name       mmcif_pdbx.dic 
_audit_conform.dict_version    5.380 
_audit_conform.dict_location   http://mmcif.pdb.org/dictionaries/ascii/mmcif_pdbx.dic 
# 
loop_
_database_2.database_id 
_database_2.database_code 
_database_2.pdbx_database_accession 
_database_2.pdbx_DOI 
PDB   7WW5         pdb_00007ww5 10.2210/pdb7ww5/pdb 
WWPDB D_1300027143 ?            ?                   
# 
_pdbx_database_status.status_code                     REL 
_pdbx_database_status.status_code_sf                  REL 
_pdbx_database_status.status_code_mr                  ? 
_pdbx_database_status.entry_id                        7WW5 
_pdbx_database_status.recvd_initial_deposition_date   2022-02-12 
_pdbx_database_status.SG_entry                        N 
_pdbx_database_status.deposit_site                    PDBJ 
_pdbx_database_status.process_site                    PDBJ 
_pdbx_database_status.status_code_cs                  ? 
_pdbx_database_status.status_code_nmr_data            ? 
_pdbx_database_status.methods_development_category    ? 
_pdbx_database_status.pdb_format_compatible           Y 
# 
loop_
_audit_author.name 
_audit_author.pdbx_ordinal 
_audit_author.identifier_ORCID 
'Nakamura, T.' 1 ? 
'Yamagata, Y.' 2 ? 
# 
_citation.abstract                  ? 
_citation.abstract_id_CAS           ? 
_citation.book_id_ISBN              ? 
_citation.book_publisher            ? 
_citation.book_publisher_city       ? 
_citation.book_title                ? 
_citation.coordinate_linkage        ? 
_citation.country                   US 
_citation.database_id_Medline       ? 
_citation.details                   ? 
_citation.id                        primary 
_citation.journal_abbrev            Proc.Natl.Acad.Sci.USA 
_citation.journal_id_ASTM           PNASA6 
_citation.journal_id_CSD            0040 
_citation.journal_id_ISSN           1091-6490 
_citation.journal_full              ? 
_citation.journal_issue             ? 
_citation.journal_volume            119 
_citation.language                  ? 
_citation.page_first                e2203118119 
_citation.page_last                 e2203118119 
_citation.title                     'Visualization of mutagenic nucleotide processing by Escherichia coli MutT, a Nudix hydrolase.' 
_citation.year                      2022 
_citation.database_id_CSD           ? 
_citation.pdbx_database_id_DOI      10.1073/pnas.2203118119 
_citation.pdbx_database_id_PubMed   35594391 
_citation.pdbx_database_id_patent   ? 
_citation.unpublished_flag          ? 
# 
loop_
_citation_author.citation_id 
_citation_author.name 
_citation_author.ordinal 
_citation_author.identifier_ORCID 
primary 'Nakamura, T.' 1 0000-0003-2013-3057 
primary 'Yamagata, Y.' 2 0000-0003-0007-4985 
# 
_cell.angle_alpha                  90.000 
_cell.angle_alpha_esd              ? 
_cell.angle_beta                   90.000 
_cell.angle_beta_esd               ? 
_cell.angle_gamma                  90.000 
_cell.angle_gamma_esd              ? 
_cell.entry_id                     7WW5 
_cell.details                      ? 
_cell.formula_units_Z              ? 
_cell.length_a                     37.870 
_cell.length_a_esd                 ? 
_cell.length_b                     55.890 
_cell.length_b_esd                 ? 
_cell.length_c                     59.410 
_cell.length_c_esd                 ? 
_cell.volume                       125744.491 
_cell.volume_esd                   ? 
_cell.Z_PDB                        4 
_cell.reciprocal_angle_alpha       ? 
_cell.reciprocal_angle_beta        ? 
_cell.reciprocal_angle_gamma       ? 
_cell.reciprocal_angle_alpha_esd   ? 
_cell.reciprocal_angle_beta_esd    ? 
_cell.reciprocal_angle_gamma_esd   ? 
_cell.reciprocal_length_a          ? 
_cell.reciprocal_length_b          ? 
_cell.reciprocal_length_c          ? 
_cell.reciprocal_length_a_esd      ? 
_cell.reciprocal_length_b_esd      ? 
_cell.reciprocal_length_c_esd      ? 
_cell.pdbx_unique_axis             ? 
# 
_symmetry.entry_id                         7WW5 
_symmetry.cell_setting                     ? 
_symmetry.Int_Tables_number                19 
_symmetry.space_group_name_Hall            'P 2ac 2ab' 
_symmetry.space_group_name_H-M             'P 21 21 21' 
_symmetry.pdbx_full_space_group_name_H-M   ? 
# 
loop_
_entity.id 
_entity.type 
_entity.src_method 
_entity.pdbx_description 
_entity.formula_weight 
_entity.pdbx_number_of_molecules 
_entity.pdbx_ec 
_entity.pdbx_mutation 
_entity.pdbx_fragment 
_entity.details 
1 polymer     man 7,8-dihydro-8-oxoguanine-triphosphatase   14945.029 1   3.6.1.55,3.6.1.- ? ? ? 
2 non-polymer syn "8-OXO-2'-DEOXYGUANOSINE-5'-TRIPHOSPHATE" 523.180   1   ?                ? ? ? 
3 non-polymer syn 'SODIUM ION'                              22.990    2   ?                ? ? ? 
4 non-polymer syn 'SULFATE ION'                             96.063    1   ?                ? ? ? 
5 water       nat water                                     18.015    134 ?                ? ? ? 
# 
_entity_name_com.entity_id   1 
_entity_name_com.name        
;8-oxo-dGTP diphosphatase,8-oxo-dGTP diphosphatase MutT,Mutator MutT protein,Mutator mutT protein (7,8-dihydro-8-oxoguanine-triphosphatase),Nucleoside triphosphate hydrolase,Nucleoside triphosphate pyrophosphohydrolase,marked preference for dGTP,dGTP-preferring nucleoside triphosphate pyrophosphohydrolase
;
# 
_entity_poly.entity_id                      1 
_entity_poly.type                           'polypeptide(L)' 
_entity_poly.nstd_linkage                   no 
_entity_poly.nstd_monomer                   no 
_entity_poly.pdbx_seq_one_letter_code       
;MKKLQIAVGIIRNENNEIFITRRAADAHMANKLEFPGGKIEMGETPEQAVVRELQEEVGITPQHFSLFEKLEYEFPDRHI
TLWFWLVERWEGEPWGKEGQPGEWMSLVGLNADDFPPANEPVIAKLKRL
;
_entity_poly.pdbx_seq_one_letter_code_can   
;MKKLQIAVGIIRNENNEIFITRRAADAHMANKLEFPGGKIEMGETPEQAVVRELQEEVGITPQHFSLFEKLEYEFPDRHI
TLWFWLVERWEGEPWGKEGQPGEWMSLVGLNADDFPPANEPVIAKLKRL
;
_entity_poly.pdbx_strand_id                 A 
_entity_poly.pdbx_target_identifier         ? 
# 
loop_
_entity_poly_seq.entity_id 
_entity_poly_seq.num 
_entity_poly_seq.mon_id 
_entity_poly_seq.hetero 
1 1   MET n 
1 2   LYS n 
1 3   LYS n 
1 4   LEU n 
1 5   GLN n 
1 6   ILE n 
1 7   ALA n 
1 8   VAL n 
1 9   GLY n 
1 10  ILE n 
1 11  ILE n 
1 12  ARG n 
1 13  ASN n 
1 14  GLU n 
1 15  ASN n 
1 16  ASN n 
1 17  GLU n 
1 18  ILE n 
1 19  PHE n 
1 20  ILE n 
1 21  THR n 
1 22  ARG n 
1 23  ARG n 
1 24  ALA n 
1 25  ALA n 
1 26  ASP n 
1 27  ALA n 
1 28  HIS n 
1 29  MET n 
1 30  ALA n 
1 31  ASN n 
1 32  LYS n 
1 33  LEU n 
1 34  GLU n 
1 35  PHE n 
1 36  PRO n 
1 37  GLY n 
1 38  GLY n 
1 39  LYS n 
1 40  ILE n 
1 41  GLU n 
1 42  MET n 
1 43  GLY n 
1 44  GLU n 
1 45  THR n 
1 46  PRO n 
1 47  GLU n 
1 48  GLN n 
1 49  ALA n 
1 50  VAL n 
1 51  VAL n 
1 52  ARG n 
1 53  GLU n 
1 54  LEU n 
1 55  GLN n 
1 56  GLU n 
1 57  GLU n 
1 58  VAL n 
1 59  GLY n 
1 60  ILE n 
1 61  THR n 
1 62  PRO n 
1 63  GLN n 
1 64  HIS n 
1 65  PHE n 
1 66  SER n 
1 67  LEU n 
1 68  PHE n 
1 69  GLU n 
1 70  LYS n 
1 71  LEU n 
1 72  GLU n 
1 73  TYR n 
1 74  GLU n 
1 75  PHE n 
1 76  PRO n 
1 77  ASP n 
1 78  ARG n 
1 79  HIS n 
1 80  ILE n 
1 81  THR n 
1 82  LEU n 
1 83  TRP n 
1 84  PHE n 
1 85  TRP n 
1 86  LEU n 
1 87  VAL n 
1 88  GLU n 
1 89  ARG n 
1 90  TRP n 
1 91  GLU n 
1 92  GLY n 
1 93  GLU n 
1 94  PRO n 
1 95  TRP n 
1 96  GLY n 
1 97  LYS n 
1 98  GLU n 
1 99  GLY n 
1 100 GLN n 
1 101 PRO n 
1 102 GLY n 
1 103 GLU n 
1 104 TRP n 
1 105 MET n 
1 106 SER n 
1 107 LEU n 
1 108 VAL n 
1 109 GLY n 
1 110 LEU n 
1 111 ASN n 
1 112 ALA n 
1 113 ASP n 
1 114 ASP n 
1 115 PHE n 
1 116 PRO n 
1 117 PRO n 
1 118 ALA n 
1 119 ASN n 
1 120 GLU n 
1 121 PRO n 
1 122 VAL n 
1 123 ILE n 
1 124 ALA n 
1 125 LYS n 
1 126 LEU n 
1 127 LYS n 
1 128 ARG n 
1 129 LEU n 
# 
_entity_src_gen.entity_id                          1 
_entity_src_gen.pdbx_src_id                        1 
_entity_src_gen.pdbx_alt_source_flag               sample 
_entity_src_gen.pdbx_seq_type                      'Biological sequence' 
_entity_src_gen.pdbx_beg_seq_num                   1 
_entity_src_gen.pdbx_end_seq_num                   129 
_entity_src_gen.gene_src_common_name               ? 
_entity_src_gen.gene_src_genus                     ? 
_entity_src_gen.pdbx_gene_src_gene                 ? 
_entity_src_gen.gene_src_species                   ? 
_entity_src_gen.gene_src_strain                    ? 
_entity_src_gen.gene_src_tissue                    ? 
_entity_src_gen.gene_src_tissue_fraction           ? 
_entity_src_gen.gene_src_details                   ? 
_entity_src_gen.pdbx_gene_src_fragment             ? 
_entity_src_gen.pdbx_gene_src_scientific_name      'Escherichia coli' 
_entity_src_gen.pdbx_gene_src_ncbi_taxonomy_id     562 
_entity_src_gen.pdbx_gene_src_variant              ? 
_entity_src_gen.pdbx_gene_src_cell_line            ? 
_entity_src_gen.pdbx_gene_src_atcc                 ? 
_entity_src_gen.pdbx_gene_src_organ                ? 
_entity_src_gen.pdbx_gene_src_organelle            ? 
_entity_src_gen.pdbx_gene_src_cell                 ? 
_entity_src_gen.pdbx_gene_src_cellular_location    ? 
_entity_src_gen.host_org_common_name               ? 
_entity_src_gen.pdbx_host_org_scientific_name      'Escherichia coli BL21(DE3)' 
_entity_src_gen.pdbx_host_org_ncbi_taxonomy_id     469008 
_entity_src_gen.host_org_genus                     ? 
_entity_src_gen.pdbx_host_org_gene                 ? 
_entity_src_gen.pdbx_host_org_organ                ? 
_entity_src_gen.host_org_species                   ? 
_entity_src_gen.pdbx_host_org_tissue               ? 
_entity_src_gen.pdbx_host_org_tissue_fraction      ? 
_entity_src_gen.pdbx_host_org_strain               ? 
_entity_src_gen.pdbx_host_org_variant              ? 
_entity_src_gen.pdbx_host_org_cell_line            ? 
_entity_src_gen.pdbx_host_org_atcc                 ? 
_entity_src_gen.pdbx_host_org_culture_collection   ? 
_entity_src_gen.pdbx_host_org_cell                 ? 
_entity_src_gen.pdbx_host_org_organelle            ? 
_entity_src_gen.pdbx_host_org_cellular_location    ? 
_entity_src_gen.pdbx_host_org_vector_type          ? 
_entity_src_gen.pdbx_host_org_vector               ? 
_entity_src_gen.host_org_details                   ? 
_entity_src_gen.expression_system_id               ? 
_entity_src_gen.plasmid_name                       ? 
_entity_src_gen.plasmid_details                    ? 
_entity_src_gen.pdbx_description                   ? 
# 
_struct_ref.id                         1 
_struct_ref.db_name                    UNP 
_struct_ref.db_code                    A0A037YRW7_ECOLX 
_struct_ref.pdbx_db_accession          A0A037YRW7 
_struct_ref.pdbx_db_isoform            ? 
_struct_ref.entity_id                  1 
_struct_ref.pdbx_seq_one_letter_code   
;MKKLQIAVGIIRNENNEIFITRRAADAHMANKLEFPGGKIEMGETPEQAVVRELQEEVGITPQHFSLFEKLEYEFPDRHI
TLWFWLVERWEGEPWGKEGQPGEWMSLVGLNADDFPPANEPVIAKLKRL
;
_struct_ref.pdbx_align_begin           1 
# 
_struct_ref_seq.align_id                      1 
_struct_ref_seq.ref_id                        1 
_struct_ref_seq.pdbx_PDB_id_code              7WW5 
_struct_ref_seq.pdbx_strand_id                A 
_struct_ref_seq.seq_align_beg                 1 
_struct_ref_seq.pdbx_seq_align_beg_ins_code   ? 
_struct_ref_seq.seq_align_end                 129 
_struct_ref_seq.pdbx_seq_align_end_ins_code   ? 
_struct_ref_seq.pdbx_db_accession             A0A037YRW7 
_struct_ref_seq.db_align_beg                  1 
_struct_ref_seq.pdbx_db_align_beg_ins_code    ? 
_struct_ref_seq.db_align_end                  129 
_struct_ref_seq.pdbx_db_align_end_ins_code    ? 
_struct_ref_seq.pdbx_auth_seq_align_beg       1 
_struct_ref_seq.pdbx_auth_seq_align_end       129 
# 
loop_
_chem_comp.id 
_chem_comp.type 
_chem_comp.mon_nstd_flag 
_chem_comp.name 
_chem_comp.pdbx_synonyms 
_chem_comp.formula 
_chem_comp.formula_weight 
8DG non-polymer         . "8-OXO-2'-DEOXYGUANOSINE-5'-TRIPHOSPHATE" ? 'C10 H16 N5 O14 P3' 523.180 
ALA 'L-peptide linking' y ALANINE                                   ? 'C3 H7 N O2'        89.093  
ARG 'L-peptide linking' y ARGININE                                  ? 'C6 H15 N4 O2 1'    175.209 
ASN 'L-peptide linking' y ASPARAGINE                                ? 'C4 H8 N2 O3'       132.118 
ASP 'L-peptide linking' y 'ASPARTIC ACID'                           ? 'C4 H7 N O4'        133.103 
GLN 'L-peptide linking' y GLUTAMINE                                 ? 'C5 H10 N2 O3'      146.144 
GLU 'L-peptide linking' y 'GLUTAMIC ACID'                           ? 'C5 H9 N O4'        147.129 
GLY 'peptide linking'   y GLYCINE                                   ? 'C2 H5 N O2'        75.067  
HIS 'L-peptide linking' y HISTIDINE                                 ? 'C6 H10 N3 O2 1'    156.162 
HOH non-polymer         . WATER                                     ? 'H2 O'              18.015  
ILE 'L-peptide linking' y ISOLEUCINE                                ? 'C6 H13 N O2'       131.173 
LEU 'L-peptide linking' y LEUCINE                                   ? 'C6 H13 N O2'       131.173 
LYS 'L-peptide linking' y LYSINE                                    ? 'C6 H15 N2 O2 1'    147.195 
MET 'L-peptide linking' y METHIONINE                                ? 'C5 H11 N O2 S'     149.211 
NA  non-polymer         . 'SODIUM ION'                              ? 'Na 1'              22.990  
PHE 'L-peptide linking' y PHENYLALANINE                             ? 'C9 H11 N O2'       165.189 
PRO 'L-peptide linking' y PROLINE                                   ? 'C5 H9 N O2'        115.130 
SER 'L-peptide linking' y SERINE                                    ? 'C3 H7 N O3'        105.093 
SO4 non-polymer         . 'SULFATE ION'                             ? 'O4 S -2'           96.063  
THR 'L-peptide linking' y THREONINE                                 ? 'C4 H9 N O3'        119.119 
TRP 'L-peptide linking' y TRYPTOPHAN                                ? 'C11 H12 N2 O2'     204.225 
TYR 'L-peptide linking' y TYROSINE                                  ? 'C9 H11 N O3'       181.189 
VAL 'L-peptide linking' y VALINE                                    ? 'C5 H11 N O2'       117.146 
# 
_exptl.absorpt_coefficient_mu     ? 
_exptl.absorpt_correction_T_max   ? 
_exptl.absorpt_correction_T_min   ? 
_exptl.absorpt_correction_type    ? 
_exptl.absorpt_process_details    ? 
_exptl.entry_id                   7WW5 
_exptl.crystals_number            1 
_exptl.details                    ? 
_exptl.method                     'X-RAY DIFFRACTION' 
_exptl.method_details             ? 
# 
_exptl_crystal.colour                      ? 
_exptl_crystal.density_diffrn              ? 
_exptl_crystal.density_Matthews            2.10 
_exptl_crystal.density_method              ? 
_exptl_crystal.density_percent_sol         41.52 
_exptl_crystal.description                 ? 
_exptl_crystal.F_000                       ? 
_exptl_crystal.id                          1 
_exptl_crystal.preparation                 ? 
_exptl_crystal.size_max                    ? 
_exptl_crystal.size_mid                    ? 
_exptl_crystal.size_min                    ? 
_exptl_crystal.size_rad                    ? 
_exptl_crystal.colour_lustre               ? 
_exptl_crystal.colour_modifier             ? 
_exptl_crystal.colour_primary              ? 
_exptl_crystal.density_meas                ? 
_exptl_crystal.density_meas_esd            ? 
_exptl_crystal.density_meas_gt             ? 
_exptl_crystal.density_meas_lt             ? 
_exptl_crystal.density_meas_temp           ? 
_exptl_crystal.density_meas_temp_esd       ? 
_exptl_crystal.density_meas_temp_gt        ? 
_exptl_crystal.density_meas_temp_lt        ? 
_exptl_crystal.pdbx_crystal_image_url      ? 
_exptl_crystal.pdbx_crystal_image_format   ? 
_exptl_crystal.pdbx_mosaicity              ? 
_exptl_crystal.pdbx_mosaicity_esd          ? 
# 
_exptl_crystal_grow.apparatus       ? 
_exptl_crystal_grow.atmosphere      ? 
_exptl_crystal_grow.crystal_id      1 
_exptl_crystal_grow.details         ? 
_exptl_crystal_grow.method          'VAPOR DIFFUSION, HANGING DROP' 
_exptl_crystal_grow.method_ref      ? 
_exptl_crystal_grow.pH              ? 
_exptl_crystal_grow.pressure        ? 
_exptl_crystal_grow.pressure_esd    ? 
_exptl_crystal_grow.seeding         ? 
_exptl_crystal_grow.seeding_ref     ? 
_exptl_crystal_grow.temp            288 
_exptl_crystal_grow.temp_details    ? 
_exptl_crystal_grow.temp_esd        ? 
_exptl_crystal_grow.time            ? 
_exptl_crystal_grow.pdbx_details    'potassium sodium tartrate, sodium citrate, ammonium sulfate' 
_exptl_crystal_grow.pdbx_pH_range   ? 
# 
_diffrn.ambient_environment              ? 
_diffrn.ambient_temp                     100 
_diffrn.ambient_temp_details             ? 
_diffrn.ambient_temp_esd                 ? 
_diffrn.crystal_id                       1 
_diffrn.crystal_support                  ? 
_diffrn.crystal_treatment                ? 
_diffrn.details                          ? 
_diffrn.id                               1 
_diffrn.ambient_pressure                 ? 
_diffrn.ambient_pressure_esd             ? 
_diffrn.ambient_pressure_gt              ? 
_diffrn.ambient_pressure_lt              ? 
_diffrn.ambient_temp_gt                  ? 
_diffrn.ambient_temp_lt                  ? 
_diffrn.pdbx_serial_crystal_experiment   N 
# 
_diffrn_detector.details                      ? 
_diffrn_detector.detector                     PIXEL 
_diffrn_detector.diffrn_id                    1 
_diffrn_detector.type                         'DECTRIS PILATUS 2M-F' 
_diffrn_detector.area_resol_mean              ? 
_diffrn_detector.dtime                        ? 
_diffrn_detector.pdbx_frames_total            ? 
_diffrn_detector.pdbx_collection_time_total   ? 
_diffrn_detector.pdbx_collection_date         2019-11-04 
_diffrn_detector.pdbx_frequency               ? 
# 
_diffrn_radiation.collimation                      ? 
_diffrn_radiation.diffrn_id                        1 
_diffrn_radiation.filter_edge                      ? 
_diffrn_radiation.inhomogeneity                    ? 
_diffrn_radiation.monochromator                    ? 
_diffrn_radiation.polarisn_norm                    ? 
_diffrn_radiation.polarisn_ratio                   ? 
_diffrn_radiation.probe                            ? 
_diffrn_radiation.type                             ? 
_diffrn_radiation.xray_symbol                      ? 
_diffrn_radiation.wavelength_id                    1 
_diffrn_radiation.pdbx_monochromatic_or_laue_m_l   M 
_diffrn_radiation.pdbx_wavelength_list             ? 
_diffrn_radiation.pdbx_wavelength                  ? 
_diffrn_radiation.pdbx_diffrn_protocol             'SINGLE WAVELENGTH' 
_diffrn_radiation.pdbx_analyzer                    ? 
_diffrn_radiation.pdbx_scattering_type             x-ray 
# 
_diffrn_radiation_wavelength.id           1 
_diffrn_radiation_wavelength.wavelength   1 
_diffrn_radiation_wavelength.wt           1.0 
# 
_diffrn_source.current                     ? 
_diffrn_source.details                     ? 
_diffrn_source.diffrn_id                   1 
_diffrn_source.power                       ? 
_diffrn_source.size                        ? 
_diffrn_source.source                      SYNCHROTRON 
_diffrn_source.target                      ? 
_diffrn_source.type                        'PHOTON FACTORY BEAMLINE AR-NE3A' 
_diffrn_source.voltage                     ? 
_diffrn_source.take-off_angle              ? 
_diffrn_source.pdbx_wavelength_list        1 
_diffrn_source.pdbx_wavelength             ? 
_diffrn_source.pdbx_synchrotron_beamline   AR-NE3A 
_diffrn_source.pdbx_synchrotron_site       'Photon Factory' 
# 
_reflns.B_iso_Wilson_estimate                          14.81 
_reflns.entry_id                                       7WW5 
_reflns.data_reduction_details                         ? 
_reflns.data_reduction_method                          ? 
_reflns.d_resolution_high                              1.57 
_reflns.d_resolution_low                               29.71 
_reflns.details                                        ? 
_reflns.limit_h_max                                    ? 
_reflns.limit_h_min                                    ? 
_reflns.limit_k_max                                    ? 
_reflns.limit_k_min                                    ? 
_reflns.limit_l_max                                    ? 
_reflns.limit_l_min                                    ? 
_reflns.number_all                                     ? 
_reflns.number_obs                                     18198 
_reflns.observed_criterion                             ? 
_reflns.observed_criterion_F_max                       ? 
_reflns.observed_criterion_F_min                       ? 
_reflns.observed_criterion_I_max                       ? 
_reflns.observed_criterion_I_min                       ? 
_reflns.observed_criterion_sigma_F                     ? 
_reflns.observed_criterion_sigma_I                     ? 
_reflns.percent_possible_obs                           100 
_reflns.R_free_details                                 ? 
_reflns.Rmerge_F_all                                   ? 
_reflns.Rmerge_F_obs                                   ? 
_reflns.Friedel_coverage                               ? 
_reflns.number_gt                                      ? 
_reflns.threshold_expression                           ? 
_reflns.pdbx_redundancy                                6.4 
_reflns.pdbx_Rmerge_I_obs                              0.09 
_reflns.pdbx_Rmerge_I_all                              ? 
_reflns.pdbx_Rsym_value                                ? 
_reflns.pdbx_netI_over_av_sigmaI                       ? 
_reflns.pdbx_netI_over_sigmaI                          14.4 
_reflns.pdbx_res_netI_over_av_sigmaI_2                 ? 
_reflns.pdbx_res_netI_over_sigmaI_2                    ? 
_reflns.pdbx_chi_squared                               ? 
_reflns.pdbx_scaling_rejects                           ? 
_reflns.pdbx_d_res_high_opt                            ? 
_reflns.pdbx_d_res_low_opt                             ? 
_reflns.pdbx_d_res_opt_method                          ? 
_reflns.phase_calculation_details                      ? 
_reflns.pdbx_Rrim_I_all                                ? 
_reflns.pdbx_Rpim_I_all                                ? 
_reflns.pdbx_d_opt                                     ? 
_reflns.pdbx_number_measured_all                       ? 
_reflns.pdbx_diffrn_id                                 1 
_reflns.pdbx_ordinal                                   1 
_reflns.pdbx_CC_half                                   ? 
_reflns.pdbx_CC_star                                   ? 
_reflns.pdbx_R_split                                   ? 
_reflns.pdbx_aniso_diffraction_limit_axis_1_ortho[1]   ? 
_reflns.pdbx_aniso_diffraction_limit_axis_1_ortho[2]   ? 
_reflns.pdbx_aniso_diffraction_limit_axis_1_ortho[3]   ? 
_reflns.pdbx_aniso_diffraction_limit_axis_2_ortho[1]   ? 
_reflns.pdbx_aniso_diffraction_limit_axis_2_ortho[2]   ? 
_reflns.pdbx_aniso_diffraction_limit_axis_2_ortho[3]   ? 
_reflns.pdbx_aniso_diffraction_limit_axis_3_ortho[1]   ? 
_reflns.pdbx_aniso_diffraction_limit_axis_3_ortho[2]   ? 
_reflns.pdbx_aniso_diffraction_limit_axis_3_ortho[3]   ? 
_reflns.pdbx_aniso_diffraction_limit_1                 ? 
_reflns.pdbx_aniso_diffraction_limit_2                 ? 
_reflns.pdbx_aniso_diffraction_limit_3                 ? 
_reflns.pdbx_aniso_B_tensor_eigenvector_1_ortho[1]     ? 
_reflns.pdbx_aniso_B_tensor_eigenvector_1_ortho[2]     ? 
_reflns.pdbx_aniso_B_tensor_eigenvector_1_ortho[3]     ? 
_reflns.pdbx_aniso_B_tensor_eigenvector_2_ortho[1]     ? 
_reflns.pdbx_aniso_B_tensor_eigenvector_2_ortho[2]     ? 
_reflns.pdbx_aniso_B_tensor_eigenvector_2_ortho[3]     ? 
_reflns.pdbx_aniso_B_tensor_eigenvector_3_ortho[1]     ? 
_reflns.pdbx_aniso_B_tensor_eigenvector_3_ortho[2]     ? 
_reflns.pdbx_aniso_B_tensor_eigenvector_3_ortho[3]     ? 
_reflns.pdbx_aniso_B_tensor_eigenvalue_1               ? 
_reflns.pdbx_aniso_B_tensor_eigenvalue_2               ? 
_reflns.pdbx_aniso_B_tensor_eigenvalue_3               ? 
_reflns.pdbx_orthogonalization_convention              ? 
_reflns.pdbx_percent_possible_ellipsoidal              ? 
_reflns.pdbx_percent_possible_spherical                ? 
_reflns.pdbx_percent_possible_ellipsoidal_anomalous    ? 
_reflns.pdbx_percent_possible_spherical_anomalous      ? 
_reflns.pdbx_redundancy_anomalous                      ? 
_reflns.pdbx_CC_half_anomalous                         ? 
_reflns.pdbx_absDiff_over_sigma_anomalous              ? 
_reflns.pdbx_percent_possible_anomalous                ? 
_reflns.pdbx_observed_signal_threshold                 ? 
_reflns.pdbx_signal_type                               ? 
_reflns.pdbx_signal_details                            ? 
_reflns.pdbx_signal_software_id                        ? 
# 
_reflns_shell.d_res_high                                    1.57 
_reflns_shell.d_res_low                                     1.61 
_reflns_shell.meanI_over_sigI_all                           ? 
_reflns_shell.meanI_over_sigI_obs                           ? 
_reflns_shell.number_measured_all                           ? 
_reflns_shell.number_measured_obs                           ? 
_reflns_shell.number_possible                               ? 
_reflns_shell.number_unique_all                             ? 
_reflns_shell.number_unique_obs                             1312 
_reflns_shell.percent_possible_all                          ? 
_reflns_shell.percent_possible_obs                          ? 
_reflns_shell.Rmerge_F_all                                  ? 
_reflns_shell.Rmerge_F_obs                                  ? 
_reflns_shell.Rmerge_I_all                                  ? 
_reflns_shell.Rmerge_I_obs                                  0.947 
_reflns_shell.meanI_over_sigI_gt                            ? 
_reflns_shell.meanI_over_uI_all                             ? 
_reflns_shell.meanI_over_uI_gt                              ? 
_reflns_shell.number_measured_gt                            ? 
_reflns_shell.number_unique_gt                              ? 
_reflns_shell.percent_possible_gt                           ? 
_reflns_shell.Rmerge_F_gt                                   ? 
_reflns_shell.Rmerge_I_gt                                   ? 
_reflns_shell.pdbx_redundancy                               ? 
_reflns_shell.pdbx_Rsym_value                               ? 
_reflns_shell.pdbx_chi_squared                              ? 
_reflns_shell.pdbx_netI_over_sigmaI_all                     ? 
_reflns_shell.pdbx_netI_over_sigmaI_obs                     ? 
_reflns_shell.pdbx_Rrim_I_all                               ? 
_reflns_shell.pdbx_Rpim_I_all                               ? 
_reflns_shell.pdbx_rejects                                  ? 
_reflns_shell.pdbx_ordinal                                  1 
_reflns_shell.pdbx_diffrn_id                                1 
_reflns_shell.pdbx_CC_half                                  ? 
_reflns_shell.pdbx_CC_star                                  ? 
_reflns_shell.pdbx_R_split                                  ? 
_reflns_shell.pdbx_percent_possible_ellipsoidal             ? 
_reflns_shell.pdbx_percent_possible_spherical               ? 
_reflns_shell.pdbx_percent_possible_ellipsoidal_anomalous   ? 
_reflns_shell.pdbx_percent_possible_spherical_anomalous     ? 
_reflns_shell.pdbx_redundancy_anomalous                     ? 
_reflns_shell.pdbx_CC_half_anomalous                        ? 
_reflns_shell.pdbx_absDiff_over_sigma_anomalous             ? 
_reflns_shell.pdbx_percent_possible_anomalous               ? 
# 
_refine.aniso_B[1][1]                            ? 
_refine.aniso_B[1][2]                            ? 
_refine.aniso_B[1][3]                            ? 
_refine.aniso_B[2][2]                            ? 
_refine.aniso_B[2][3]                            ? 
_refine.aniso_B[3][3]                            ? 
_refine.B_iso_max                                ? 
_refine.B_iso_mean                               20.91 
_refine.B_iso_min                                ? 
_refine.correlation_coeff_Fo_to_Fc               ? 
_refine.correlation_coeff_Fo_to_Fc_free          ? 
_refine.details                                  ? 
_refine.diff_density_max                         ? 
_refine.diff_density_max_esd                     ? 
_refine.diff_density_min                         ? 
_refine.diff_density_min_esd                     ? 
_refine.diff_density_rms                         ? 
_refine.diff_density_rms_esd                     ? 
_refine.entry_id                                 7WW5 
_refine.pdbx_refine_id                           'X-RAY DIFFRACTION' 
_refine.ls_abs_structure_details                 ? 
_refine.ls_abs_structure_Flack                   ? 
_refine.ls_abs_structure_Flack_esd               ? 
_refine.ls_abs_structure_Rogers                  ? 
_refine.ls_abs_structure_Rogers_esd              ? 
_refine.ls_d_res_high                            1.57 
_refine.ls_d_res_low                             29.71 
_refine.ls_extinction_coef                       ? 
_refine.ls_extinction_coef_esd                   ? 
_refine.ls_extinction_expression                 ? 
_refine.ls_extinction_method                     ? 
_refine.ls_goodness_of_fit_all                   ? 
_refine.ls_goodness_of_fit_all_esd               ? 
_refine.ls_goodness_of_fit_obs                   ? 
_refine.ls_goodness_of_fit_obs_esd               ? 
_refine.ls_hydrogen_treatment                    ? 
_refine.ls_matrix_type                           ? 
_refine.ls_number_constraints                    ? 
_refine.ls_number_parameters                     ? 
_refine.ls_number_reflns_all                     ? 
_refine.ls_number_reflns_obs                     18186 
_refine.ls_number_reflns_R_free                  910 
_refine.ls_number_reflns_R_work                  17276 
_refine.ls_number_restraints                     ? 
_refine.ls_percent_reflns_obs                    99.90 
_refine.ls_percent_reflns_R_free                 5.00 
_refine.ls_R_factor_all                          ? 
_refine.ls_R_factor_obs                          0.1872 
_refine.ls_R_factor_R_free                       0.2066 
_refine.ls_R_factor_R_free_error                 ? 
_refine.ls_R_factor_R_free_error_details         ? 
_refine.ls_R_factor_R_work                       0.1862 
_refine.ls_R_Fsqd_factor_obs                     ? 
_refine.ls_R_I_factor_obs                        ? 
_refine.ls_redundancy_reflns_all                 ? 
_refine.ls_redundancy_reflns_obs                 ? 
_refine.ls_restrained_S_all                      ? 
_refine.ls_restrained_S_obs                      ? 
_refine.ls_shift_over_esd_max                    ? 
_refine.ls_shift_over_esd_mean                   ? 
_refine.ls_structure_factor_coef                 ? 
_refine.ls_weighting_details                     ? 
_refine.ls_weighting_scheme                      ? 
_refine.ls_wR_factor_all                         ? 
_refine.ls_wR_factor_obs                         ? 
_refine.ls_wR_factor_R_free                      ? 
_refine.ls_wR_factor_R_work                      ? 
_refine.occupancy_max                            ? 
_refine.occupancy_min                            ? 
_refine.solvent_model_details                    'FLAT BULK SOLVENT MODEL' 
_refine.solvent_model_param_bsol                 ? 
_refine.solvent_model_param_ksol                 ? 
_refine.pdbx_R_complete                          ? 
_refine.ls_R_factor_gt                           ? 
_refine.ls_goodness_of_fit_gt                    ? 
_refine.ls_goodness_of_fit_ref                   ? 
_refine.ls_shift_over_su_max                     ? 
_refine.ls_shift_over_su_max_lt                  ? 
_refine.ls_shift_over_su_mean                    ? 
_refine.ls_shift_over_su_mean_lt                 ? 
_refine.pdbx_ls_sigma_I                          ? 
_refine.pdbx_ls_sigma_F                          1.35 
_refine.pdbx_ls_sigma_Fsqd                       ? 
_refine.pdbx_data_cutoff_high_absF               ? 
_refine.pdbx_data_cutoff_high_rms_absF           ? 
_refine.pdbx_data_cutoff_low_absF                ? 
_refine.pdbx_isotropic_thermal_model             ? 
_refine.pdbx_ls_cross_valid_method               'FREE R-VALUE' 
_refine.pdbx_method_to_determine_struct          'FOURIER SYNTHESIS' 
_refine.pdbx_starting_model                      3A6T 
_refine.pdbx_stereochemistry_target_values       'GeoStd + Monomer Library' 
_refine.pdbx_R_Free_selection_details            ? 
_refine.pdbx_stereochem_target_val_spec_case     ? 
_refine.pdbx_overall_ESU_R                       ? 
_refine.pdbx_overall_ESU_R_Free                  ? 
_refine.pdbx_solvent_vdw_probe_radii             1.1100 
_refine.pdbx_solvent_ion_probe_radii             ? 
_refine.pdbx_solvent_shrinkage_radii             0.9000 
_refine.pdbx_real_space_R                        ? 
_refine.pdbx_density_correlation                 ? 
_refine.pdbx_pd_number_of_powder_patterns        ? 
_refine.pdbx_pd_number_of_points                 ? 
_refine.pdbx_pd_meas_number_of_points            ? 
_refine.pdbx_pd_proc_ls_prof_R_factor            ? 
_refine.pdbx_pd_proc_ls_prof_wR_factor           ? 
_refine.pdbx_pd_Marquardt_correlation_coeff      ? 
_refine.pdbx_pd_Fsqrd_R_factor                   ? 
_refine.pdbx_pd_ls_matrix_band_width             ? 
_refine.pdbx_overall_phase_error                 22.1315 
_refine.pdbx_overall_SU_R_free_Cruickshank_DPI   ? 
_refine.pdbx_overall_SU_R_free_Blow_DPI          ? 
_refine.pdbx_overall_SU_R_Blow_DPI               ? 
_refine.pdbx_TLS_residual_ADP_flag               ? 
_refine.pdbx_diffrn_id                           1 
_refine.overall_SU_B                             ? 
_refine.overall_SU_ML                            0.1306 
_refine.overall_SU_R_Cruickshank_DPI             ? 
_refine.overall_SU_R_free                        ? 
_refine.overall_FOM_free_R_set                   ? 
_refine.overall_FOM_work_R_set                   ? 
_refine.pdbx_average_fsc_overall                 ? 
_refine.pdbx_average_fsc_work                    ? 
_refine.pdbx_average_fsc_free                    ? 
# 
_refine_hist.pdbx_refine_id                   'X-RAY DIFFRACTION' 
_refine_hist.cycle_id                         LAST 
_refine_hist.details                          ? 
_refine_hist.d_res_high                       1.57 
_refine_hist.d_res_low                        29.71 
_refine_hist.number_atoms_solvent             134 
_refine_hist.number_atoms_total               1228 
_refine_hist.number_reflns_all                ? 
_refine_hist.number_reflns_obs                ? 
_refine_hist.number_reflns_R_free             ? 
_refine_hist.number_reflns_R_work             ? 
_refine_hist.R_factor_all                     ? 
_refine_hist.R_factor_obs                     ? 
_refine_hist.R_factor_R_free                  ? 
_refine_hist.R_factor_R_work                  ? 
_refine_hist.pdbx_number_residues_total       ? 
_refine_hist.pdbx_B_iso_mean_ligand           ? 
_refine_hist.pdbx_B_iso_mean_solvent          ? 
_refine_hist.pdbx_number_atoms_protein        1055 
_refine_hist.pdbx_number_atoms_nucleic_acid   0 
_refine_hist.pdbx_number_atoms_ligand         39 
_refine_hist.pdbx_number_atoms_lipid          ? 
_refine_hist.pdbx_number_atoms_carb           ? 
_refine_hist.pdbx_pseudo_atom_details         ? 
# 
loop_
_refine_ls_restr.pdbx_refine_id 
_refine_ls_restr.criterion 
_refine_ls_restr.dev_ideal 
_refine_ls_restr.dev_ideal_target 
_refine_ls_restr.number 
_refine_ls_restr.rejects 
_refine_ls_restr.type 
_refine_ls_restr.weight 
_refine_ls_restr.pdbx_restraint_function 
'X-RAY DIFFRACTION' ? 0.0058  ? 1176 ? f_bond_d           ? ? 
'X-RAY DIFFRACTION' ? 1.2160  ? 1609 ? f_angle_d          ? ? 
'X-RAY DIFFRACTION' ? 0.0594  ? 158  ? f_chiral_restr     ? ? 
'X-RAY DIFFRACTION' ? 0.0060  ? 204  ? f_plane_restr      ? ? 
'X-RAY DIFFRACTION' ? 18.9642 ? 445  ? f_dihedral_angle_d ? ? 
# 
loop_
_refine_ls_shell.pdbx_refine_id 
_refine_ls_shell.d_res_high 
_refine_ls_shell.d_res_low 
_refine_ls_shell.number_reflns_all 
_refine_ls_shell.number_reflns_obs 
_refine_ls_shell.number_reflns_R_free 
_refine_ls_shell.number_reflns_R_work 
_refine_ls_shell.percent_reflns_obs 
_refine_ls_shell.percent_reflns_R_free 
_refine_ls_shell.R_factor_all 
_refine_ls_shell.R_factor_obs 
_refine_ls_shell.R_factor_R_free 
_refine_ls_shell.R_factor_R_free_error 
_refine_ls_shell.R_factor_R_work 
_refine_ls_shell.redundancy_reflns_all 
_refine_ls_shell.redundancy_reflns_obs 
_refine_ls_shell.wR_factor_all 
_refine_ls_shell.wR_factor_obs 
_refine_ls_shell.wR_factor_R_free 
_refine_ls_shell.wR_factor_R_work 
_refine_ls_shell.pdbx_R_complete 
_refine_ls_shell.pdbx_total_number_of_bins_used 
_refine_ls_shell.pdbx_phase_error 
_refine_ls_shell.pdbx_fsc_work 
_refine_ls_shell.pdbx_fsc_free 
'X-RAY DIFFRACTION' 1.57 1.67  . . 148 2815 99.83  . . . 0.2839 . 0.2678 . . . . . . . . . . . 
'X-RAY DIFFRACTION' 1.67 1.80  . . 149 2834 99.87  . . . 0.2238 . 0.2284 . . . . . . . . . . . 
'X-RAY DIFFRACTION' 1.80 1.98  . . 150 2833 99.83  . . . 0.2171 . 0.2003 . . . . . . . . . . . 
'X-RAY DIFFRACTION' 1.98 2.26  . . 151 2872 100.00 . . . 0.2335 . 0.1836 . . . . . . . . . . . 
'X-RAY DIFFRACTION' 2.26 2.85  . . 152 2892 99.93  . . . 0.2093 . 0.1902 . . . . . . . . . . . 
'X-RAY DIFFRACTION' 2.85 29.71 . . 160 3030 99.91  . . . 0.1748 . 0.1614 . . . . . . . . . . . 
# 
_struct.entry_id                     7WW5 
_struct.title                        'Crystal structure of MutT-8-oxo-dGTP complex' 
_struct.pdbx_model_details           ? 
_struct.pdbx_formula_weight          ? 
_struct.pdbx_formula_weight_method   ? 
_struct.pdbx_model_type_details      ? 
_struct.pdbx_CASP_flag               N 
# 
_struct_keywords.entry_id        7WW5 
_struct_keywords.text            'Nudix hydrolase, HYDROLASE' 
_struct_keywords.pdbx_keywords   HYDROLASE 
# 
loop_
_struct_asym.id 
_struct_asym.pdbx_blank_PDB_chainid_flag 
_struct_asym.pdbx_modified 
_struct_asym.entity_id 
_struct_asym.details 
A N N 1 ? 
B N N 2 ? 
C N N 3 ? 
D N N 3 ? 
E N N 4 ? 
F N N 5 ? 
# 
loop_
_struct_conf.conf_type_id 
_struct_conf.id 
_struct_conf.pdbx_PDB_helix_id 
_struct_conf.beg_label_comp_id 
_struct_conf.beg_label_asym_id 
_struct_conf.beg_label_seq_id 
_struct_conf.pdbx_beg_PDB_ins_code 
_struct_conf.end_label_comp_id 
_struct_conf.end_label_asym_id 
_struct_conf.end_label_seq_id 
_struct_conf.pdbx_end_PDB_ins_code 
_struct_conf.beg_auth_comp_id 
_struct_conf.beg_auth_asym_id 
_struct_conf.beg_auth_seq_id 
_struct_conf.end_auth_comp_id 
_struct_conf.end_auth_asym_id 
_struct_conf.end_auth_seq_id 
_struct_conf.pdbx_PDB_helix_class 
_struct_conf.details 
_struct_conf.pdbx_PDB_helix_length 
HELX_P HELX_P1 AA1 THR A 45  ? GLY A 59  ? THR A 45  GLY A 59  1 ? 15 
HELX_P HELX_P2 AA2 ASN A 111 ? PHE A 115 ? ASN A 111 PHE A 115 5 ? 5  
HELX_P HELX_P3 AA3 PRO A 116 ? ALA A 118 ? PRO A 116 ALA A 118 5 ? 3  
HELX_P HELX_P4 AA4 ASN A 119 ? LYS A 127 ? ASN A 119 LYS A 127 1 ? 9  
# 
_struct_conf_type.id          HELX_P 
_struct_conf_type.criteria    ? 
_struct_conf_type.reference   ? 
# 
loop_
_struct_conn.id 
_struct_conn.conn_type_id 
_struct_conn.pdbx_leaving_atom_flag 
_struct_conn.pdbx_PDB_id 
_struct_conn.ptnr1_label_asym_id 
_struct_conn.ptnr1_label_comp_id 
_struct_conn.ptnr1_label_seq_id 
_struct_conn.ptnr1_label_atom_id 
_struct_conn.pdbx_ptnr1_label_alt_id 
_struct_conn.pdbx_ptnr1_PDB_ins_code 
_struct_conn.pdbx_ptnr1_standard_comp_id 
_struct_conn.ptnr1_symmetry 
_struct_conn.ptnr2_label_asym_id 
_struct_conn.ptnr2_label_comp_id 
_struct_conn.ptnr2_label_seq_id 
_struct_conn.ptnr2_label_atom_id 
_struct_conn.pdbx_ptnr2_label_alt_id 
_struct_conn.pdbx_ptnr2_PDB_ins_code 
_struct_conn.ptnr1_auth_asym_id 
_struct_conn.ptnr1_auth_comp_id 
_struct_conn.ptnr1_auth_seq_id 
_struct_conn.ptnr2_auth_asym_id 
_struct_conn.ptnr2_auth_comp_id 
_struct_conn.ptnr2_auth_seq_id 
_struct_conn.ptnr2_symmetry 
_struct_conn.pdbx_ptnr3_label_atom_id 
_struct_conn.pdbx_ptnr3_label_seq_id 
_struct_conn.pdbx_ptnr3_label_comp_id 
_struct_conn.pdbx_ptnr3_label_asym_id 
_struct_conn.pdbx_ptnr3_label_alt_id 
_struct_conn.pdbx_ptnr3_PDB_ins_code 
_struct_conn.details 
_struct_conn.pdbx_dist_value 
_struct_conn.pdbx_value_order 
_struct_conn.pdbx_role 
metalc1  metalc ? ? A GLY 37 O   ? ? ? 1_555 C NA  . NA ? ? A GLY 37  A NA  202 1_555 ? ? ? ? ? ? ? 2.298 ? ? 
metalc2  metalc ? ? A GLU 53 OE2 ? ? ? 1_555 D NA  . NA ? ? A GLU 53  A NA  203 1_555 ? ? ? ? ? ? ? 2.695 ? ? 
metalc3  metalc ? ? A GLU 57 OE2 ? ? ? 1_555 C NA  . NA ? ? A GLU 57  A NA  202 1_555 ? ? ? ? ? ? ? 2.447 ? ? 
metalc4  metalc ? ? B 8DG .  O2B A ? ? 1_555 C NA  . NA ? ? A 8DG 201 A NA  202 1_555 ? ? ? ? ? ? ? 2.428 ? ? 
metalc5  metalc ? ? B 8DG .  O2B B ? ? 1_555 C NA  . NA ? ? A 8DG 201 A NA  202 1_555 ? ? ? ? ? ? ? 2.427 ? ? 
metalc6  metalc ? ? B 8DG .  O1A A ? ? 1_555 C NA  . NA ? ? A 8DG 201 A NA  202 1_555 ? ? ? ? ? ? ? 2.357 ? ? 
metalc7  metalc ? ? B 8DG .  O2G A ? ? 1_555 D NA  . NA ? ? A 8DG 201 A NA  203 1_555 ? ? ? ? ? ? ? 2.414 ? ? 
metalc8  metalc ? ? B 8DG .  O2G B ? ? 1_555 D NA  . NA ? ? A 8DG 201 A NA  203 1_555 ? ? ? ? ? ? ? 2.615 ? ? 
metalc9  metalc ? ? B 8DG .  O1B A ? ? 1_555 D NA  . NA ? ? A 8DG 201 A NA  203 1_555 ? ? ? ? ? ? ? 2.342 ? ? 
metalc10 metalc ? ? B 8DG .  O1B B ? ? 1_555 D NA  . NA ? ? A 8DG 201 A NA  203 1_555 ? ? ? ? ? ? ? 2.376 ? ? 
metalc11 metalc ? ? C NA  .  NA  ? ? ? 1_555 F HOH . O  ? ? A NA  202 A HOH 346 1_555 ? ? ? ? ? ? ? 2.486 ? ? 
metalc12 metalc ? ? C NA  .  NA  ? ? ? 1_555 F HOH . O  ? ? A NA  202 A HOH 392 1_555 ? ? ? ? ? ? ? 2.384 ? ? 
metalc13 metalc ? ? D NA  .  NA  ? ? ? 1_555 F HOH . O  ? ? A NA  203 A HOH 322 1_555 ? ? ? ? ? ? ? 2.777 ? ? 
metalc14 metalc ? ? D NA  .  NA  ? ? ? 1_555 F HOH . O  ? ? A NA  203 A HOH 335 1_555 ? ? ? ? ? ? ? 2.424 ? ? 
metalc15 metalc ? ? D NA  .  NA  ? ? ? 1_555 F HOH . O  ? ? A NA  203 A HOH 342 1_555 ? ? ? ? ? ? ? 2.456 ? ? 
# 
_struct_conn_type.id          metalc 
_struct_conn_type.criteria    ? 
_struct_conn_type.reference   ? 
# 
loop_
_struct_sheet.id 
_struct_sheet.type 
_struct_sheet.number_strands 
_struct_sheet.details 
AA1 ? 4 ? 
AA2 ? 3 ? 
AA3 ? 2 ? 
# 
loop_
_struct_sheet_order.sheet_id 
_struct_sheet_order.range_id_1 
_struct_sheet_order.range_id_2 
_struct_sheet_order.offset 
_struct_sheet_order.sense 
AA1 1 2 ? anti-parallel 
AA1 2 3 ? parallel      
AA1 3 4 ? anti-parallel 
AA2 1 2 ? anti-parallel 
AA2 2 3 ? anti-parallel 
AA3 1 2 ? anti-parallel 
# 
loop_
_struct_sheet_range.sheet_id 
_struct_sheet_range.id 
_struct_sheet_range.beg_label_comp_id 
_struct_sheet_range.beg_label_asym_id 
_struct_sheet_range.beg_label_seq_id 
_struct_sheet_range.pdbx_beg_PDB_ins_code 
_struct_sheet_range.end_label_comp_id 
_struct_sheet_range.end_label_asym_id 
_struct_sheet_range.end_label_seq_id 
_struct_sheet_range.pdbx_end_PDB_ins_code 
_struct_sheet_range.beg_auth_comp_id 
_struct_sheet_range.beg_auth_asym_id 
_struct_sheet_range.beg_auth_seq_id 
_struct_sheet_range.end_auth_comp_id 
_struct_sheet_range.end_auth_asym_id 
_struct_sheet_range.end_auth_seq_id 
AA1 1 GLY A 37  ? LYS A 39  ? GLY A 37  LYS A 39  
AA1 2 LYS A 2   ? ILE A 11  ? LYS A 2   ILE A 11  
AA1 3 ARG A 78  ? VAL A 87  ? ARG A 78  VAL A 87  
AA1 4 SER A 66  ? GLU A 74  ? SER A 66  GLU A 74  
AA2 1 LEU A 33  ? GLU A 34  ? LEU A 33  GLU A 34  
AA2 2 GLU A 17  ? ARG A 22  ? GLU A 17  ARG A 22  
AA2 3 GLY A 102 ? SER A 106 ? GLY A 102 SER A 106 
AA3 1 THR A 61  ? GLN A 63  ? THR A 61  GLN A 63  
AA3 2 ARG A 89  ? GLU A 91  ? ARG A 89  GLU A 91  
# 
loop_
_pdbx_struct_sheet_hbond.sheet_id 
_pdbx_struct_sheet_hbond.range_id_1 
_pdbx_struct_sheet_hbond.range_id_2 
_pdbx_struct_sheet_hbond.range_1_label_atom_id 
_pdbx_struct_sheet_hbond.range_1_label_comp_id 
_pdbx_struct_sheet_hbond.range_1_label_asym_id 
_pdbx_struct_sheet_hbond.range_1_label_seq_id 
_pdbx_struct_sheet_hbond.range_1_PDB_ins_code 
_pdbx_struct_sheet_hbond.range_1_auth_atom_id 
_pdbx_struct_sheet_hbond.range_1_auth_comp_id 
_pdbx_struct_sheet_hbond.range_1_auth_asym_id 
_pdbx_struct_sheet_hbond.range_1_auth_seq_id 
_pdbx_struct_sheet_hbond.range_2_label_atom_id 
_pdbx_struct_sheet_hbond.range_2_label_comp_id 
_pdbx_struct_sheet_hbond.range_2_label_asym_id 
_pdbx_struct_sheet_hbond.range_2_label_seq_id 
_pdbx_struct_sheet_hbond.range_2_PDB_ins_code 
_pdbx_struct_sheet_hbond.range_2_auth_atom_id 
_pdbx_struct_sheet_hbond.range_2_auth_comp_id 
_pdbx_struct_sheet_hbond.range_2_auth_asym_id 
_pdbx_struct_sheet_hbond.range_2_auth_seq_id 
AA1 1 2 O GLY A 38 ? O GLY A 38 N ALA A 7   ? N ALA A 7   
AA1 2 3 N ILE A 10 ? N ILE A 10 O TRP A 85  ? O TRP A 85  
AA1 3 4 O PHE A 84 ? O PHE A 84 N GLU A 69  ? N GLU A 69  
AA2 1 2 O GLU A 34 ? O GLU A 34 N THR A 21  ? N THR A 21  
AA2 2 3 N ILE A 18 ? N ILE A 18 O MET A 105 ? O MET A 105 
AA3 1 2 N THR A 61 ? N THR A 61 O GLU A 91  ? O GLU A 91  
# 
_atom_sites.entry_id                    7WW5 
_atom_sites.Cartn_transf_matrix[1][1]   ? 
_atom_sites.Cartn_transf_matrix[1][2]   ? 
_atom_sites.Cartn_transf_matrix[1][3]   ? 
_atom_sites.Cartn_transf_matrix[2][1]   ? 
_atom_sites.Cartn_transf_matrix[2][2]   ? 
_atom_sites.Cartn_transf_matrix[2][3]   ? 
_atom_sites.Cartn_transf_matrix[3][1]   ? 
_atom_sites.Cartn_transf_matrix[3][2]   ? 
_atom_sites.Cartn_transf_matrix[3][3]   ? 
_atom_sites.Cartn_transf_vector[1]      ? 
_atom_sites.Cartn_transf_vector[2]      ? 
_atom_sites.Cartn_transf_vector[3]      ? 
_atom_sites.fract_transf_matrix[1][1]   -0.01943834 
_atom_sites.fract_transf_matrix[1][2]   -0.01403894 
_atom_sites.fract_transf_matrix[1][3]   0.01106056 
_atom_sites.fract_transf_matrix[2][1]   -0.00801592 
_atom_sites.fract_transf_matrix[2][2]   0.01514783 
_atom_sites.fract_transf_matrix[2][3]   0.00513926 
_atom_sites.fract_transf_matrix[3][1]   -0.00853945 
_atom_sites.fract_transf_matrix[3][2]   0.00040038 
_atom_sites.fract_transf_matrix[3][3]   -0.01449944 
_atom_sites.fract_transf_vector[1]      0.012223 
_atom_sites.fract_transf_vector[2]      0.038986 
_atom_sites.fract_transf_vector[3]      0.376846 
_atom_sites.solution_primary            ? 
_atom_sites.solution_secondary          ? 
_atom_sites.solution_hydrogens          ? 
_atom_sites.special_details             ? 
# 
loop_
_atom_type.symbol 
_atom_type.scat_dispersion_real 
_atom_type.scat_dispersion_imag 
_atom_type.scat_Cromer_Mann_a1 
_atom_type.scat_Cromer_Mann_a2 
_atom_type.scat_Cromer_Mann_b1 
_atom_type.scat_Cromer_Mann_b2 
_atom_type.scat_Cromer_Mann_c 
_atom_type.scat_source 
_atom_type.scat_dispersion_source 
C  ? ? 3.54356 2.42580 25.62398 1.50364  0.0 
;2-Gaussian fit: Grosse-Kunstleve RW, Sauter NK, Adams PD: Newsletter of the IUCr Commission on Crystallographic Computing 2004, 3, 22-31.
;
? 
N  ? ? 4.01032 2.96436 19.97189 1.75589  0.0 
;2-Gaussian fit: Grosse-Kunstleve RW, Sauter NK, Adams PD: Newsletter of the IUCr Commission on Crystallographic Computing 2004, 3, 22-31.
;
? 
NA ? ? 9.38062 1.54875 3.38349  72.32734 0.0 
;2-Gaussian fit: Grosse-Kunstleve RW, Sauter NK, Adams PD: Newsletter of the IUCr Commission on Crystallographic Computing 2004, 3, 22-31.
;
? 
O  ? ? 4.49882 3.47563 15.80542 1.70748  0.0 
;2-Gaussian fit: Grosse-Kunstleve RW, Sauter NK, Adams PD: Newsletter of the IUCr Commission on Crystallographic Computing 2004, 3, 22-31.
;
? 
P  ? ? 9.51135 5.44231 1.42069  35.72801 0.0 
;2-Gaussian fit: Grosse-Kunstleve RW, Sauter NK, Adams PD: Newsletter of the IUCr Commission on Crystallographic Computing 2004, 3, 22-31.
;
? 
S  ? ? 9.55732 6.39887 1.23737  29.19336 0.0 
;2-Gaussian fit: Grosse-Kunstleve RW, Sauter NK, Adams PD: Newsletter of the IUCr Commission on Crystallographic Computing 2004, 3, 22-31.
;
? 
# 
loop_
_atom_site.group_PDB 
_atom_site.id 
_atom_site.type_symbol 
_atom_site.label_atom_id 
_atom_site.label_alt_id 
_atom_site.label_comp_id 
_atom_site.label_asym_id 
_atom_site.label_entity_id 
_atom_site.label_seq_id 
_atom_site.pdbx_PDB_ins_code 
_atom_site.Cartn_x 
_atom_site.Cartn_y 
_atom_site.Cartn_z 
_atom_site.occupancy 
_atom_site.B_iso_or_equiv 
_atom_site.pdbx_formal_charge 
_atom_site.auth_seq_id 
_atom_site.auth_comp_id 
_atom_site.auth_asym_id 
_atom_site.auth_atom_id 
_atom_site.pdbx_PDB_model_num 
ATOM   1    N  N     . MET A 1 1   ? 13.33254  -3.24109  -19.69013 1.000 48.87000 ? 1   MET A N     1 
ATOM   2    C  CA    . MET A 1 1   ? 12.74565  -2.36572  -18.68416 1.000 52.73000 ? 1   MET A CA    1 
ATOM   3    C  C     . MET A 1 1   ? 13.16943  -2.76430  -17.27309 1.000 52.67000 ? 1   MET A C     1 
ATOM   4    O  O     . MET A 1 1   ? 13.41364  -3.93994  -16.99200 1.000 55.91000 ? 1   MET A O     1 
ATOM   5    C  CB    . MET A 1 1   ? 11.22121  -2.37793  -18.79083 1.000 46.74000 ? 1   MET A CB    1 
ATOM   6    C  CG    . MET A 1 1   ? 10.60876  -3.75795  -18.66558 1.000 45.38000 ? 1   MET A CG    1 
ATOM   7    S  SD    . MET A 1 1   ? 8.81010   -3.68970  -18.63639 1.000 52.95000 ? 1   MET A SD    1 
ATOM   8    C  CE    . MET A 1 1   ? 8.48567   -2.78248  -20.14880 1.000 41.29000 ? 1   MET A CE    1 
ATOM   9    N  N     . LYS A 1 2   ? 13.24503  -1.77014  -16.39165 1.000 53.19000 ? 2   LYS A N     1 
ATOM   10   C  CA    . LYS A 1 2   ? 13.65968  -1.99666  -15.01457 1.000 52.71000 ? 2   LYS A CA    1 
ATOM   11   C  C     . LYS A 1 2   ? 12.60879  -2.79584  -14.24938 1.000 50.22000 ? 2   LYS A C     1 
ATOM   12   O  O     . LYS A 1 2   ? 11.40640  -2.71432  -14.52341 1.000 38.30000 ? 2   LYS A O     1 
ATOM   13   C  CB    . LYS A 1 2   ? 13.92525  -0.66479  -14.30649 1.000 49.85000 ? 2   LYS A CB    1 
ATOM   14   C  CG    . LYS A 1 2   ? 12.77206  0.32988   -14.35442 1.000 47.07000 ? 2   LYS A CG    1 
ATOM   15   C  CD    . LYS A 1 2   ? 12.81308  1.18855   -15.61326 1.000 46.36000 ? 2   LYS A CD    1 
ATOM   16   C  CE    . LYS A 1 2   ? 11.82940  2.34111   -15.52100 1.000 41.04000 ? 2   LYS A CE    1 
ATOM   17   N  NZ    . LYS A 1 2   ? 12.11984  3.19044   -14.33361 1.000 45.72000 ? 2   LYS A NZ    1 
ATOM   18   N  N     . LYS A 1 3   ? 13.08161  -3.57984  -13.27951 1.000 44.26000 ? 3   LYS A N     1 
ATOM   19   C  CA    . LYS A 1 3   ? 12.24948  -4.52100  -12.53448 1.000 40.17000 ? 3   LYS A CA    1 
ATOM   20   C  C     . LYS A 1 3   ? 12.41192  -4.24666  -11.04611 1.000 37.89000 ? 3   LYS A C     1 
ATOM   21   O  O     . LYS A 1 3   ? 13.49996  -4.44004  -10.49191 1.000 40.86000 ? 3   LYS A O     1 
ATOM   22   C  CB    . LYS A 1 3   ? 12.62680  -5.96594  -12.86742 1.000 34.41000 ? 3   LYS A CB    1 
ATOM   23   C  CG    . LYS A 1 3   ? 12.48184  -6.30761  -14.33892 1.000 44.05000 ? 3   LYS A CG    1 
ATOM   24   C  CD    . LYS A 1 3   ? 12.84415  -7.75793  -14.61673 1.000 53.54000 ? 3   LYS A CD    1 
ATOM   25   C  CE    . LYS A 1 3   ? 12.49608  -8.13786  -16.05209 1.000 56.24000 ? 3   LYS A CE    1 
ATOM   26   N  NZ    . LYS A 1 3   ? 12.88200  -9.53758  -16.38652 1.000 55.55000 ? 3   LYS A NZ    1 
ATOM   27   N  N     . LEU A 1 4   ? 11.33048  -3.82007  -10.39741 1.000 30.69000 ? 4   LEU A N     1 
ATOM   28   C  CA    . LEU A 1 4   ? 11.35292  -3.39523  -9.00702  1.000 26.11000 ? 4   LEU A CA    1 
ATOM   29   C  C     . LEU A 1 4   ? 10.48466  -4.29813  -8.14562  1.000 18.39000 ? 4   LEU A C     1 
ATOM   30   O  O     . LEU A 1 4   ? 9.45603   -4.80805  -8.59519  1.000 20.23000 ? 4   LEU A O     1 
ATOM   31   C  CB    . LEU A 1 4   ? 10.84910  -1.95698  -8.86908  1.000 28.71000 ? 4   LEU A CB    1 
ATOM   32   C  CG    . LEU A 1 4   ? 11.53914  -0.93898  -9.76629  1.000 35.27000 ? 4   LEU A CG    1 
ATOM   33   C  CD1   . LEU A 1 4   ? 10.72535  0.34332   -9.85060  1.000 38.94000 ? 4   LEU A CD1   1 
ATOM   34   C  CD2   . LEU A 1 4   ? 12.92943  -0.67459  -9.21957  1.000 34.21000 ? 4   LEU A CD2   1 
ATOM   35   N  N     . GLN A 1 5   ? 10.89134  -4.45004  -6.88600  1.000 18.76000 ? 5   GLN A N     1 
ATOM   36   C  CA    . GLN A 1 5   ? 10.09587  -5.09444  -5.84790  1.000 16.47000 ? 5   GLN A CA    1 
ATOM   37   C  C     . GLN A 1 5   ? 9.50611   -4.02064  -4.95084  1.000 14.91000 ? 5   GLN A C     1 
ATOM   38   O  O     . GLN A 1 5   ? 10.24701  -3.19973  -4.40449  1.000 17.12000 ? 5   GLN A O     1 
ATOM   39   C  CB    . GLN A 1 5   ? 10.95914  -6.04738  -5.01745  1.000 17.29000 ? 5   GLN A CB    1 
ATOM   40   C  CG    . GLN A 1 5   ? 11.62933  -7.10952  -5.84431  1.000 18.75000 ? 5   GLN A CG    1 
ATOM   41   C  CD    . GLN A 1 5   ? 10.65947  -8.15819  -6.30623  1.000 21.36000 ? 5   GLN A CD    1 
ATOM   42   O  OE1   . GLN A 1 5   ? 9.91691   -8.73237  -5.51095  1.000 18.40000 ? 5   GLN A OE1   1 
ATOM   43   N  NE2   . GLN A 1 5   ? 10.66658  -8.42986  -7.60068  1.000 27.57000 ? 5   GLN A NE2   1 
ATOM   44   N  N     . ILE A 1 6   ? 8.18121   -4.03895  -4.79095  1.000 12.07000 ? 6   ILE A N     1 
ATOM   45   C  CA    . ILE A 1 6   ? 7.44991   -2.99128  -4.08986  1.000 13.11000 ? 6   ILE A CA    1 
ATOM   46   C  C     . ILE A 1 6   ? 6.67420   -3.61831  -2.93290  1.000 11.77000 ? 6   ILE A C     1 
ATOM   47   O  O     . ILE A 1 6   ? 5.94266   -4.59398  -3.12685  1.000 14.45000 ? 6   ILE A O     1 
ATOM   48   C  CB    . ILE A 1 6   ? 6.49471   -2.24047  -5.04240  1.000 12.03000 ? 6   ILE A CB    1 
ATOM   49   C  CG1   . ILE A 1 6   ? 7.22621   -1.68047  -6.27617  1.000 13.98000 ? 6   ILE A CG1   1 
ATOM   50   C  CG2   . ILE A 1 6   ? 5.73505   -1.13722  -4.28476  1.000 14.10000 ? 6   ILE A CG2   1 
ATOM   51   C  CD1   . ILE A 1 6   ? 8.35518   -0.69942  -5.96903  1.000 16.29000 ? 6   ILE A CD1   1 
ATOM   52   N  N     . ALA A 1 7   ? 6.81115   -3.04444  -1.73701  1.000 11.18000 ? 7   ALA A N     1 
ATOM   53   C  CA    . ALA A 1 7   ? 6.06237   -3.48351  -0.56633  1.000 10.11000 ? 7   ALA A CA    1 
ATOM   54   C  C     . ALA A 1 7   ? 5.07374   -2.39344  -0.18964  1.000 11.03000 ? 7   ALA A C     1 
ATOM   55   O  O     . ALA A 1 7   ? 5.46372   -1.23418  -0.06691  1.000 12.55000 ? 7   ALA A O     1 
ATOM   56   C  CB    . ALA A 1 7   ? 6.99992   -3.77862  0.60652   1.000 12.94000 ? 7   ALA A CB    1 
ATOM   57   N  N     . VAL A 1 8   ? 3.80161   -2.75747  -0.03207  1.000 11.12000 ? 8   VAL A N     1 
ATOM   58   C  CA    . VAL A 1 8   ? 2.76519   -1.80295  0.32492   1.000 10.52000 ? 8   VAL A CA    1 
ATOM   59   C  C     . VAL A 1 8   ? 1.94677   -2.34497  1.48848   1.000 9.81000  ? 8   VAL A C     1 
ATOM   60   O  O     . VAL A 1 8   ? 1.90723   -3.55038  1.75593   1.000 11.01000 ? 8   VAL A O     1 
ATOM   61   C  CB    . VAL A 1 8   ? 1.84816   -1.44816  -0.87695  1.000 11.30000 ? 8   VAL A CB    1 
ATOM   62   C  CG1   . VAL A 1 8   ? 2.67798   -1.05315  -2.07335  1.000 13.60000 ? 8   VAL A CG1   1 
ATOM   63   C  CG2   . VAL A 1 8   ? 0.91107   -2.59020  -1.20403  1.000 14.81000 ? 8   VAL A CG2   1 
ATOM   64   N  N     . GLY A 1 9   ? 1.29874   -1.42245  2.20093   1.000 10.78000 ? 9   GLY A N     1 
ATOM   65   C  CA    . GLY A 1 9   ? 0.52863   -1.79110  3.37101   1.000 11.47000 ? 9   GLY A CA    1 
ATOM   66   C  C     . GLY A 1 9   ? -0.93873  -1.42975  3.25148   1.000 12.09000 ? 9   GLY A C     1 
ATOM   67   O  O     . GLY A 1 9   ? -1.28112  -0.27586  2.96841   1.000 12.35000 ? 9   GLY A O     1 
ATOM   68   N  N     . ILE A 1 10  ? -1.80096  -2.43743  3.39365   1.000 12.32000 ? 10  ILE A N     1 
ATOM   69   C  CA    . ILE A 1 10  ? -3.24847  -2.25719  3.44202   1.000 12.76000 ? 10  ILE A CA    1 
ATOM   70   C  C     . ILE A 1 10  ? -3.59133  -2.02245  4.90649   1.000 12.48000 ? 10  ILE A C     1 
ATOM   71   O  O     . ILE A 1 10  ? -3.67266  -2.97140  5.68624   1.000 12.47000 ? 10  ILE A O     1 
ATOM   72   C  CB    . ILE A 1 10  ? -3.99608  -3.47223  2.89453   1.000 12.79000 ? 10  ILE A CB    1 
ATOM   73   C  CG1   . ILE A 1 10  ? -3.61406  -3.71926  1.44032   1.000 10.74000 ? 10  ILE A CG1   1 
ATOM   74   C  CG2   . ILE A 1 10  ? -5.51267  -3.24670  2.96973   1.000 12.91000 ? 10  ILE A CG2   1 
ATOM   75   C  CD1   . ILE A 1 10  ? -3.98815  -5.12016  0.92660   1.000 16.07000 ? 10  ILE A CD1   1 
ATOM   76   N  N     . ILE A 1 11  ? -3.81092  -0.75849  5.27735   1.000 10.61000 ? 11  ILE A N     1 
ATOM   77   C  CA    . ILE A 1 11  ? -3.94296  -0.35317  6.67229   1.000 12.23000 ? 11  ILE A CA    1 
ATOM   78   C  C     . ILE A 1 11  ? -5.43051  -0.30094  6.98680   1.000 13.47000 ? 11  ILE A C     1 
ATOM   79   O  O     . ILE A 1 11  ? -6.11628  0.66193   6.63369   1.000 14.77000 ? 11  ILE A O     1 
ATOM   80   C  CB    . ILE A 1 11  ? -3.25594  0.98979   6.92234   1.000 11.49000 ? 11  ILE A CB    1 
ATOM   81   C  CG1   . ILE A 1 11  ? -1.77584  0.89241   6.55176   1.000 13.23000 ? 11  ILE A CG1   1 
ATOM   82   C  CG2   . ILE A 1 11  ? -3.47714  1.47115   8.37885   1.000 13.29000 ? 11  ILE A CG2   1 
ATOM   83   C  CD1   . ILE A 1 11  ? -1.14596  2.19962   6.18090   1.000 14.72000 ? 11  ILE A CD1   1 
ATOM   84   N  N     . ARG A 1 12  ? -5.94386  -1.33641  7.64712   1.000 16.91000 ? 12  ARG A N     1 
ATOM   85   C  CA    . ARG A 1 12  ? -7.37697  -1.46993  7.89077   1.000 15.76000 ? 12  ARG A CA    1 
ATOM   86   C  C     . ARG A 1 12  ? -7.69133  -1.24933  9.36826   1.000 18.14000 ? 12  ARG A C     1 
ATOM   87   O  O     . ARG A 1 12  ? -7.12362  -1.92306  10.23422  1.000 18.34000 ? 12  ARG A O     1 
ATOM   88   C  CB    . ARG A 1 12  ? -7.88401  -2.84632  7.44906   1.000 17.01000 ? 12  ARG A CB    1 
ATOM   89   C  CG    . ARG A 1 12  ? -9.38722  -3.00395  7.64395   1.000 18.61000 ? 12  ARG A CG    1 
ATOM   90   C  CD    . ARG A 1 12  ? -9.93431  -4.22472  6.92830   1.000 25.68000 ? 12  ARG A CD    1 
ATOM   91   N  NE    . ARG A 1 12  ? -9.54027  -5.47554  7.57065   1.000 35.18000 ? 12  ARG A NE    1 
ATOM   92   C  CZ    . ARG A 1 12  ? -10.03634 -6.66068  7.23340   1.000 45.52000 ? 12  ARG A CZ    1 
ATOM   93   N  NH1   . ARG A 1 12  ? -10.94346 -6.74382  6.26898   1.000 52.26000 ? 12  ARG A NH1   1 
ATOM   94   N  NH2   . ARG A 1 12  ? -9.63623  -7.76006  7.85662   1.000 44.94000 ? 12  ARG A NH2   1 
ATOM   95   N  N     . ASN A 1 13  ? -8.62321  -0.33554  9.65675   1.000 14.92000 ? 13  ASN A N     1 
ATOM   96   C  CA    . ASN A 1 13  ? -9.02164  -0.09411  11.03920  1.000 17.80000 ? 13  ASN A CA    1 
ATOM   97   C  C     . ASN A 1 13  ? -10.19811 -0.99837  11.41690  1.000 20.67000 ? 13  ASN A C     1 
ATOM   98   O  O     . ASN A 1 13  ? -10.66110 -1.82841  10.63116  1.000 21.99000 ? 13  ASN A O     1 
ATOM   99   C  CB    . ASN A 1 13  ? -9.32230  1.39723   11.28881  1.000 18.36000 ? 13  ASN A CB    1 
ATOM   100  C  CG    . ASN A 1 13  ? -10.61325 1.90086   10.61425  1.000 15.71000 ? 13  ASN A CG    1 
ATOM   101  O  OD1   . ASN A 1 13  ? -11.46281 1.12863   10.17270  1.000 18.38000 ? 13  ASN A OD1   1 
ATOM   102  N  ND2   . ASN A 1 13  ? -10.76304 3.22814   10.56266  1.000 15.90000 ? 13  ASN A ND2   1 
ATOM   103  N  N     . GLU A 1 14  ? -10.68968 -0.84836  12.64854  1.000 24.69000 ? 14  GLU A N     1 
ATOM   104  C  CA    . GLU A 1 14  ? -11.74762 -1.73608  13.11708  1.000 23.33000 ? 14  GLU A CA    1 
ATOM   105  C  C     . GLU A 1 14  ? -13.09578 -1.45124  12.47250  1.000 28.18000 ? 14  GLU A C     1 
ATOM   106  O  O     . GLU A 1 14  ? -14.00357 -2.28041  12.59884  1.000 32.20000 ? 14  GLU A O     1 
ATOM   107  C  CB    . GLU A 1 14  ? -11.88188 -1.64870  14.63456  1.000 27.49000 ? 14  GLU A CB    1 
ATOM   108  C  CG    . GLU A 1 14  ? -11.65383 -0.26629  15.20477  1.000 38.18000 ? 14  GLU A CG    1 
ATOM   109  C  CD    . GLU A 1 14  ? -11.87639 -0.23060  16.70202  1.000 50.57000 ? 14  GLU A CD    1 
ATOM   110  O  OE1   . GLU A 1 14  ? -13.01678 -0.50069  17.13634  1.000 55.67000 ? 14  GLU A OE1   1 
ATOM   111  O  OE2   . GLU A 1 14  ? -10.90885 0.04560   17.44231  1.000 53.89000 ? 14  GLU A OE2   1 
ATOM   112  N  N     . ASN A 1 15  ? -13.24874 -0.31146  11.79538  1.000 22.79000 ? 15  ASN A N     1 
ATOM   113  C  CA    . ASN A 1 15  ? -14.47646 0.03501   11.08737  1.000 23.11000 ? 15  ASN A CA    1 
ATOM   114  C  C     . ASN A 1 15  ? -14.40999 -0.29051  9.60207   1.000 21.37000 ? 15  ASN A C     1 
ATOM   115  O  O     . ASN A 1 15  ? -15.15421 0.30489   8.81353   1.000 23.76000 ? 15  ASN A O     1 
ATOM   116  C  CB    . ASN A 1 15  ? -14.79720 1.52004   11.26503  1.000 27.20000 ? 15  ASN A CB    1 
ATOM   117  C  CG    . ASN A 1 15  ? -15.26153 1.85781   12.66111  1.000 41.07000 ? 15  ASN A CG    1 
ATOM   118  O  OD1   . ASN A 1 15  ? -15.27106 1.00634   13.54753  1.000 41.64000 ? 15  ASN A OD1   1 
ATOM   119  N  ND2   . ASN A 1 15  ? -15.64179 3.11302   12.86981  1.000 38.03000 ? 15  ASN A ND2   1 
ATOM   120  N  N     . ASN A 1 16  ? -13.52733 -1.20706  9.19971   1.000 18.46000 ? 16  ASN A N     1 
ATOM   121  C  CA    . ASN A 1 16  ? -13.41978 -1.63983  7.80567   1.000 21.15000 ? 16  ASN A CA    1 
ATOM   122  C  C     . ASN A 1 16  ? -13.10952 -0.47677  6.86682   1.000 18.95000 ? 16  ASN A C     1 
ATOM   123  O  O     . ASN A 1 16  ? -13.53989 -0.46680  5.71010   1.000 20.54000 ? 16  ASN A O     1 
ATOM   124  C  CB    . ASN A 1 16  ? -14.68732 -2.36714  7.35265   1.000 24.92000 ? 16  ASN A CB    1 
ATOM   125  C  CG    . ASN A 1 16  ? -14.41762 -3.35649  6.23664   1.000 31.74000 ? 16  ASN A CG    1 
ATOM   126  O  OD1   . ASN A 1 16  ? -13.34661 -3.95841  6.17548   1.000 35.79000 ? 16  ASN A OD1   1 
ATOM   127  N  ND2   . ASN A 1 16  ? -15.38380 -3.51817  5.33850   1.000 42.47000 ? 16  ASN A ND2   1 
ATOM   128  N  N     . GLU A 1 17  ? -12.37818 0.51550   7.36317   1.000 17.01000 ? 17  GLU A N     1 
ATOM   129  C  CA    . GLU A 1 17  ? -11.85733 1.59424   6.54176   1.000 13.64000 ? 17  GLU A CA    1 
ATOM   130  C  C     . GLU A 1 17  ? -10.36854 1.37010   6.32160   1.000 15.52000 ? 17  GLU A C     1 
ATOM   131  O  O     . GLU A 1 17  ? -9.68186  0.78776   7.16645   1.000 15.32000 ? 17  GLU A O     1 
ATOM   132  C  CB    . GLU A 1 17  ? -12.10017 2.94786   7.20043   1.000 17.00000 ? 17  GLU A CB    1 
ATOM   133  C  CG    . GLU A 1 17  ? -13.57585 3.26338   7.38057   1.000 14.72000 ? 17  GLU A CG    1 
ATOM   134  C  CD    . GLU A 1 17  ? -13.82528 4.36255   8.39945   1.000 19.43000 ? 17  GLU A CD    1 
ATOM   135  O  OE1   . GLU A 1 17  ? -13.03601 4.49594   9.36616   1.000 18.98000 ? 17  GLU A OE1   1 
ATOM   136  O  OE2   . GLU A 1 17  ? -14.82469 5.08915   8.23614   1.000 21.36000 ? 17  GLU A OE2   1 
ATOM   137  N  N     . ILE A 1 18  ? -9.87511  1.83891   5.17677   1.000 11.77000 ? 18  ILE A N     1 
ATOM   138  C  CA    . ILE A 1 18  ? -8.48922  1.67935   4.76941   1.000 14.50000 ? 18  ILE A CA    1 
ATOM   139  C  C     . ILE A 1 18  ? -7.85237  3.05709   4.68894   1.000 14.11000 ? 18  ILE A C     1 
ATOM   140  O  O     . ILE A 1 18  ? -8.48576  4.00944   4.21878   1.000 15.21000 ? 18  ILE A O     1 
ATOM   141  C  CB    . ILE A 1 18  ? -8.38746  0.95375   3.41132   1.000 14.05000 ? 18  ILE A CB    1 
ATOM   142  C  CG1   . ILE A 1 18  ? -9.36155  -0.22714  3.36384   1.000 18.24000 ? 18  ILE A CG1   1 
ATOM   143  C  CG2   . ILE A 1 18  ? -6.96811  0.48131   3.17413   1.000 15.33000 ? 18  ILE A CG2   1 
ATOM   144  C  CD1   . ILE A 1 18  ? -8.98049  -1.37854  4.27430   1.000 18.89000 ? 18  ILE A CD1   1 
ATOM   145  N  N     . PHE A 1 19  ? -6.60880  3.16990   5.15070   1.000 11.62000 ? 19  PHE A N     1 
ATOM   146  C  CA    . PHE A 1 19  ? -5.88643  4.43310   5.06081   1.000 12.62000 ? 19  PHE A CA    1 
ATOM   147  C  C     . PHE A 1 19  ? -5.18607  4.50293   3.70879   1.000 12.81000 ? 19  PHE A C     1 
ATOM   148  O  O     . PHE A 1 19  ? -4.23293  3.75974   3.44500   1.000 13.77000 ? 19  PHE A O     1 
ATOM   149  C  CB    . PHE A 1 19  ? -4.90334  4.60970   6.21291   1.000 14.77000 ? 19  PHE A CB    1 
ATOM   150  C  CG    . PHE A 1 19  ? -4.28216  5.96754   6.24675   1.000 13.08000 ? 19  PHE A CG    1 
ATOM   151  C  CD1   . PHE A 1 19  ? -4.89531  7.00964   6.94312   1.000 11.70000 ? 19  PHE A CD1   1 
ATOM   152  C  CD2   . PHE A 1 19  ? -3.11783  6.22920   5.53343   1.000 11.12000 ? 19  PHE A CD2   1 
ATOM   153  C  CE1   . PHE A 1 19  ? -4.31942  8.27977   6.96987   1.000 14.62000 ? 19  PHE A CE1   1 
ATOM   154  C  CE2   . PHE A 1 19  ? -2.54456  7.50485   5.53633   1.000 11.26000 ? 19  PHE A CE2   1 
ATOM   155  C  CZ    . PHE A 1 19  ? -3.15226  8.53295   6.26508   1.000 14.36000 ? 19  PHE A CZ    1 
ATOM   156  N  N     . ILE A 1 20  ? -5.63901  5.44209   2.88008   1.000 11.46000 ? 20  ILE A N     1 
ATOM   157  C  CA    . ILE A 1 20  ? -5.28186  5.53478   1.47196   1.000 10.38000 ? 20  ILE A CA    1 
ATOM   158  C  C     . ILE A 1 20  ? -4.64265  6.89045   1.23393   1.000 12.72000 ? 20  ILE A C     1 
ATOM   159  O  O     . ILE A 1 20  ? -5.16152  7.91213   1.70239   1.000 12.55000 ? 20  ILE A O     1 
ATOM   160  C  CB    . ILE A 1 20  ? -6.52998  5.36140   0.58632   1.000 9.05000  ? 20  ILE A CB    1 
ATOM   161  C  CG1   . ILE A 1 20  ? -7.18188  3.99188   0.80358   1.000 11.47000 ? 20  ILE A CG1   1 
ATOM   162  C  CG2   . ILE A 1 20  ? -6.21173  5.62962   -0.88460  1.000 13.38000 ? 20  ILE A CG2   1 
ATOM   163  C  CD1   . ILE A 1 20  ? -6.27364  2.86366   0.37566   1.000 10.80000 ? 20  ILE A CD1   1 
ATOM   164  N  N     . THR A 1 21  ? -3.53248  6.90628   0.50971   1.000 10.87000 ? 21  THR A N     1 
ATOM   165  C  CA    . THR A 1 21  ? -2.85226  8.13322   0.13021   1.000 12.35000 ? 21  THR A CA    1 
ATOM   166  C  C     . THR A 1 21  ? -2.98205  8.32714   -1.37491  1.000 12.59000 ? 21  THR A C     1 
ATOM   167  O  O     . THR A 1 21  ? -3.43636  7.43861   -2.09308  1.000 12.34000 ? 21  THR A O     1 
ATOM   168  C  CB    . THR A 1 21  ? -1.37890  8.13307   0.57310   1.000 9.41000  ? 21  THR A CB    1 
ATOM   169  O  OG1   . THR A 1 21  ? -0.68875  6.97648   0.06968   1.000 13.08000 ? 21  THR A OG1   1 
ATOM   170  C  CG2   . THR A 1 21  ? -1.26064  8.15121   2.09318   1.000 12.44000 ? 21  THR A CG2   1 
ATOM   171  N  N     . ARG A 1 22  ? -2.61374  9.51724   -1.85034  1.000 15.57000 ? 22  ARG A N     1 
ATOM   172  C  CA    . ARG A 1 22  ? -2.69315  9.83647   -3.27023  1.000 12.01000 ? 22  ARG A CA    1 
ATOM   173  C  C     . ARG A 1 22  ? -1.31054  10.20583  -3.77598  1.000 14.36000 ? 22  ARG A C     1 
ATOM   174  O  O     . ARG A 1 22  ? -0.61365  11.02068  -3.16904  1.000 14.67000 ? 22  ARG A O     1 
ATOM   175  C  CB    . ARG A 1 22  ? -3.68348  10.97102  -3.56345  1.000 14.57000 ? 22  ARG A CB    1 
ATOM   176  C  CG    . ARG A 1 22  ? -3.95380  11.13600  -5.05625  1.000 12.72000 ? 22  ARG A CG    1 
ATOM   177  C  CD    . ARG A 1 22  ? -4.98797  12.18155  -5.33655  1.000 13.92000 ? 22  ARG A CD    1 
ATOM   178  N  NE    . ARG A 1 22  ? -6.34401  11.79864  -4.93738  1.000 13.26000 ? 22  ARG A NE    1 
ATOM   179  C  CZ    . ARG A 1 22  ? -7.21478  11.19329  -5.73679  1.000 18.75000 ? 22  ARG A CZ    1 
ATOM   180  N  NH1   . ARG A 1 22  ? -6.86613  10.86441  -6.97394  1.000 19.52000 ? 22  ARG A NH1   1 
ATOM   181  N  NH2   . ARG A 1 22  ? -8.42956  10.89444  -5.29543  1.000 19.91000 ? 22  ARG A NH2   1 
ATOM   182  N  N     . ARG A 1 23  ? -0.91318  9.60239   -4.88687  1.000 13.53000 ? 23  ARG A N     1 
ATOM   183  C  CA    . ARG A 1 23  ? 0.41228   9.83803   -5.42882  1.000 14.93000 ? 23  ARG A CA    1 
ATOM   184  C  C     . ARG A 1 23  ? 0.50903   11.19870  -6.10295  1.000 13.32000 ? 23  ARG A C     1 
ATOM   185  O  O     . ARG A 1 23  ? -0.47708  11.73133  -6.63469  1.000 16.71000 ? 23  ARG A O     1 
ATOM   186  C  CB    . ARG A 1 23  ? 0.77045   8.72844   -6.42497  1.000 15.84000 ? 23  ARG A CB    1 
ATOM   187  C  CG    . ARG A 1 23  ? 0.66481   7.34965   -5.81574  1.000 15.34000 ? 23  ARG A CG    1 
ATOM   188  C  CD    . ARG A 1 23  ? 0.94975   6.21956   -6.79951  1.000 14.10000 ? 23  ARG A CD    1 
ATOM   189  N  NE    . ARG A 1 23  ? 2.26674   6.29813   -7.42440  1.000 14.52000 ? 23  ARG A NE    1 
ATOM   190  C  CZ    . ARG A 1 23  ? 3.40792   5.90050   -6.86418  1.000 16.44000 ? 23  ARG A CZ    1 
ATOM   191  N  NH1   . ARG A 1 23  ? 3.42687   5.40539   -5.63295  1.000 17.73000 ? 23  ARG A NH1   1 
ATOM   192  N  NH2   . ARG A 1 23  ? 4.53783   6.02302   -7.54483  1.000 15.80000 ? 23  ARG A NH2   1 
ATOM   193  N  N     . ALA A 1 24  ? 1.72248   11.74502  -6.10601  1.000 15.80000 ? 24  ALA A N     1 
ATOM   194  C  CA    . ALA A 1 24  ? 1.97520   13.06736  -6.65018  1.000 17.06000 ? 24  ALA A CA    1 
ATOM   195  C  C     . ALA A 1 24  ? 1.71275   13.10697  -8.15457  1.000 18.05000 ? 24  ALA A C     1 
ATOM   196  O  O     . ALA A 1 24  ? 1.70036   12.08432  -8.84649  1.000 16.87000 ? 24  ALA A O     1 
ATOM   197  C  CB    . ALA A 1 24  ? 3.41582   13.49489  -6.36658  1.000 20.52000 ? 24  ALA A CB    1 
ATOM   198  N  N     . ALA A 1 25  ? 1.51572   14.32100  -8.65973  1.000 19.04000 ? 25  ALA A N     1 
ATOM   199  C  CA    . ALA A 1 25  ? 1.20791   14.52171  -10.06562 1.000 18.89000 ? 25  ALA A CA    1 
ATOM   200  C  C     . ALA A 1 25  ? 2.38226   14.18486  -10.97668 1.000 24.61000 ? 25  ALA A C     1 
ATOM   201  O  O     . ALA A 1 25  ? 2.16934   13.91421  -12.16473 1.000 21.28000 ? 25  ALA A O     1 
ATOM   202  C  CB    . ALA A 1 25  ? 0.77000   15.96586  -10.29139 1.000 16.96000 ? 25  ALA A CB    1 
ATOM   203  N  N     . ASP A 1 26  ? 3.60886   14.20076  -10.45767 1.000 21.85000 ? 26  ASP A N     1 
ATOM   204  C  CA    . ASP A 1 26  ? 4.79543   13.93826  -11.26243 1.000 22.77000 ? 26  ASP A CA    1 
ATOM   205  C  C     . ASP A 1 26  ? 5.39324   12.57368  -10.96263 1.000 24.89000 ? 26  ASP A C     1 
ATOM   206  O  O     . ASP A 1 26  ? 6.52069   12.28521  -11.38618 1.000 30.33000 ? 26  ASP A O     1 
ATOM   207  C  CB    . ASP A 1 26  ? 5.83349   15.03972  -11.04818 1.000 25.87000 ? 26  ASP A CB    1 
ATOM   208  C  CG    . ASP A 1 26  ? 6.15679   15.25157  -9.58081  1.000 35.49000 ? 26  ASP A CG    1 
ATOM   209  O  OD1   . ASP A 1 26  ? 5.61263   14.50627  -8.73762  1.000 32.22000 ? 26  ASP A OD1   1 
ATOM   210  O  OD2   . ASP A 1 26  ? 6.94823   16.16830  -9.27286  1.000 48.77000 ? 26  ASP A OD2   1 
ATOM   211  N  N     . ALA A 1 27  ? 4.66475   11.72922  -10.24695 1.000 19.76000 ? 27  ALA A N     1 
ATOM   212  C  CA    . ALA A 1 27  ? 5.12619   10.38747  -9.93818  1.000 19.04000 ? 27  ALA A CA    1 
ATOM   213  C  C     . ALA A 1 27  ? 4.66883   9.41096   -11.01453 1.000 16.96000 ? 27  ALA A C     1 
ATOM   214  O  O     . ALA A 1 27  ? 3.78563   9.70199   -11.82250 1.000 17.78000 ? 27  ALA A O     1 
ATOM   215  C  CB    . ALA A 1 27  ? 4.59799   9.94346   -8.57948  1.000 17.35000 ? 27  ALA A CB    1 
ATOM   216  N  N     . HIS A 1 28  ? 5.29550   8.23811   -11.02943 1.000 16.63000 ? 28  HIS A N     1 
ATOM   217  C  CA    . HIS A 1 28  ? 4.70583   7.13754   -11.77240 1.000 15.67000 ? 28  HIS A CA    1 
ATOM   218  C  C     . HIS A 1 28  ? 3.34533   6.83329   -11.15947 1.000 16.36000 ? 28  HIS A C     1 
ATOM   219  O  O     . HIS A 1 28  ? 3.16385   6.95213   -9.94765  1.000 16.88000 ? 28  HIS A O     1 
ATOM   220  C  CB    . HIS A 1 28  ? 5.60703   5.90394   -11.71617 1.000 15.89000 ? 28  HIS A CB    1 
ATOM   221  C  CG    . HIS A 1 28  ? 5.12205   4.77678   -12.56913 1.000 17.30000 ? 28  HIS A CG    1 
ATOM   222  N  ND1   . HIS A 1 28  ? 4.55020   3.63745   -12.04556 1.000 15.67000 ? 28  HIS A ND1   1 
ATOM   223  C  CD2   . HIS A 1 28  ? 5.09927   4.62475   -13.91465 1.000 18.61000 ? 28  HIS A CD2   1 
ATOM   224  C  CE1   . HIS A 1 28  ? 4.20428   2.82762   -13.03202 1.000 17.68000 ? 28  HIS A CE1   1 
ATOM   225  N  NE2   . HIS A 1 28  ? 4.52316   3.40559   -14.17553 1.000 20.26000 ? 28  HIS A NE2   1 
ATOM   226  N  N     . MET A 1 29  ? 2.38092   6.44469   -11.99874 1.000 15.41000 ? 29  MET A N     1 
ATOM   227  C  CA    . MET A 1 29  ? 0.98631   6.32491   -11.56495 1.000 17.45000 ? 29  MET A CA    1 
ATOM   228  C  C     . MET A 1 29  ? 0.52871   7.61978   -10.89750 1.000 15.53000 ? 29  MET A C     1 
ATOM   229  O  O     . MET A 1 29  ? -0.02192  7.62728   -9.79057  1.000 12.99000 ? 29  MET A O     1 
ATOM   230  C  CB    . MET A 1 29  ? 0.77592   5.11657   -10.65367 1.000 13.64000 ? 29  MET A CB    1 
ATOM   231  C  CG    . MET A 1 29  ? 0.83031   3.78289   -11.42485 1.000 14.83000 ? 29  MET A CG    1 
ATOM   232  S  SD    . MET A 1 29  ? -0.52946  3.67207   -12.60636 1.000 16.93000 ? 29  MET A SD    1 
ATOM   233  C  CE    . MET A 1 29  ? 0.27630   4.11294   -14.14255 1.000 20.83000 ? 29  MET A CE    1 
ATOM   234  N  N     . ALA A 1 30  ? 0.75029   8.72344   -11.61162 1.000 16.20000 ? 30  ALA A N     1 
ATOM   235  C  CA    . ALA A 1 30  ? 0.44475   10.05754  -11.10461 1.000 17.13000 ? 30  ALA A CA    1 
ATOM   236  C  C     . ALA A 1 30  ? -1.02238  10.19784  -10.70451 1.000 12.78000 ? 30  ALA A C     1 
ATOM   237  O  O     . ALA A 1 30  ? -1.91897  9.69280   -11.38378 1.000 14.71000 ? 30  ALA A O     1 
ATOM   238  C  CB    . ALA A 1 30  ? 0.78742   11.08878  -12.17531 1.000 19.30000 ? 30  ALA A CB    1 
ATOM   239  N  N     . ASN A 1 31  ? -1.25895  10.88345  -9.58156  1.000 14.42000 ? 31  ASN A N     1 
ATOM   240  C  CA    . ASN A 1 31  ? -2.57113  11.22339  -9.02341  1.000 14.24000 ? 31  ASN A CA    1 
ATOM   241  C  C     . ASN A 1 31  ? -3.40603  10.01502  -8.60570  1.000 14.54000 ? 31  ASN A C     1 
ATOM   242  O  O     . ASN A 1 31  ? -4.56244  10.19091  -8.20883  1.000 14.93000 ? 31  ASN A O     1 
ATOM   243  C  CB    . ASN A 1 31  ? -3.40956  12.06868  -9.99220  1.000 16.99000 ? 31  ASN A CB    1 
ATOM   244  C  CG    . ASN A 1 31  ? -2.74345  13.37943  -10.33786 1.000 15.21000 ? 31  ASN A CG    1 
ATOM   245  O  OD1   . ASN A 1 31  ? -2.33600  14.14165  -9.44931  1.000 14.58000 ? 31  ASN A OD1   1 
ATOM   246  N  ND2   . ASN A 1 31  ? -2.59678  13.63918  -11.61973 1.000 13.68000 ? 31  ASN A ND2   1 
ATOM   247  N  N     . LYS A 1 32  ? -2.87795  8.79556   -8.67874  1.000 11.24000 ? 32  LYS A N     1 
ATOM   248  C  CA    . LYS A 1 32  ? -3.64329  7.61949   -8.27208  1.000 12.66000 ? 32  LYS A CA    1 
ATOM   249  C  C     . LYS A 1 32  ? -3.72672  7.46115   -6.76229  1.000 9.54000  ? 32  LYS A C     1 
ATOM   250  O  O     . LYS A 1 32  ? -2.78311  7.78989   -6.03315  1.000 13.30000 ? 32  LYS A O     1 
ATOM   251  C  CB    . LYS A 1 32  ? -3.02869  6.35880   -8.86852  1.000 13.74000 ? 32  LYS A CB    1 
ATOM   252  C  CG    . LYS A 1 32  ? -3.12683  6.27328   -10.38143 1.000 15.78000 ? 32  LYS A CG    1 
ATOM   253  C  CD    . LYS A 1 32  ? -4.53856  5.94658   -10.79186 1.000 17.32000 ? 32  LYS A CD    1 
ATOM   254  C  CE    . LYS A 1 32  ? -4.64836  5.74732   -12.29058 1.000 27.50000 ? 32  LYS A CE    1 
ATOM   255  N  NZ    . LYS A 1 32  ? -6.07920  5.75633   -12.70719 1.000 34.15000 ? 32  LYS A NZ    1 
ATOM   256  N  N     . LEU A 1 33  ? -4.86720  6.94915   -6.30093  1.000 10.49000 ? 33  LEU A N     1 
ATOM   257  C  CA    . LEU A 1 33  ? -4.94736  6.41406   -4.95322  1.000 11.47000 ? 33  LEU A CA    1 
ATOM   258  C  C     . LEU A 1 33  ? -4.03776  5.20016   -4.81664  1.000 11.68000 ? 33  LEU A C     1 
ATOM   259  O  O     . LEU A 1 33  ? -3.73900  4.49469   -5.79103  1.000 13.28000 ? 33  LEU A O     1 
ATOM   260  C  CB    . LEU A 1 33  ? -6.38504  6.03070   -4.59305  1.000 11.31000 ? 33  LEU A CB    1 
ATOM   261  C  CG    . LEU A 1 33  ? -7.34935  7.22456   -4.51222  1.000 13.76000 ? 33  LEU A CG    1 
ATOM   262  C  CD1   . LEU A 1 33  ? -8.70907  6.78320   -4.02659  1.000 14.27000 ? 33  LEU A CD1   1 
ATOM   263  C  CD2   . LEU A 1 33  ? -6.75634  8.29398   -3.60954  1.000 15.57000 ? 33  LEU A CD2   1 
ATOM   264  N  N     . GLU A 1 34  ? -3.58800  4.95454   -3.59311  1.000 11.25000 ? 34  GLU A N     1 
ATOM   265  C  CA    . GLU A 1 34  ? -2.59592  3.90162   -3.39850  1.000 9.91000  ? 34  GLU A CA    1 
ATOM   266  C  C     . GLU A 1 34  ? -2.61629  3.43895   -1.95167  1.000 13.59000 ? 34  GLU A C     1 
ATOM   267  O  O     . GLU A 1 34  ? -3.06886  4.15623   -1.05355  1.000 13.72000 ? 34  GLU A O     1 
ATOM   268  C  CB    . GLU A 1 34  ? -1.19432  4.40169   -3.75510  1.000 13.36000 ? 34  GLU A CB    1 
ATOM   269  C  CG    . GLU A 1 34  ? -0.79234  5.58397   -2.90165  1.000 15.76000 ? 34  GLU A CG    1 
ATOM   270  C  CD    . GLU A 1 34  ? 0.69147   5.87812   -2.86426  1.000 22.54000 ? 34  GLU A CD    1 
ATOM   271  O  OE1   . GLU A 1 34  ? 1.47315   5.21984   -3.58659  1.000 17.19000 ? 34  GLU A OE1   1 
ATOM   272  O  OE2   . GLU A 1 34  ? 1.06443   6.80619   -2.10753  1.000 25.74000 ? 34  GLU A OE2   1 
ATOM   273  N  N     . PHE A 1 35  ? -2.11998  2.22928   -1.74106  1.000 11.17000 ? 35  PHE A N     1 
ATOM   274  C  CA    . PHE A 1 35  ? -1.68453  1.81611   -0.41156  1.000 11.31000 ? 35  PHE A CA    1 
ATOM   275  C  C     . PHE A 1 35  ? -0.28403  2.37383   -0.16691  1.000 10.76000 ? 35  PHE A C     1 
ATOM   276  O  O     . PHE A 1 35  ? 0.56011   2.31341   -1.06392  1.000 13.05000 ? 35  PHE A O     1 
ATOM   277  C  CB    . PHE A 1 35  ? -1.68522  0.27952   -0.29803  1.000 12.62000 ? 35  PHE A CB    1 
ATOM   278  C  CG    . PHE A 1 35  ? -2.99676  -0.37269  -0.70680  1.000 10.51000 ? 35  PHE A CG    1 
ATOM   279  C  CD1   . PHE A 1 35  ? -4.16529  -0.11509  -0.01264  1.000 10.08000 ? 35  PHE A CD1   1 
ATOM   280  C  CD2   . PHE A 1 35  ? -3.03137  -1.29199  -1.75542  1.000 11.23000 ? 35  PHE A CD2   1 
ATOM   281  C  CE1   . PHE A 1 35  ? -5.36790  -0.70386  -0.36192  1.000 10.58000 ? 35  PHE A CE1   1 
ATOM   282  C  CE2   . PHE A 1 35  ? -4.23516  -1.89447  -2.12180  1.000 12.88000 ? 35  PHE A CE2   1 
ATOM   283  C  CZ    . PHE A 1 35  ? -5.41064  -1.59859  -1.42946  1.000 13.02000 ? 35  PHE A CZ    1 
ATOM   284  N  N     . PRO A 1 36  ? -0.00162  2.96108   0.99361   1.000 12.33000 ? 36  PRO A N     1 
ATOM   285  C  CA    . PRO A 1 36  ? 1.36501   3.45065   1.23310   1.000 9.45000  ? 36  PRO A CA    1 
ATOM   286  C  C     . PRO A 1 36  ? 2.36493   2.31254   1.09221   1.000 12.11000 ? 36  PRO A C     1 
ATOM   287  O  O     . PRO A 1 36  ? 2.10149   1.18492   1.50180   1.000 12.50000 ? 36  PRO A O     1 
ATOM   288  C  CB    . PRO A 1 36  ? 1.30122   3.98484   2.66802   1.000 13.40000 ? 36  PRO A CB    1 
ATOM   289  C  CG    . PRO A 1 36  ? -0.12831  4.37621   2.83932   1.000 13.66000 ? 36  PRO A CG    1 
ATOM   290  C  CD    . PRO A 1 36  ? -0.90243  3.30041   2.11162   1.000 14.18000 ? 36  PRO A CD    1 
ATOM   291  N  N     . GLY A 1 37  ? 3.51249   2.62918   0.50752   1.000 11.70000 ? 37  GLY A N     1 
ATOM   292  C  CA    . GLY A 1 37  ? 4.54820   1.63472   0.31585   1.000 9.88000  ? 37  GLY A CA    1 
ATOM   293  C  C     . GLY A 1 37  ? 5.64402   2.15158   -0.59503  1.000 14.81000 ? 37  GLY A C     1 
ATOM   294  O  O     . GLY A 1 37  ? 5.71992   3.34348   -0.90168  1.000 14.05000 ? 37  GLY A O     1 
ATOM   295  N  N     . GLY A 1 38  ? 6.51416   1.23691   -1.00506  1.000 12.75000 ? 38  GLY A N     1 
ATOM   296  C  CA    . GLY A 1 38  ? 7.57589   1.63554   -1.89913  1.000 13.39000 ? 38  GLY A CA    1 
ATOM   297  C  C     . GLY A 1 38  ? 8.60072   0.53570   -2.08614  1.000 13.41000 ? 38  GLY A C     1 
ATOM   298  O  O     . GLY A 1 38  ? 8.36299   -0.63575  -1.77532  1.000 15.90000 ? 38  GLY A O     1 
ATOM   299  N  N     . LYS A 1 39  ? 9.74019   0.94674   -2.63444  1.000 13.67000 ? 39  LYS A N     1 
ATOM   300  C  CA    . LYS A 1 39  ? 10.73882  0.00550   -3.11739  1.000 14.82000 ? 39  LYS A CA    1 
ATOM   301  C  C     . LYS A 1 39  ? 11.40870  -0.74503  -1.97359  1.000 17.07000 ? 39  LYS A C     1 
ATOM   302  O  O     . LYS A 1 39  ? 11.84287  -0.13789  -0.98665  1.000 14.82000 ? 39  LYS A O     1 
ATOM   303  C  CB    . LYS A 1 39  ? 11.78120  0.75876   -3.94151  1.000 18.42000 ? 39  LYS A CB    1 
ATOM   304  C  CG    . LYS A 1 39  ? 11.18864  1.32370   -5.21840  1.000 23.32000 ? 39  LYS A CG    1 
ATOM   305  C  CD    . LYS A 1 39  ? 11.97975  2.48642   -5.79965  1.000 27.72000 ? 39  LYS A CD    1 
ATOM   306  C  CE    . LYS A 1 39  ? 11.35919  2.90866   -7.12783  1.000 30.92000 ? 39  LYS A CE    1 
ATOM   307  N  NZ    . LYS A 1 39  ? 11.55054  4.34659   -7.44693  1.000 33.58000 ? 39  LYS A NZ    1 
ATOM   308  N  N     . ILE A 1 40  ? 11.49815  -2.07413  -2.11869  1.000 15.69000 ? 40  ILE A N     1 
ATOM   309  C  CA    . ILE A 1 40  ? 12.30866  -2.88301  -1.21721  1.000 16.63000 ? 40  ILE A CA    1 
ATOM   310  C  C     . ILE A 1 40  ? 13.76926  -2.66760  -1.56882  1.000 16.60000 ? 40  ILE A C     1 
ATOM   311  O  O     . ILE A 1 40  ? 14.16679  -2.80166  -2.73302  1.000 20.09000 ? 40  ILE A O     1 
ATOM   312  C  CB    . ILE A 1 40  ? 11.93804  -4.36921  -1.31742  1.000 15.57000 ? 40  ILE A CB    1 
ATOM   313  C  CG1   . ILE A 1 40  ? 10.44114  -4.57961  -1.10681  1.000 15.77000 ? 40  ILE A CG1   1 
ATOM   314  C  CG2   . ILE A 1 40  ? 12.74508  -5.18647  -0.30616  1.000 17.26000 ? 40  ILE A CG2   1 
ATOM   315  C  CD1   . ILE A 1 40  ? 10.02236  -6.01204  -1.35710  1.000 18.67000 ? 40  ILE A CD1   1 
ATOM   316  N  N     . GLU A 1 41  ? 14.56931  -2.30526  -0.57427  1.000 14.69000 ? 41  GLU A N     1 
ATOM   317  C  CA    . GLU A 1 41  ? 15.96548  -1.97764  -0.80358  1.000 16.49000 ? 41  GLU A CA    1 
ATOM   318  C  C     . GLU A 1 41  ? 16.86132  -3.20459  -0.67435  1.000 18.29000 ? 41  GLU A C     1 
ATOM   319  O  O     . GLU A 1 41  ? 16.54139  -4.17450  0.02478   1.000 16.79000 ? 41  GLU A O     1 
ATOM   320  C  CB    . GLU A 1 41  ? 16.40615  -0.86768  0.15975   1.000 21.86000 ? 41  GLU A CB    1 
ATOM   321  C  CG    . GLU A 1 41  ? 15.67571  0.44988   -0.16307  1.000 24.52000 ? 41  GLU A CG    1 
ATOM   322  C  CD    . GLU A 1 41  ? 15.76241  1.52030   0.91825   1.000 27.01000 ? 41  GLU A CD    1 
ATOM   323  O  OE1   . GLU A 1 41  ? 16.50903  1.35452   1.90299   1.000 28.50000 ? 41  GLU A OE1   1 
ATOM   324  O  OE2   . GLU A 1 41  ? 15.06236  2.54890   0.77388   1.000 31.59000 ? 41  GLU A OE2   1 
ATOM   325  N  N     . MET A 1 42  ? 17.99063  -3.15739  -1.37762  1.000 18.41000 ? 42  MET A N     1 
ATOM   326  C  CA    . MET A 1 42  ? 19.01738  -4.16929  -1.19417  1.000 19.23000 ? 42  MET A CA    1 
ATOM   327  C  C     . MET A 1 42  ? 19.33723  -4.30045  0.29013   1.000 17.51000 ? 42  MET A C     1 
ATOM   328  O  O     . MET A 1 42  ? 19.42902  -3.30081  1.01359   1.000 21.26000 ? 42  MET A O     1 
ATOM   329  C  CB    . MET A 1 42  ? 20.28204  -3.79615  -1.97165  1.000 24.14000 ? 42  MET A CB    1 
ATOM   330  C  CG    . MET A 1 42  ? 21.37917  -4.83599  -1.92677  1.000 29.72000 ? 42  MET A CG    1 
ATOM   331  S  SD    . MET A 1 42  ? 20.95596  -6.27581  -2.91762  1.000 46.10000 ? 42  MET A SD    1 
ATOM   332  C  CE    . MET A 1 42  ? 20.76624  -5.52562  -4.53345  1.000 40.88000 ? 42  MET A CE    1 
ATOM   333  N  N     . GLY A 1 43  ? 19.45619  -5.54083  0.75116   1.000 18.33000 ? 43  GLY A N     1 
ATOM   334  C  CA    . GLY A 1 43  ? 19.79350  -5.78575  2.13846   1.000 20.35000 ? 43  GLY A CA    1 
ATOM   335  C  C     . GLY A 1 43  ? 18.62076  -5.80700  3.09440   1.000 19.11000 ? 43  GLY A C     1 
ATOM   336  O  O     . GLY A 1 43  ? 18.82540  -6.06151  4.29604   1.000 15.08000 ? 43  GLY A O     1 
ATOM   337  N  N     . GLU A 1 44  ? 17.40719  -5.55332  2.61579   1.000 16.39000 ? 44  GLU A N     1 
ATOM   338  C  CA    . GLU A 1 44  ? 16.22894  -5.62495  3.45750   1.000 15.64000 ? 44  GLU A CA    1 
ATOM   339  C  C     . GLU A 1 44  ? 15.22058  -6.61287  2.87134   1.000 13.12000 ? 44  GLU A C     1 
ATOM   340  O  O     . GLU A 1 44  ? 15.20270  -6.87060  1.66048   1.000 14.37000 ? 44  GLU A O     1 
ATOM   341  C  CB    . GLU A 1 44  ? 15.64092  -4.21474  3.67210   1.000 19.48000 ? 44  GLU A CB    1 
ATOM   342  C  CG    . GLU A 1 44  ? 14.32313  -3.92827  3.03522   1.000 17.96000 ? 44  GLU A CG    1 
ATOM   343  C  CD    . GLU A 1 44  ? 13.96077  -2.44128  3.05867   1.000 16.01000 ? 44  GLU A CD    1 
ATOM   344  O  OE1   . GLU A 1 44  ? 14.15469  -1.76345  4.09271   1.000 18.62000 ? 44  GLU A OE1   1 
ATOM   345  O  OE2   . GLU A 1 44  ? 13.47153  -1.95466  2.03105   1.000 15.81000 ? 44  GLU A OE2   1 
ATOM   346  N  N     . THR A 1 45  ? 14.43892  -7.22621  3.75589   1.000 13.71000 ? 45  THR A N     1 
ATOM   347  C  CA    . THR A 1 45  ? 13.40624  -8.18726  3.39029   1.000 13.50000 ? 45  THR A CA    1 
ATOM   348  C  C     . THR A 1 45  ? 12.11071  -7.47165  3.04120   1.000 14.80000 ? 45  THR A C     1 
ATOM   349  O  O     . THR A 1 45  ? 11.93202  -6.28776  3.33933   1.000 13.44000 ? 45  THR A O     1 
ATOM   350  C  CB    . THR A 1 45  ? 13.17339  -9.15167  4.55022   1.000 15.24000 ? 45  THR A CB    1 
ATOM   351  O  OG1   . THR A 1 45  ? 12.65526  -8.41740  5.66504   1.000 13.38000 ? 45  THR A OG1   1 
ATOM   352  C  CG2   . THR A 1 45  ? 14.46738  -9.82432  4.95829   1.000 15.54000 ? 45  THR A CG2   1 
ATOM   353  N  N     . PRO A 1 46  ? 11.15459  -8.17648  2.42629   1.000 12.86000 ? 46  PRO A N     1 
ATOM   354  C  CA    . PRO A 1 46  ? 9.82516   -7.57353  2.21363   1.000 15.54000 ? 46  PRO A CA    1 
ATOM   355  C  C     . PRO A 1 46  ? 9.11651   -7.17307  3.50341   1.000 14.66000 ? 46  PRO A C     1 
ATOM   356  O  O     . PRO A 1 46  ? 8.41702   -6.14760  3.53274   1.000 15.30000 ? 46  PRO A O     1 
ATOM   357  C  CB    . PRO A 1 46  ? 9.06745   -8.68194  1.46144   1.000 12.14000 ? 46  PRO A CB    1 
ATOM   358  C  CG    . PRO A 1 46  ? 10.14131  -9.43815  0.75587   1.000 14.79000 ? 46  PRO A CG    1 
ATOM   359  C  CD    . PRO A 1 46  ? 11.30395  -9.45328  1.69129   1.000 15.26000 ? 46  PRO A CD    1 
ATOM   360  N  N     . GLU A 1 47  ? 9.25535   -7.97437  4.56387   1.000 12.48000 ? 47  GLU A N     1 
ATOM   361  C  CA    . GLU A 1 47  ? 8.69522   -7.61645  5.86253   1.000 14.91000 ? 47  GLU A CA    1 
ATOM   362  C  C     . GLU A 1 47  ? 9.35211   -6.35536  6.39738   1.000 14.53000 ? 47  GLU A C     1 
ATOM   363  O  O     . GLU A 1 47  ? 8.66944   -5.45627  6.89508   1.000 12.63000 ? 47  GLU A O     1 
ATOM   364  C  CB    . GLU A 1 47  ? 8.87681   -8.77654  6.85307   1.000 14.08000 ? 47  GLU A CB    1 
ATOM   365  C  CG    . GLU A 1 47  ? 8.16359   -10.07559 6.44321   1.000 15.41000 ? 47  GLU A CG    1 
ATOM   366  C  CD    . GLU A 1 47  ? 9.03491   -11.04086 5.66542   1.000 19.03000 ? 47  GLU A CD    1 
ATOM   367  O  OE1   . GLU A 1 47  ? 10.03760  -10.60572 5.06252   1.000 15.12000 ? 47  GLU A OE1   1 
ATOM   368  O  OE2   . GLU A 1 47  ? 8.71747   -12.24410 5.67404   1.000 17.44000 ? 47  GLU A OE2   1 
ATOM   369  N  N     . GLN A 1 48  ? 10.67788  -6.25802  6.28443   1.000 11.83000 ? 48  GLN A N     1 
ATOM   370  C  CA    . GLN A 1 48  ? 11.35234  -5.05328  6.76907   1.000 14.05000 ? 48  GLN A CA    1 
ATOM   371  C  C     . GLN A 1 48  ? 10.96637  -3.83952  5.93869   1.000 13.61000 ? 48  GLN A C     1 
ATOM   372  O  O     . GLN A 1 48  ? 10.82111  -2.72748  6.46938   1.000 14.33000 ? 48  GLN A O     1 
ATOM   373  C  CB    . GLN A 1 48  ? 12.86955  -5.25809  6.74516   1.000 13.95000 ? 48  GLN A CB    1 
ATOM   374  C  CG    . GLN A 1 48  ? 13.36471  -6.15898  7.85420   1.000 11.99000 ? 48  GLN A CG    1 
ATOM   375  C  CD    . GLN A 1 48  ? 14.80004  -6.58049  7.67634   1.000 14.61000 ? 48  GLN A CD    1 
ATOM   376  O  OE1   . GLN A 1 48  ? 15.29745  -6.64320  6.55860   1.000 14.52000 ? 48  GLN A OE1   1 
ATOM   377  N  NE2   . GLN A 1 48  ? 15.47639  -6.87973  8.78120   1.000 18.16000 ? 48  GLN A NE2   1 
ATOM   378  N  N     . ALA A 1 49  ? 10.76709  -4.04882  4.63285   1.000 12.54000 ? 49  ALA A N     1 
ATOM   379  C  CA    . ALA A 1 49  ? 10.46260  -2.95291  3.72684   1.000 12.91000 ? 49  ALA A CA    1 
ATOM   380  C  C     . ALA A 1 49  ? 9.11367   -2.32978  4.04745   1.000 13.95000 ? 49  ALA A C     1 
ATOM   381  O  O     . ALA A 1 49  ? 8.98446   -1.10544  4.04940   1.000 13.71000 ? 49  ALA A O     1 
ATOM   382  C  CB    . ALA A 1 49  ? 10.50373  -3.44652  2.27969   1.000 12.88000 ? 49  ALA A CB    1 
ATOM   383  N  N     . VAL A 1 50  ? 8.09321   -3.14788  4.32404   1.000 13.92000 ? 50  VAL A N     1 
ATOM   384  C  CA    . VAL A 1 50  ? 6.76828   -2.56161  4.50876   1.000 12.35000 ? 50  VAL A CA    1 
ATOM   385  C  C     . VAL A 1 50  ? 6.71438   -1.77492  5.81365   1.000 12.45000 ? 50  VAL A C     1 
ATOM   386  O  O     . VAL A 1 50  ? 6.05503   -0.72710  5.89890   1.000 13.41000 ? 50  VAL A O     1 
ATOM   387  C  CB    . VAL A 1 50  ? 5.65676   -3.63111  4.43037   1.000 11.95000 ? 50  VAL A CB    1 
ATOM   388  C  CG1   . VAL A 1 50  ? 5.68896   -4.59603  5.62573   1.000 13.59000 ? 50  VAL A CG1   1 
ATOM   389  C  CG2   . VAL A 1 50  ? 4.27227   -2.94778  4.27789   1.000 14.00000 ? 50  VAL A CG2   1 
ATOM   390  N  N     . VAL A 1 51  ? 7.41628   -2.25853  6.83684   1.000 10.56000 ? 51  VAL A N     1 
ATOM   391  C  CA    . VAL A 1 51  ? 7.56622   -1.54345  8.09632   1.000 10.48000 ? 51  VAL A CA    1 
ATOM   392  C  C     . VAL A 1 51  ? 8.25078   -0.20417  7.86943   1.000 10.69000 ? 51  VAL A C     1 
ATOM   393  O  O     . VAL A 1 51  ? 7.76146   0.84860   8.30277   1.000 13.18000 ? 51  VAL A O     1 
ATOM   394  C  CB    . VAL A 1 51  ? 8.35297   -2.40655  9.09969   1.000 14.10000 ? 51  VAL A CB    1 
ATOM   395  C  CG1   . VAL A 1 51  ? 8.74644   -1.54953  10.28931  1.000 15.34000 ? 51  VAL A CG1   1 
ATOM   396  C  CG2   . VAL A 1 51  ? 7.51914   -3.58489  9.54546   1.000 16.53000 ? 51  VAL A CG2   1 
ATOM   397  N  N     . ARG A 1 52  ? 9.40429   -0.22298  7.19652   1.000 14.33000 ? 52  ARG A N     1 
ATOM   398  C  CA    . ARG A 1 52  ? 10.14227  1.01835   6.97261   1.000 13.81000 ? 52  ARG A CA    1 
ATOM   399  C  C     . ARG A 1 52  ? 9.32486   2.00518   6.14163   1.000 13.33000 ? 52  ARG A C     1 
ATOM   400  O  O     . ARG A 1 52  ? 9.26261   3.19670   6.46310   1.000 13.65000 ? 52  ARG A O     1 
ATOM   401  C  CB    . ARG A 1 52  ? 11.47984  0.71353   6.29833   1.000 14.04000 ? 52  ARG A CB    1 
ATOM   402  C  CG    . ARG A 1 52  ? 12.29040  1.93396   5.99163   1.000 15.54000 ? 52  ARG A CG    1 
ATOM   403  C  CD    . ARG A 1 52  ? 13.49467  1.62145   5.14256   1.000 15.93000 ? 52  ARG A CD    1 
ATOM   404  N  NE    . ARG A 1 52  ? 13.13851  0.85885   3.95215   1.000 13.95000 ? 52  ARG A NE    1 
ATOM   405  C  CZ    . ARG A 1 52  ? 12.53278  1.36433   2.88221   1.000 12.90000 ? 52  ARG A CZ    1 
ATOM   406  N  NH1   . ARG A 1 52  ? 12.18176  2.65511   2.84366   1.000 15.44000 ? 52  ARG A NH1   1 
ATOM   407  N  NH2   . ARG A 1 52  ? 12.25536  0.57315   1.85359   1.000 15.78000 ? 52  ARG A NH2   1 
ATOM   408  N  N     . GLU A 1 53  ? 8.69691   1.52101   5.06093   1.000 13.16000 ? 53  GLU A N     1 
ATOM   409  C  CA    . GLU A 1 53  ? 7.91440   2.38951   4.18407   1.000 12.08000 ? 53  GLU A CA    1 
ATOM   410  C  C     . GLU A 1 53  ? 6.73937   3.03286   4.91476   1.000 12.63000 ? 53  GLU A C     1 
ATOM   411  O  O     . GLU A 1 53  ? 6.44215   4.21547   4.70455   1.000 12.51000 ? 53  GLU A O     1 
ATOM   412  C  CB    . GLU A 1 53  ? 7.42474   1.59096   2.97842   1.000 12.75000 ? 53  GLU A CB    1 
ATOM   413  C  CG    . GLU A 1 53  ? 8.54295   1.25883   1.99376   1.000 12.62000 ? 53  GLU A CG    1 
ATOM   414  C  CD    . GLU A 1 53  ? 8.98745   2.47551   1.20371   1.000 14.09000 ? 53  GLU A CD    1 
ATOM   415  O  OE1   . GLU A 1 53  ? 8.20223   3.45898   1.12217   1.000 15.12000 ? 53  GLU A OE1   1 
ATOM   416  O  OE2   . GLU A 1 53  ? 10.11515  2.47082   0.67524   1.000 16.38000 ? 53  GLU A OE2   1 
ATOM   417  N  N     . LEU A 1 54  ? 6.03289   2.26708   5.74271   1.000 11.56000 ? 54  LEU A N     1 
ATOM   418  C  CA    . LEU A 1 54  ? 4.92002   2.85156   6.47928   1.000 11.02000 ? 54  LEU A CA    1 
ATOM   419  C  C     . LEU A 1 54  ? 5.40687   3.82207   7.54971   1.000 12.85000 ? 54  LEU A C     1 
ATOM   420  O  O     . LEU A 1 54  ? 4.73267   4.81312   7.82091   1.000 11.72000 ? 54  LEU A O     1 
ATOM   421  C  CB    . LEU A 1 54  ? 4.03714   1.75910   7.08633   1.000 14.33000 ? 54  LEU A CB    1 
ATOM   422  C  CG    . LEU A 1 54  ? 2.87145   1.31447   6.19225   1.000 12.58000 ? 54  LEU A CG    1 
ATOM   423  C  CD1   . LEU A 1 54  ? 3.30005   1.06207   4.75341   1.000 13.64000 ? 54  LEU A CD1   1 
ATOM   424  C  CD2   . LEU A 1 54  ? 2.14375   0.10471   6.74647   1.000 17.32000 ? 54  LEU A CD2   1 
ATOM   425  N  N     . GLN A 1 55  ? 6.57363   3.57786   8.14669   1.000 13.36000 ? 55  GLN A N     1 
ATOM   426  C  CA    . GLN A 1 55  ? 7.13915   4.56853   9.06106   1.000 9.80000  ? 55  GLN A CA    1 
ATOM   427  C  C     . GLN A 1 55  ? 7.46614   5.86730   8.32623   1.000 12.29000 ? 55  GLN A C     1 
ATOM   428  O  O     . GLN A 1 55  ? 7.10199   6.96209   8.78220   1.000 13.51000 ? 55  GLN A O     1 
ATOM   429  C  CB    . GLN A 1 55  ? 8.38232   3.99217   9.74317   1.000 13.90000 ? 55  GLN A CB    1 
ATOM   430  C  CG    . GLN A 1 55  ? 8.06530   2.83164   10.67098  1.000 11.49000 ? 55  GLN A CG    1 
ATOM   431  C  CD    . GLN A 1 55  ? 9.29581   2.07258   11.09895  1.000 15.37000 ? 55  GLN A CD    1 
ATOM   432  O  OE1   . GLN A 1 55  ? 10.30534  2.06993   10.39404  1.000 14.20000 ? 55  GLN A OE1   1 
ATOM   433  N  NE2   . GLN A 1 55  ? 9.22208   1.41888   12.25966  1.000 14.93000 ? 55  GLN A NE2   1 
ATOM   434  N  N     . GLU A 1 56  ? 8.10966   5.76032   7.15604   1.000 10.35000 ? 56  GLU A N     1 
ATOM   435  C  CA    . GLU A 1 56  ? 8.48636   6.94598   6.38649   1.000 12.21000 ? 56  GLU A CA    1 
ATOM   436  C  C     . GLU A 1 56  ? 7.25985   7.69273   5.86875   1.000 14.41000 ? 56  GLU A C     1 
ATOM   437  O  O     . GLU A 1 56  ? 7.17647   8.92792   5.95545   1.000 13.20000 ? 56  GLU A O     1 
ATOM   438  C  CB    . GLU A 1 56  ? 9.36951   6.54749   5.20294   1.000 12.40000 ? 56  GLU A CB    1 
ATOM   439  C  CG    . GLU A 1 56  ? 10.71816  5.97088   5.56637   1.000 16.50000 ? 56  GLU A CG    1 
ATOM   440  C  CD    . GLU A 1 56  ? 11.54841  5.61610   4.35250   1.000 23.82000 ? 56  GLU A CD    1 
ATOM   441  O  OE1   . GLU A 1 56  ? 11.14105  5.97112   3.22775   1.000 22.29000 ? 56  GLU A OE1   1 
ATOM   442  O  OE2   . GLU A 1 56  ? 12.61104  4.97378   4.52618   1.000 19.33000 ? 56  GLU A OE2   1 
ATOM   443  N  N     . GLU A 1 57  ? 6.30387   6.96224   5.31226   1.000 11.39000 ? 57  GLU A N     1 
ATOM   444  C  CA    . GLU A 1 57  ? 5.26096   7.64189   4.55453   1.000 11.36000 ? 57  GLU A CA    1 
ATOM   445  C  C     . GLU A 1 57  ? 4.11223   8.13377   5.42807   1.000 13.86000 ? 57  GLU A C     1 
ATOM   446  O  O     . GLU A 1 57  ? 3.52645   9.18366   5.14152   1.000 12.61000 ? 57  GLU A O     1 
ATOM   447  C  CB    . GLU A 1 57  ? 4.73091   6.71587   3.45272   1.000 12.97000 ? 57  GLU A CB    1 
ATOM   448  C  CG    . GLU A 1 57  ? 5.71832   6.55532   2.32231   1.000 13.35000 ? 57  GLU A CG    1 
ATOM   449  C  CD    . GLU A 1 57  ? 5.07001   6.17934   1.02325   1.000 21.07000 ? 57  GLU A CD    1 
ATOM   450  O  OE1   . GLU A 1 57  ? 3.92382   5.68627   1.04737   1.000 22.04000 ? 57  GLU A OE1   1 
ATOM   451  O  OE2   . GLU A 1 57  ? 5.70443   6.39968   -0.02922  1.000 22.95000 ? 57  GLU A OE2   1 
ATOM   452  N  N     . VAL A 1 58  ? 3.72887   7.37624   6.45715   1.000 14.00000 ? 58  VAL A N     1 
ATOM   453  C  CA    . VAL A 1 58  ? 2.52249   7.68529   7.21217   1.000 12.62000 ? 58  VAL A CA    1 
ATOM   454  C  C     . VAL A 1 58  ? 2.73115   7.64506   8.72152   1.000 12.46000 ? 58  VAL A C     1 
ATOM   455  O  O     . VAL A 1 58  ? 1.78567   7.88937   9.46852   1.000 14.29000 ? 58  VAL A O     1 
ATOM   456  C  CB    . VAL A 1 58  ? 1.34593   6.76741   6.80131   1.000 10.85000 ? 58  VAL A CB    1 
ATOM   457  C  CG1   . VAL A 1 58  ? 0.96467   7.00362   5.33286   1.000 12.94000 ? 58  VAL A CG1   1 
ATOM   458  C  CG2   . VAL A 1 58  ? 1.69948   5.29392   7.00630   1.000 12.27000 ? 58  VAL A CG2   1 
ATOM   459  N  N     . GLY A 1 59  ? 3.93845   7.33887   9.19888   1.000 14.38000 ? 59  GLY A N     1 
ATOM   460  C  CA    . GLY A 1 59  ? 4.23238   7.45971   10.61370  1.000 12.44000 ? 59  GLY A CA    1 
ATOM   461  C  C     . GLY A 1 59  ? 3.67139   6.37029   11.50142  1.000 13.45000 ? 59  GLY A C     1 
ATOM   462  O  O     . GLY A 1 59  ? 3.39717   6.62343   12.67058  1.000 15.03000 ? 59  GLY A O     1 
ATOM   463  N  N     . ILE A 1 60  ? 3.52241   5.14367   10.99574  1.000 13.86000 ? 60  ILE A N     1 
ATOM   464  C  CA    . ILE A 1 60  ? 3.09296   4.03653   11.84148  1.000 12.08000 ? 60  ILE A CA    1 
ATOM   465  C  C     . ILE A 1 60  ? 4.08019   2.88965   11.71015  1.000 14.46000 ? 60  ILE A C     1 
ATOM   466  O  O     . ILE A 1 60  ? 4.78582   2.75691   10.70234  1.000 14.60000 ? 60  ILE A O     1 
ATOM   467  C  CB    . ILE A 1 60  ? 1.66858   3.53374   11.51955  1.000 10.33000 ? 60  ILE A CB    1 
ATOM   468  C  CG1   . ILE A 1 60  ? 1.61290   2.90898   10.11302  1.000 13.68000 ? 60  ILE A CG1   1 
ATOM   469  C  CG2   . ILE A 1 60  ? 0.65638   4.66259   11.65813  1.000 12.45000 ? 60  ILE A CG2   1 
ATOM   470  C  CD1   . ILE A 1 60  ? 0.24083   2.30900   9.76921   1.000 12.68000 ? 60  ILE A CD1   1 
ATOM   471  N  N     . THR A 1 61  ? 4.13534   2.07121   12.74977  1.000 13.09000 ? 61  THR A N     1 
ATOM   472  C  CA    . THR A 1 61  ? 4.90860   0.83532   12.70717  1.000 15.52000 ? 61  THR A CA    1 
ATOM   473  C  C     . THR A 1 61  ? 3.94556   -0.33408  12.66743  1.000 13.40000 ? 61  THR A C     1 
ATOM   474  O  O     . THR A 1 61  ? 3.26488   -0.59796  13.67165  1.000 15.30000 ? 61  THR A O     1 
ATOM   475  C  CB    . THR A 1 61  ? 5.83578   0.71878   13.91893  1.000 17.72000 ? 61  THR A CB    1 
ATOM   476  O  OG1   . THR A 1 61  ? 6.81193   1.76153   13.86155  1.000 17.27000 ? 61  THR A OG1   1 
ATOM   477  C  CG2   . THR A 1 61  ? 6.54434   -0.64886  13.92008  1.000 15.60000 ? 61  THR A CG2   1 
ATOM   478  N  N     . PRO A 1 62  ? 3.86749   -1.06319  11.54749  1.000 15.12000 ? 62  PRO A N     1 
ATOM   479  C  CA    . PRO A 1 62  ? 3.02432   -2.25953  11.49562  1.000 19.99000 ? 62  PRO A CA    1 
ATOM   480  C  C     . PRO A 1 62  ? 3.54517   -3.31076  12.45421  1.000 24.33000 ? 62  PRO A C     1 
ATOM   481  O  O     . PRO A 1 62  ? 4.75192   -3.44997  12.65790  1.000 25.18000 ? 62  PRO A O     1 
ATOM   482  C  CB    . PRO A 1 62  ? 3.15886   -2.73560  10.04153  1.000 17.04000 ? 62  PRO A CB    1 
ATOM   483  C  CG    . PRO A 1 62  ? 3.89774   -1.66715  9.30851   1.000 21.33000 ? 62  PRO A CG    1 
ATOM   484  C  CD    . PRO A 1 62  ? 4.67030   -0.89325  10.32829  1.000 16.86000 ? 62  PRO A CD    1 
ATOM   485  N  N     A GLN A 1 63  ? 2.61623   -4.08425  13.00317  0.610 23.45000 ? 63  GLN A N     1 
ATOM   486  N  N     B GLN A 1 63  ? 2.62873   -4.03974  13.08642  0.390 23.41000 ? 63  GLN A N     1 
ATOM   487  C  CA    A GLN A 1 63  ? 2.96683   -5.26114  13.77762  0.610 25.22000 ? 63  GLN A CA    1 
ATOM   488  C  CA    B GLN A 1 63  ? 3.08205   -5.07692  14.00623  0.390 25.23000 ? 63  GLN A CA    1 
ATOM   489  C  C     A GLN A 1 63  ? 1.99267   -6.38665  13.45891  0.610 25.29000 ? 63  GLN A C     1 
ATOM   490  C  C     B GLN A 1 63  ? 2.32780   -6.38847  13.81638  0.390 25.80000 ? 63  GLN A C     1 
ATOM   491  O  O     A GLN A 1 63  ? 0.79938   -6.14878  13.24653  0.610 21.87000 ? 63  GLN A O     1 
ATOM   492  O  O     B GLN A 1 63  ? 2.93657   -7.46270  13.88325  0.390 26.80000 ? 63  GLN A O     1 
ATOM   493  C  CB    A GLN A 1 63  ? 2.98573   -4.95238  15.28183  0.610 26.42000 ? 63  GLN A CB    1 
ATOM   494  C  CB    B GLN A 1 63  ? 2.99485   -4.59085  15.45593  0.390 26.31000 ? 63  GLN A CB    1 
ATOM   495  C  CG    A GLN A 1 63  ? 1.80318   -4.15489  15.78672  0.610 27.04000 ? 63  GLN A CG    1 
ATOM   496  C  CG    B GLN A 1 63  ? 1.69446   -3.94086  15.86014  0.390 27.37000 ? 63  GLN A CG    1 
ATOM   497  C  CD    A GLN A 1 63  ? 2.16621   -3.25197  16.95722  0.610 27.56000 ? 63  GLN A CD    1 
ATOM   498  C  CD    B GLN A 1 63  ? 1.81566   -3.18101  17.17609  0.390 28.74000 ? 63  GLN A CD    1 
ATOM   499  O  OE1   A GLN A 1 63  ? 1.31786   -2.91842  17.78763  0.610 34.03000 ? 63  GLN A OE1   1 
ATOM   500  O  OE1   B GLN A 1 63  ? 0.88452   -3.15298  17.98413  0.390 32.43000 ? 63  GLN A OE1   1 
ATOM   501  N  NE2   A GLN A 1 63  ? 3.43214   -2.84564  17.02388  0.610 32.92000 ? 63  GLN A NE2   1 
ATOM   502  N  NE2   B GLN A 1 63  ? 2.96850   -2.55601  17.39316  0.390 31.93000 ? 63  GLN A NE2   1 
ATOM   503  N  N     A HIS A 1 64  ? 2.52966   -7.60788  13.39450  0.610 26.32000 ? 64  HIS A N     1 
ATOM   504  N  N     B HIS A 1 64  ? 1.01553   -6.32935  13.57627  0.390 23.37000 ? 64  HIS A N     1 
ATOM   505  C  CA    A HIS A 1 64  ? 1.74908   -8.83312  13.22255  0.610 25.46000 ? 64  HIS A CA    1 
ATOM   506  C  CA    B HIS A 1 64  ? 0.27505   -7.48308  13.07853  0.390 21.67000 ? 64  HIS A CA    1 
ATOM   507  C  C     A HIS A 1 64  ? 0.84108   -8.75850  11.99368  0.610 22.91000 ? 64  HIS A C     1 
ATOM   508  C  C     B HIS A 1 64  ? 0.03350   -7.26534  11.59345  0.390 21.08000 ? 64  HIS A C     1 
ATOM   509  O  O     A HIS A 1 64  ? -0.34528  -9.10036  12.03170  0.610 24.54000 ? 64  HIS A O     1 
ATOM   510  O  O     B HIS A 1 64  ? -0.81025  -6.44229  11.20066  0.390 20.05000 ? 64  HIS A O     1 
ATOM   511  C  CB    A HIS A 1 64  ? 0.95025   -9.14919  14.48529  0.610 26.72000 ? 64  HIS A CB    1 
ATOM   512  C  CB    B HIS A 1 64  ? -1.04626  -7.71262  13.80742  0.390 24.46000 ? 64  HIS A CB    1 
ATOM   513  C  CG    A HIS A 1 64  ? 0.41133   -10.54398 14.51807  0.610 27.28000 ? 64  HIS A CG    1 
ATOM   514  C  CG    B HIS A 1 64  ? -1.75276  -8.96040  13.37180  0.390 28.50000 ? 64  HIS A CG    1 
ATOM   515  N  ND1   A HIS A 1 64  ? -0.93801  -10.81475 14.58670  0.610 33.43000 ? 64  HIS A ND1   1 
ATOM   516  N  ND1   B HIS A 1 64  ? -2.66549  -8.97932  12.33817  0.390 29.34000 ? 64  HIS A ND1   1 
ATOM   517  C  CD2   A HIS A 1 64  ? 1.03542   -11.74483 14.47026  0.610 28.23000 ? 64  HIS A CD2   1 
ATOM   518  C  CD2   B HIS A 1 64  ? -1.66109  -10.23686 13.81309  0.390 26.99000 ? 64  HIS A CD2   1 
ATOM   519  C  CE1   A HIS A 1 64  ? -1.12141  -12.12208 14.58896  0.610 33.03000 ? 64  HIS A CE1   1 
ATOM   520  C  CE1   B HIS A 1 64  ? -3.11545  -10.20999 12.17218  0.390 28.19000 ? 64  HIS A CE1   1 
ATOM   521  N  NE2   A HIS A 1 64  ? 0.05988   -12.71068 14.52128  0.610 29.70000 ? 64  HIS A NE2   1 
ATOM   522  N  NE2   B HIS A 1 64  ? -2.52203  -10.99270 13.05481  0.390 30.49000 ? 64  HIS A NE2   1 
ATOM   523  N  N     A PHE A 1 65  ? 1.41847   -8.30044  10.88965  0.610 21.76000 ? 65  PHE A N     1 
ATOM   524  N  N     B PHE A 1 65  ? 0.78404   -7.99875  10.77594  0.390 21.84000 ? 65  PHE A N     1 
ATOM   525  C  CA    A PHE A 1 65  ? 0.71984   -8.22051  9.62006   0.610 19.38000 ? 65  PHE A CA    1 
ATOM   526  C  CA    B PHE A 1 65  ? 0.66011   -7.91840  9.33273   0.390 18.74000 ? 65  PHE A CA    1 
ATOM   527  C  C     A PHE A 1 65  ? 0.88135   -9.53533  8.86292   0.610 18.00000 ? 65  PHE A C     1 
ATOM   528  C  C     B PHE A 1 65  ? 1.06105   -9.24678  8.70701   0.390 18.48000 ? 65  PHE A C     1 
ATOM   529  O  O     A PHE A 1 65  ? 1.47957   -10.49825 9.35814   0.610 18.45000 ? 65  PHE A O     1 
ATOM   530  O  O     B PHE A 1 65  ? 1.97922   -9.92949  9.17477   0.390 19.50000 ? 65  PHE A O     1 
ATOM   531  C  CB    A PHE A 1 65  ? 1.23671   -7.04283  8.80023   0.610 16.84000 ? 65  PHE A CB    1 
ATOM   532  C  CB    B PHE A 1 65  ? 1.49534   -6.77141  8.75176   0.390 17.40000 ? 65  PHE A CB    1 
ATOM   533  C  CG    A PHE A 1 65  ? 2.73479   -6.91507  8.78283   0.610 17.40000 ? 65  PHE A CG    1 
ATOM   534  C  CG    B PHE A 1 65  ? 2.97310   -6.93919  8.92275   0.390 17.67000 ? 65  PHE A CG    1 
ATOM   535  C  CD1   A PHE A 1 65  ? 3.39505   -6.17234  9.74716   0.610 19.74000 ? 65  PHE A CD1   1 
ATOM   536  C  CD1   B PHE A 1 65  ? 3.59101   -6.58359  10.10912  0.390 20.97000 ? 65  PHE A CD1   1 
ATOM   537  C  CD2   A PHE A 1 65  ? 3.48248   -7.51868  7.78368   0.610 18.76000 ? 65  PHE A CD2   1 
ATOM   538  C  CD2   B PHE A 1 65  ? 3.75154   -7.42931  7.88772   0.390 19.00000 ? 65  PHE A CD2   1 
ATOM   539  C  CE1   A PHE A 1 65  ? 4.77646   -6.05121  9.72400   0.610 21.37000 ? 65  PHE A CE1   1 
ATOM   540  C  CE1   B PHE A 1 65  ? 4.95601   -6.72866  10.26356  0.390 20.16000 ? 65  PHE A CE1   1 
ATOM   541  C  CE2   A PHE A 1 65  ? 4.86336   -7.38974  7.75757   0.610 19.60000 ? 65  PHE A CE2   1 
ATOM   542  C  CE2   B PHE A 1 65  ? 5.11767   -7.57356  8.03804   0.390 19.74000 ? 65  PHE A CE2   1 
ATOM   543  C  CZ    A PHE A 1 65  ? 5.50282   -6.65462  8.72581   0.610 18.53000 ? 65  PHE A CZ    1 
ATOM   544  C  CZ    B PHE A 1 65  ? 5.71891   -7.22571  9.22822   0.390 21.34000 ? 65  PHE A CZ    1 
ATOM   545  N  N     . SER A 1 66  ? 0.34951   -9.58654  7.64122   1.000 17.16000 ? 66  SER A N     1 
ATOM   546  C  CA    . SER A 1 66  ? 0.49867   -10.80925 6.87184   1.000 18.43000 ? 66  SER A CA    1 
ATOM   547  C  C     . SER A 1 66  ? 0.45579   -10.47923 5.38662   1.000 17.02000 ? 66  SER A C     1 
ATOM   548  O  O     . SER A 1 66  ? -0.06480  -9.44466  4.96839   1.000 14.81000 ? 66  SER A O     1 
ATOM   549  C  CB    . SER A 1 66  ? -0.60487  -11.80555 7.22030   1.000 20.23000 ? 66  SER A CB    1 
ATOM   550  O  OG    . SER A 1 66  ? -1.87050  -11.21932 7.01022   1.000 21.63000 ? 66  SER A OG    1 
ATOM   551  N  N     . LEU A 1 67  ? 1.00743   -11.39022 4.58384   1.000 17.10000 ? 67  LEU A N     1 
ATOM   552  C  CA    . LEU A 1 67  ? 1.02583   -11.21528 3.13603   1.000 13.84000 ? 67  LEU A CA    1 
ATOM   553  C  C     . LEU A 1 67  ? -0.37095  -11.49528 2.59388   1.000 16.98000 ? 67  LEU A C     1 
ATOM   554  O  O     . LEU A 1 67  ? -0.83808  -12.63695 2.61574   1.000 18.06000 ? 67  LEU A O     1 
ATOM   555  C  CB    . LEU A 1 67  ? 2.06262   -12.13518 2.49653   1.000 14.73000 ? 67  LEU A CB    1 
ATOM   556  C  CG    . LEU A 1 67  ? 2.29334   -11.82992 1.01666   1.000 17.10000 ? 67  LEU A CG    1 
ATOM   557  C  CD1   . LEU A 1 67  ? 2.76513   -10.40715 0.84890   1.000 17.29000 ? 67  LEU A CD1   1 
ATOM   558  C  CD2   . LEU A 1 67  ? 3.30487   -12.79031 0.42226   1.000 16.63000 ? 67  LEU A CD2   1 
ATOM   559  N  N     . PHE A 1 68  ? -1.05275  -10.44605 2.12820   1.000 14.40000 ? 68  PHE A N     1 
ATOM   560  C  CA    . PHE A 1 68  ? -2.39383  -10.61952 1.58520   1.000 14.10000 ? 68  PHE A CA    1 
ATOM   561  C  C     . PHE A 1 68  ? -2.35229  -11.08201 0.13054   1.000 17.58000 ? 68  PHE A C     1 
ATOM   562  O  O     . PHE A 1 68  ? -3.17048  -11.90765 -0.29265  1.000 19.58000 ? 68  PHE A O     1 
ATOM   563  C  CB    . PHE A 1 68  ? -3.17255  -9.30138  1.72500   1.000 15.54000 ? 68  PHE A CB    1 
ATOM   564  C  CG    . PHE A 1 68  ? -4.61837  -9.40033  1.34558   1.000 17.99000 ? 68  PHE A CG    1 
ATOM   565  C  CD1   . PHE A 1 68  ? -5.51768  -10.08692 2.14765   1.000 20.60000 ? 68  PHE A CD1   1 
ATOM   566  C  CD2   . PHE A 1 68  ? -5.08543  -8.78104  0.19827   1.000 19.25000 ? 68  PHE A CD2   1 
ATOM   567  C  CE1   . PHE A 1 68  ? -6.85669  -10.17349 1.79737   1.000 28.68000 ? 68  PHE A CE1   1 
ATOM   568  C  CE2   . PHE A 1 68  ? -6.42110  -8.86520  -0.15739  1.000 21.56000 ? 68  PHE A CE2   1 
ATOM   569  C  CZ    . PHE A 1 68  ? -7.30789  -9.55445  0.64420   1.000 25.69000 ? 68  PHE A CZ    1 
ATOM   570  N  N     . GLU A 1 69  ? -1.40030  -10.56957 -0.64003  1.000 15.61000 ? 69  GLU A N     1 
ATOM   571  C  CA    . GLU A 1 69  ? -1.30563  -10.90046 -2.05154  1.000 15.78000 ? 69  GLU A CA    1 
ATOM   572  C  C     . GLU A 1 69  ? 0.08421   -10.52979 -2.54293  1.000 17.93000 ? 69  GLU A C     1 
ATOM   573  O  O     . GLU A 1 69  ? 0.63279   -9.50176  -2.14808  1.000 17.41000 ? 69  GLU A O     1 
ATOM   574  C  CB    . GLU A 1 69  ? -2.36229  -10.15662 -2.87370  1.000 18.32000 ? 69  GLU A CB    1 
ATOM   575  C  CG    . GLU A 1 69  ? -2.37438  -10.51858 -4.34276  1.000 28.04000 ? 69  GLU A CG    1 
ATOM   576  C  CD    . GLU A 1 69  ? -2.92934  -11.89879 -4.57990  1.000 32.37000 ? 69  GLU A CD    1 
ATOM   577  O  OE1   . GLU A 1 69  ? -2.22656  -12.89072 -4.28868  1.000 36.27000 ? 69  GLU A OE1   1 
ATOM   578  O  OE2   . GLU A 1 69  ? -4.08130  -11.99068 -5.04745  1.000 44.82000 ? 69  GLU A OE2   1 
ATOM   579  N  N     . LYS A 1 70  ? 0.63998   -11.36641 -3.40878  1.000 16.02000 ? 70  LYS A N     1 
ATOM   580  C  CA    . LYS A 1 70  ? 1.84890   -11.02378 -4.14150  1.000 15.50000 ? 70  LYS A CA    1 
ATOM   581  C  C     . LYS A 1 70  ? 1.54863   -11.22056 -5.62085  1.000 16.10000 ? 70  LYS A C     1 
ATOM   582  O  O     . LYS A 1 70  ? 1.01984   -12.26511 -6.01621  1.000 17.51000 ? 70  LYS A O     1 
ATOM   583  C  CB    . LYS A 1 70  ? 3.03991   -11.88509 -3.69309  1.000 14.45000 ? 70  LYS A CB    1 
ATOM   584  C  CG    . LYS A 1 70  ? 4.38624   -11.45768 -4.26293  1.000 19.65000 ? 70  LYS A CG    1 
ATOM   585  C  CD    . LYS A 1 70  ? 5.48955   -12.44433 -3.86036  1.000 20.97000 ? 70  LYS A CD    1 
ATOM   586  C  CE    . LYS A 1 70  ? 6.52556   -12.59905 -4.96003  1.000 26.57000 ? 70  LYS A CE    1 
ATOM   587  N  NZ    . LYS A 1 70  ? 7.55704   -13.61690 -4.61585  1.000 26.30000 ? 70  LYS A NZ    1 
ATOM   588  N  N     . LEU A 1 71  ? 1.85688   -10.21149 -6.42926  1.000 16.30000 ? 71  LEU A N     1 
ATOM   589  C  CA    . LEU A 1 71  ? 1.55236   -10.31305 -7.84776  1.000 16.21000 ? 71  LEU A CA    1 
ATOM   590  C  C     . LEU A 1 71  ? 2.54704   -9.51038  -8.66912  1.000 18.30000 ? 71  LEU A C     1 
ATOM   591  O  O     . LEU A 1 71  ? 3.24168   -8.62535  -8.16805  1.000 18.55000 ? 71  LEU A O     1 
ATOM   592  C  CB    . LEU A 1 71  ? 0.11806   -9.85837  -8.15599  1.000 19.03000 ? 71  LEU A CB    1 
ATOM   593  C  CG    . LEU A 1 71  ? -0.34945  -8.45789  -7.74911  1.000 15.98000 ? 71  LEU A CG    1 
ATOM   594  C  CD1   . LEU A 1 71  ? 0.09415   -7.38850  -8.75397  1.000 24.71000 ? 71  LEU A CD1   1 
ATOM   595  C  CD2   . LEU A 1 71  ? -1.86168  -8.44376  -7.58363  1.000 21.16000 ? 71  LEU A CD2   1 
ATOM   596  N  N     . GLU A 1 72  ? 2.57812   -9.83650  -9.95714  1.000 17.57000 ? 72  GLU A N     1 
ATOM   597  C  CA    . GLU A 1 72  ? 3.40232   -9.17370  -10.95245 1.000 19.40000 ? 72  GLU A CA    1 
ATOM   598  C  C     . GLU A 1 72  ? 2.53519   -8.25359  -11.79314 1.000 21.10000 ? 72  GLU A C     1 
ATOM   599  O  O     . GLU A 1 72  ? 1.38934   -8.58683  -12.10031 1.000 22.37000 ? 72  GLU A O     1 
ATOM   600  C  CB    . GLU A 1 72  ? 4.05637   -10.20614 -11.86069 1.000 16.16000 ? 72  GLU A CB    1 
ATOM   601  C  CG    . GLU A 1 72  ? 4.76717   -11.28439 -11.11107 1.000 28.98000 ? 72  GLU A CG    1 
ATOM   602  C  CD    . GLU A 1 72  ? 6.23521   -11.00007 -11.01359 1.000 33.77000 ? 72  GLU A CD    1 
ATOM   603  O  OE1   . GLU A 1 72  ? 6.97056   -11.36803 -11.95020 1.000 43.01000 ? 72  GLU A OE1   1 
ATOM   604  O  OE2   . GLU A 1 72  ? 6.64763   -10.38250 -10.01819 1.000 40.12000 ? 72  GLU A OE2   1 
ATOM   605  N  N     . TYR A 1 73  ? 3.08437   -7.10685  -12.18243 1.000 17.38000 ? 73  TYR A N     1 
ATOM   606  C  CA    . TYR A 1 73  ? 2.37758   -6.23516  -13.11076 1.000 14.15000 ? 73  TYR A CA    1 
ATOM   607  C  C     . TYR A 1 73  ? 3.35296   -5.63988  -14.10991 1.000 13.74000 ? 73  TYR A C     1 
ATOM   608  O  O     . TYR A 1 73  ? 4.36251   -5.04426  -13.71639 1.000 16.83000 ? 73  TYR A O     1 
ATOM   609  C  CB    . TYR A 1 73  ? 1.63272   -5.09469  -12.39448 1.000 17.57000 ? 73  TYR A CB    1 
ATOM   610  C  CG    . TYR A 1 73  ? 0.65053   -4.43709  -13.33370 1.000 17.39000 ? 73  TYR A CG    1 
ATOM   611  C  CD1   . TYR A 1 73  ? -0.60539  -4.99182  -13.54965 1.000 19.43000 ? 73  TYR A CD1   1 
ATOM   612  C  CD2   . TYR A 1 73  ? 1.00197   -3.30712  -14.06553 1.000 18.66000 ? 73  TYR A CD2   1 
ATOM   613  C  CE1   . TYR A 1 73  ? -1.49295  -4.42152  -14.42859 1.000 20.59000 ? 73  TYR A CE1   1 
ATOM   614  C  CE2   . TYR A 1 73  ? 0.11655   -2.72709  -14.95940 1.000 20.09000 ? 73  TYR A CE2   1 
ATOM   615  C  CZ    . TYR A 1 73  ? -1.12824  -3.28470  -15.13556 1.000 17.87000 ? 73  TYR A CZ    1 
ATOM   616  O  OH    . TYR A 1 73  ? -2.01077  -2.71507  -16.02561 1.000 22.55000 ? 73  TYR A OH    1 
ATOM   617  N  N     . GLU A 1 74  ? 3.01156   -5.74273  -15.38715 1.000 15.85000 ? 74  GLU A N     1 
ATOM   618  C  CA    . GLU A 1 74  ? 3.76953   -5.12502  -16.46775 1.000 17.36000 ? 74  GLU A CA    1 
ATOM   619  C  C     . GLU A 1 74  ? 3.11185   -3.79509  -16.82843 1.000 19.10000 ? 74  GLU A C     1 
ATOM   620  O  O     . GLU A 1 74  ? 2.04274   -3.77565  -17.45315 1.000 19.70000 ? 74  GLU A O     1 
ATOM   621  C  CB    . GLU A 1 74  ? 3.83238   -6.05115  -17.67844 1.000 22.36000 ? 74  GLU A CB    1 
ATOM   622  C  CG    . GLU A 1 74  ? 4.48491   -5.42960  -18.89650 1.000 30.27000 ? 74  GLU A CG    1 
ATOM   623  C  CD    . GLU A 1 74  ? 5.97124   -5.70897  -18.97859 1.000 41.19000 ? 74  GLU A CD    1 
ATOM   624  O  OE1   . GLU A 1 74  ? 6.54967   -6.19358  -17.97790 1.000 39.89000 ? 74  GLU A OE1   1 
ATOM   625  O  OE2   . GLU A 1 74  ? 6.55566   -5.45062  -20.05397 1.000 46.35000 ? 74  GLU A OE2   1 
ATOM   626  N  N     . PHE A 1 75  ? 3.74472   -2.69215  -16.42194 1.000 14.14000 ? 75  PHE A N     1 
ATOM   627  C  CA    . PHE A 1 75  ? 3.39142   -1.35186  -16.88151 1.000 14.82000 ? 75  PHE A CA    1 
ATOM   628  C  C     . PHE A 1 75  ? 4.00329   -1.10058  -18.25185 1.000 17.15000 ? 75  PHE A C     1 
ATOM   629  O  O     . PHE A 1 75  ? 4.86864   -1.86073  -18.71052 1.000 16.34000 ? 75  PHE A O     1 
ATOM   630  C  CB    . PHE A 1 75  ? 3.90311   -0.29788  -15.89306 1.000 15.65000 ? 75  PHE A CB    1 
ATOM   631  C  CG    . PHE A 1 75  ? 3.14147   -0.23020  -14.61027 1.000 14.34000 ? 75  PHE A CG    1 
ATOM   632  C  CD1   . PHE A 1 75  ? 1.96327   0.50223   -14.52650 1.000 17.56000 ? 75  PHE A CD1   1 
ATOM   633  C  CD2   . PHE A 1 75  ? 3.61331   -0.86787  -13.47790 1.000 15.32000 ? 75  PHE A CD2   1 
ATOM   634  C  CE1   . PHE A 1 75  ? 1.26019   0.57984   -13.33830 1.000 18.57000 ? 75  PHE A CE1   1 
ATOM   635  C  CE2   . PHE A 1 75  ? 2.92066   -0.80339  -12.29040 1.000 17.87000 ? 75  PHE A CE2   1 
ATOM   636  C  CZ    . PHE A 1 75  ? 1.73964   -0.07496  -12.21668 1.000 19.15000 ? 75  PHE A CZ    1 
ATOM   637  N  N     . PRO A 1 76  ? 3.57616   -0.03202  -18.93780 1.000 16.18000 ? 76  PRO A N     1 
ATOM   638  C  CA    . PRO A 1 76  ? 4.16430   0.28715   -20.24934 1.000 16.39000 ? 76  PRO A CA    1 
ATOM   639  C  C     . PRO A 1 76  ? 5.68788   0.39900   -20.26362 1.000 18.68000 ? 76  PRO A C     1 
ATOM   640  O  O     . PRO A 1 76  ? 6.30188   0.05810   -21.28126 1.000 17.38000 ? 76  PRO A O     1 
ATOM   641  C  CB    . PRO A 1 76  ? 3.48535   1.62083   -20.60204 1.000 17.21000 ? 76  PRO A CB    1 
ATOM   642  C  CG    . PRO A 1 76  ? 2.13806   1.49034   -19.97932 1.000 19.02000 ? 76  PRO A CG    1 
ATOM   643  C  CD    . PRO A 1 76  ? 2.37367   0.78386   -18.67141 1.000 16.50000 ? 76  PRO A CD    1 
ATOM   644  N  N     . ASP A 1 77  ? 6.32747   0.86193   -19.18224 1.000 19.03000 ? 77  ASP A N     1 
ATOM   645  C  CA    . ASP A 1 77  ? 7.77469   1.03605   -19.22065 1.000 19.66000 ? 77  ASP A CA    1 
ATOM   646  C  C     . ASP A 1 77  ? 8.49362   0.38295   -18.05080 1.000 24.29000 ? 77  ASP A C     1 
ATOM   647  O  O     . ASP A 1 77  ? 9.70875   0.57355   -17.90795 1.000 26.46000 ? 77  ASP A O     1 
ATOM   648  C  CB    . ASP A 1 77  ? 8.14211   2.52035   -19.27648 1.000 21.24000 ? 77  ASP A CB    1 
ATOM   649  C  CG    . ASP A 1 77  ? 7.84428   3.23504   -17.98316 1.000 26.11000 ? 77  ASP A CG    1 
ATOM   650  O  OD1   . ASP A 1 77  ? 7.05399   2.70519   -17.17015 1.000 24.86000 ? 77  ASP A OD1   1 
ATOM   651  O  OD2   . ASP A 1 77  ? 8.39802   4.33547   -17.77624 1.000 32.40000 ? 77  ASP A OD2   1 
ATOM   652  N  N     . ARG A 1 78  ? 7.79194   -0.38054  -17.21866 1.000 20.86000 ? 78  ARG A N     1 
ATOM   653  C  CA    . ARG A 1 78  ? 8.44981   -1.02506  -16.09272 1.000 23.98000 ? 78  ARG A CA    1 
ATOM   654  C  C     . ARG A 1 78  ? 7.64577   -2.23417  -15.64560 1.000 19.71000 ? 78  ARG A C     1 
ATOM   655  O  O     . ARG A 1 78  ? 6.42964   -2.30807  -15.84501 1.000 17.85000 ? 78  ARG A O     1 
ATOM   656  C  CB    . ARG A 1 78  ? 8.63886   -0.05627  -14.92473 1.000 21.01000 ? 78  ARG A CB    1 
ATOM   657  C  CG    . ARG A 1 78  ? 7.35487   0.43039   -14.29555 1.000 17.38000 ? 78  ARG A CG    1 
ATOM   658  C  CD    . ARG A 1 78  ? 7.66105   1.66793   -13.47586 1.000 21.55000 ? 78  ARG A CD    1 
ATOM   659  N  NE    . ARG A 1 78  ? 8.06352   2.75442   -14.36896 1.000 22.87000 ? 78  ARG A NE    1 
ATOM   660  C  CZ    . ARG A 1 78  ? 8.45988   3.95259   -13.95406 1.000 29.00000 ? 78  ARG A CZ    1 
ATOM   661  N  NH1   . ARG A 1 78  ? 8.52517   4.20944   -12.65622 1.000 30.62000 ? 78  ARG A NH1   1 
ATOM   662  N  NH2   . ARG A 1 78  ? 8.79641   4.88925   -14.83568 1.000 26.47000 ? 78  ARG A NH2   1 
ATOM   663  N  N     . HIS A 1 79  ? 8.34901   -3.18406  -15.04238 1.000 17.56000 ? 79  HIS A N     1 
ATOM   664  C  CA    . HIS A 1 79  ? 7.73418   -4.36497  -14.46330 1.000 21.53000 ? 79  HIS A CA    1 
ATOM   665  C  C     . HIS A 1 79  ? 7.96506   -4.31738  -12.96577 1.000 21.59000 ? 79  HIS A C     1 
ATOM   666  O  O     . HIS A 1 79  ? 9.09217   -4.08350  -12.51682 1.000 23.51000 ? 79  HIS A O     1 
ATOM   667  C  CB    . HIS A 1 79  ? 8.32786   -5.64466  -15.05376 1.000 25.14000 ? 79  HIS A CB    1 
ATOM   668  C  CG    . HIS A 1 79  ? 7.65669   -6.89667  -14.58276 1.000 26.48000 ? 79  HIS A CG    1 
ATOM   669  N  ND1   . HIS A 1 79  ? 7.78393   -7.37130  -13.29517 1.000 32.38000 ? 79  HIS A ND1   1 
ATOM   670  C  CD2   . HIS A 1 79  ? 6.85527   -7.77414  -15.23086 1.000 29.22000 ? 79  HIS A CD2   1 
ATOM   671  C  CE1   . HIS A 1 79  ? 7.08836   -8.48721  -13.16940 1.000 28.01000 ? 79  HIS A CE1   1 
ATOM   672  N  NE2   . HIS A 1 79  ? 6.51651   -8.75416  -14.32938 1.000 35.73000 ? 79  HIS A NE2   1 
ATOM   673  N  N     . ILE A 1 80  ? 6.90503   -4.50490  -12.18993 1.000 18.94000 ? 80  ILE A N     1 
ATOM   674  C  CA    . ILE A 1 80  ? 7.07156   -4.52016  -10.74679 1.000 20.39000 ? 80  ILE A CA    1 
ATOM   675  C  C     . ILE A 1 80  ? 6.43722   -5.77562  -10.16292 1.000 19.72000 ? 80  ILE A C     1 
ATOM   676  O  O     . ILE A 1 80  ? 5.54426   -6.39272  -10.74643 1.000 19.40000 ? 80  ILE A O     1 
ATOM   677  C  CB    . ILE A 1 80  ? 6.50099   -3.25967  -10.06367 1.000 23.22000 ? 80  ILE A CB    1 
ATOM   678  C  CG1   . ILE A 1 80  ? 4.98299   -3.28207  -10.05020 1.000 19.62000 ? 80  ILE A CG1   1 
ATOM   679  C  CG2   . ILE A 1 80  ? 7.00779   -2.00269  -10.73607 1.000 24.79000 ? 80  ILE A CG2   1 
ATOM   680  C  CD1   . ILE A 1 80  ? 4.40157   -2.16518  -9.20794  1.000 22.08000 ? 80  ILE A CD1   1 
ATOM   681  N  N     . THR A 1 81  ? 6.94297   -6.15828  -8.99820  1.000 16.20000 ? 81  THR A N     1 
ATOM   682  C  CA    . THR A 1 81  ? 6.33903   -7.18585  -8.16474  1.000 14.65000 ? 81  THR A CA    1 
ATOM   683  C  C     . THR A 1 81  ? 5.81671   -6.49168  -6.92435  1.000 13.36000 ? 81  THR A C     1 
ATOM   684  O  O     . THR A 1 81  ? 6.57678   -5.80283  -6.23737  1.000 16.24000 ? 81  THR A O     1 
ATOM   685  C  CB    . THR A 1 81  ? 7.35248   -8.26237  -7.79067  1.000 20.15000 ? 81  THR A CB    1 
ATOM   686  O  OG1   . THR A 1 81  ? 7.88632   -8.83043  -8.98445  1.000 19.39000 ? 81  THR A OG1   1 
ATOM   687  C  CG2   . THR A 1 81  ? 6.69803   -9.36817  -6.94471  1.000 16.92000 ? 81  THR A CG2   1 
ATOM   688  N  N     . LEU A 1 82  ? 4.52743   -6.65435  -6.65592  1.000 12.87000 ? 82  LEU A N     1 
ATOM   689  C  CA    . LEU A 1 82  ? 3.85964   -5.94898  -5.57100  1.000 15.00000 ? 82  LEU A CA    1 
ATOM   690  C  C     . LEU A 1 82  ? 3.59376   -6.90604  -4.42159  1.000 15.18000 ? 82  LEU A C     1 
ATOM   691  O  O     . LEU A 1 82  ? 2.97301   -7.95813  -4.61093  1.000 16.74000 ? 82  LEU A O     1 
ATOM   692  C  CB    . LEU A 1 82  ? 2.55106   -5.32001  -6.05062  1.000 15.49000 ? 82  LEU A CB    1 
ATOM   693  C  CG    . LEU A 1 82  ? 2.69601   -3.97016  -6.73255  1.000 16.40000 ? 82  LEU A CG    1 
ATOM   694  C  CD1   . LEU A 1 82  ? 1.53343   -3.75684  -7.67415  1.000 18.37000 ? 82  LEU A CD1   1 
ATOM   695  C  CD2   . LEU A 1 82  ? 2.74820   -2.85016  -5.70150  1.000 15.79000 ? 82  LEU A CD2   1 
ATOM   696  N  N     . TRP A 1 83  ? 4.04626   -6.52518  -3.22649  1.000 12.61000 ? 83  TRP A N     1 
ATOM   697  C  CA    . TRP A 1 83  ? 3.81658   -7.29579  -2.01315  1.000 12.62000 ? 83  TRP A CA    1 
ATOM   698  C  C     . TRP A 1 83  ? 2.76756   -6.55169  -1.20529  1.000 12.64000 ? 83  TRP A C     1 
ATOM   699  O  O     . TRP A 1 83  ? 3.06524   -5.50945  -0.60307  1.000 14.20000 ? 83  TRP A O     1 
ATOM   700  C  CB    . TRP A 1 83  ? 5.10032   -7.44812  -1.20856  1.000 12.26000 ? 83  TRP A CB    1 
ATOM   701  C  CG    . TRP A 1 83  ? 6.19377   -8.19058  -1.91716  1.000 12.52000 ? 83  TRP A CG    1 
ATOM   702  C  CD1   . TRP A 1 83  ? 6.92194   -7.75587  -2.98875  1.000 11.62000 ? 83  TRP A CD1   1 
ATOM   703  C  CD2   . TRP A 1 83  ? 6.72732   -9.47635  -1.56341  1.000 13.49000 ? 83  TRP A CD2   1 
ATOM   704  N  NE1   . TRP A 1 83  ? 7.86215   -8.71006  -3.34014  1.000 13.20000 ? 83  TRP A NE1   1 
ATOM   705  C  CE2   . TRP A 1 83  ? 7.75535   -9.77103  -2.48232  1.000 14.23000 ? 83  TRP A CE2   1 
ATOM   706  C  CE3   . TRP A 1 83  ? 6.41605   -10.41741 -0.57373  1.000 12.57000 ? 83  TRP A CE3   1 
ATOM   707  C  CZ2   . TRP A 1 83  ? 8.48528   -10.95161 -2.42822  1.000 14.03000 ? 83  TRP A CZ2   1 
ATOM   708  C  CZ3   . TRP A 1 83  ? 7.13979   -11.59389 -0.52052  1.000 15.02000 ? 83  TRP A CZ3   1 
ATOM   709  C  CH2   . TRP A 1 83  ? 8.16816   -11.84971 -1.44203  1.000 13.74000 ? 83  TRP A CH2   1 
ATOM   710  N  N     . PHE A 1 84  ? 1.54834   -7.08189  -1.17518  1.000 10.54000 ? 84  PHE A N     1 
ATOM   711  C  CA    . PHE A 1 84  ? 0.43871   -6.41782  -0.48708  1.000 13.45000 ? 84  PHE A CA    1 
ATOM   712  C  C     . PHE A 1 84  ? 0.31490   -7.00746  0.90805   1.000 13.55000 ? 84  PHE A C     1 
ATOM   713  O  O     . PHE A 1 84  ? -0.12946  -8.15219  1.06152   1.000 14.05000 ? 84  PHE A O     1 
ATOM   714  C  CB    . PHE A 1 84  ? -0.88260  -6.59921  -1.23696  1.000 11.84000 ? 84  PHE A CB    1 
ATOM   715  C  CG    . PHE A 1 84  ? -0.95472  -5.91080  -2.58129  1.000 14.84000 ? 84  PHE A CG    1 
ATOM   716  C  CD1   . PHE A 1 84  ? -0.57427  -6.56662  -3.73824  1.000 14.54000 ? 84  PHE A CD1   1 
ATOM   717  C  CD2   . PHE A 1 84  ? -1.46576  -4.62167  -2.68353  1.000 12.99000 ? 84  PHE A CD2   1 
ATOM   718  C  CE1   . PHE A 1 84  ? -0.67886  -5.93598  -4.98378  1.000 14.77000 ? 84  PHE A CE1   1 
ATOM   719  C  CE2   . PHE A 1 84  ? -1.57661  -3.98697  -3.92295  1.000 16.01000 ? 84  PHE A CE2   1 
ATOM   720  C  CZ    . PHE A 1 84  ? -1.17324  -4.64146  -5.06898  1.000 14.48000 ? 84  PHE A CZ    1 
ATOM   721  N  N     . TRP A 1 85  ? 0.67744   -6.22619  1.92805   1.000 11.09000 ? 85  TRP A N     1 
ATOM   722  C  CA    . TRP A 1 85  ? 0.61115   -6.67989  3.31511   1.000 12.76000 ? 85  TRP A CA    1 
ATOM   723  C  C     . TRP A 1 85  ? -0.65721  -6.14956  3.97228   1.000 15.03000 ? 85  TRP A C     1 
ATOM   724  O  O     . TRP A 1 85  ? -0.90363  -4.93771  3.97442   1.000 15.57000 ? 85  TRP A O     1 
ATOM   725  C  CB    . TRP A 1 85  ? 1.84242   -6.22299  4.10125   1.000 14.44000 ? 85  TRP A CB    1 
ATOM   726  C  CG    . TRP A 1 85  ? 3.12080   -6.74688  3.54865   1.000 11.16000 ? 85  TRP A CG    1 
ATOM   727  C  CD1   . TRP A 1 85  ? 3.92667   -6.15349  2.61446   1.000 11.89000 ? 85  TRP A CD1   1 
ATOM   728  C  CD2   . TRP A 1 85  ? 3.73065   -7.99823  3.86770   1.000 13.79000 ? 85  TRP A CD2   1 
ATOM   729  N  NE1   . TRP A 1 85  ? 5.00335   -6.95959  2.34234   1.000 12.95000 ? 85  TRP A NE1   1 
ATOM   730  C  CE2   . TRP A 1 85  ? 4.90977   -8.09643  3.10321   1.000 12.07000 ? 85  TRP A CE2   1 
ATOM   731  C  CE3   . TRP A 1 85  ? 3.40131   -9.03502  4.74233   1.000 15.02000 ? 85  TRP A CE3   1 
ATOM   732  C  CZ2   . TRP A 1 85  ? 5.76250   -9.20745  3.18210   1.000 14.01000 ? 85  TRP A CZ2   1 
ATOM   733  C  CZ3   . TRP A 1 85  ? 4.24202   -10.13443 4.81004   1.000 18.62000 ? 85  TRP A CZ3   1 
ATOM   734  C  CH2   . TRP A 1 85  ? 5.40518   -10.20672 4.03129   1.000 14.05000 ? 85  TRP A CH2   1 
ATOM   735  N  N     . LEU A 1 86  ? -1.45923  -7.05335  4.52879   1.000 12.99000 ? 86  LEU A N     1 
ATOM   736  C  CA    . LEU A 1 86  ? -2.61017  -6.64030  5.33181   1.000 14.49000 ? 86  LEU A CA    1 
ATOM   737  C  C     . LEU A 1 86  ? -2.15221  -6.23601  6.73098   1.000 14.05000 ? 86  LEU A C     1 
ATOM   738  O  O     . LEU A 1 86  ? -1.66499  -7.07083  7.50408   1.000 14.67000 ? 86  LEU A O     1 
ATOM   739  C  CB    . LEU A 1 86  ? -3.64710  -7.76087  5.39846   1.000 16.83000 ? 86  LEU A CB    1 
ATOM   740  C  CG    . LEU A 1 86  ? -4.92317  -7.40893  6.16901   1.000 15.70000 ? 86  LEU A CG    1 
ATOM   741  C  CD1   . LEU A 1 86  ? -5.59568  -6.15209  5.61072   1.000 18.44000 ? 86  LEU A CD1   1 
ATOM   742  C  CD2   . LEU A 1 86  ? -5.89748  -8.58179  6.16715   1.000 21.54000 ? 86  LEU A CD2   1 
ATOM   743  N  N     . VAL A 1 87  ? -2.32132  -4.95862  7.06436   1.000 11.29000 ? 87  VAL A N     1 
ATOM   744  C  CA    . VAL A 1 87  ? -1.85048  -4.38509  8.31900   1.000 13.55000 ? 87  VAL A CA    1 
ATOM   745  C  C     . VAL A 1 87  ? -3.07489  -4.05630  9.16528   1.000 16.04000 ? 87  VAL A C     1 
ATOM   746  O  O     . VAL A 1 87  ? -3.82162  -3.11600  8.86021   1.000 15.64000 ? 87  VAL A O     1 
ATOM   747  C  CB    . VAL A 1 87  ? -0.98319  -3.14048  8.07823   1.000 15.38000 ? 87  VAL A CB    1 
ATOM   748  C  CG1   . VAL A 1 87  ? -0.56033  -2.50721  9.41269   1.000 14.19000 ? 87  VAL A CG1   1 
ATOM   749  C  CG2   . VAL A 1 87  ? 0.23528   -3.49578  7.24516   1.000 15.18000 ? 87  VAL A CG2   1 
ATOM   750  N  N     . GLU A 1 88  ? -3.29970  -4.84405  10.21740  1.000 17.69000 ? 88  GLU A N     1 
ATOM   751  C  CA    . GLU A 1 88  ? -4.47468  -4.67850  11.05793  1.000 18.05000 ? 88  GLU A CA    1 
ATOM   752  C  C     . GLU A 1 88  ? -4.14627  -4.18912  12.45681  1.000 20.32000 ? 88  GLU A C     1 
ATOM   753  O  O     . GLU A 1 88  ? -5.06433  -3.81696  13.19700  1.000 18.69000 ? 88  GLU A O     1 
ATOM   754  C  CB    . GLU A 1 88  ? -5.25310  -5.99660  11.14913  1.000 23.25000 ? 88  GLU A CB    1 
ATOM   755  C  CG    . GLU A 1 88  ? -6.05295  -6.30533  9.89591   1.000 31.98000 ? 88  GLU A CG    1 
ATOM   756  C  CD    . GLU A 1 88  ? -6.67843  -7.68344  9.92905   1.000 35.74000 ? 88  GLU A CD    1 
ATOM   757  O  OE1   . GLU A 1 88  ? -6.09906  -8.59056  10.56461  1.000 41.19000 ? 88  GLU A OE1   1 
ATOM   758  O  OE2   . GLU A 1 88  ? -7.75559  -7.85587  9.32119   1.000 44.72000 ? 88  GLU A OE2   1 
ATOM   759  N  N     . ARG A 1 89  ? -2.87458  -4.19057  12.83965  1.000 19.61000 ? 89  ARG A N     1 
ATOM   760  C  CA    . ARG A 1 89  ? -2.44025  -3.61688  14.09955  1.000 23.14000 ? 89  ARG A CA    1 
ATOM   761  C  C     . ARG A 1 89  ? -1.16768  -2.83281  13.83607  1.000 19.27000 ? 89  ARG A C     1 
ATOM   762  O  O     . ARG A 1 89  ? -0.34663  -3.22977  13.00373  1.000 17.99000 ? 89  ARG A O     1 
ATOM   763  C  CB    . ARG A 1 89  ? -2.20154  -4.70063  15.15607  1.000 24.53000 ? 89  ARG A CB    1 
ATOM   764  C  CG    . ARG A 1 89  ? -1.73768  -4.17740  16.49933  1.000 37.13000 ? 89  ARG A CG    1 
ATOM   765  C  CD    . ARG A 1 89  ? -1.33087  -5.30747  17.44630  1.000 38.79000 ? 89  ARG A CD    1 
ATOM   766  N  NE    . ARG A 1 89  ? -2.46944  -5.83723  18.18929  1.000 41.04000 ? 89  ARG A NE    1 
ATOM   767  C  CZ    . ARG A 1 89  ? -3.03660  -5.21638  19.21725  1.000 42.13000 ? 89  ARG A CZ    1 
ATOM   768  N  NH1   . ARG A 1 89  ? -2.57405  -4.03711  19.61704  1.000 42.21000 ? 89  ARG A NH1   1 
ATOM   769  N  NH2   . ARG A 1 89  ? -4.06823  -5.76526  19.84218  1.000 43.17000 ? 89  ARG A NH2   1 
ATOM   770  N  N     . TRP A 1 90  ? -1.01070  -1.71432  14.53370  1.000 15.01000 ? 90  TRP A N     1 
ATOM   771  C  CA    . TRP A 1 90  ? 0.15440   -0.87914  14.29662  1.000 20.11000 ? 90  TRP A CA    1 
ATOM   772  C  C     . TRP A 1 90  ? 0.31887   0.06995   15.47042  1.000 20.17000 ? 90  TRP A C     1 
ATOM   773  O  O     . TRP A 1 90  ? -0.61654  0.30905   16.23805  1.000 18.35000 ? 90  TRP A O     1 
ATOM   774  C  CB    . TRP A 1 90  ? 0.02853   -0.10043  12.97483  1.000 13.30000 ? 90  TRP A CB    1 
ATOM   775  C  CG    . TRP A 1 90  ? -1.17134  0.83050   12.95495  1.000 14.33000 ? 90  TRP A CG    1 
ATOM   776  C  CD1   . TRP A 1 90  ? -1.23181  2.10402   13.45526  1.000 16.82000 ? 90  TRP A CD1   1 
ATOM   777  C  CD2   . TRP A 1 90  ? -2.47512  0.54120   12.43555  1.000 16.09000 ? 90  TRP A CD2   1 
ATOM   778  N  NE1   . TRP A 1 90  ? -2.49016  2.62686   13.26585  1.000 17.12000 ? 90  TRP A NE1   1 
ATOM   779  C  CE2   . TRP A 1 90  ? -3.27052  1.68853   12.64198  1.000 19.36000 ? 90  TRP A CE2   1 
ATOM   780  C  CE3   . TRP A 1 90  ? -3.04543  -0.56998  11.80625  1.000 17.20000 ? 90  TRP A CE3   1 
ATOM   781  C  CZ2   . TRP A 1 90  ? -4.60971  1.75240   12.24837  1.000 15.87000 ? 90  TRP A CZ2   1 
ATOM   782  C  CZ3   . TRP A 1 90  ? -4.37649  -0.50257  11.42188  1.000 15.29000 ? 90  TRP A CZ3   1 
ATOM   783  C  CH2   . TRP A 1 90  ? -5.13924  0.65351   11.63950  1.000 15.21000 ? 90  TRP A CH2   1 
ATOM   784  N  N     . GLU A 1 91  ? 1.52283   0.60433   15.60264  1.000 16.63000 ? 91  GLU A N     1 
ATOM   785  C  CA    . GLU A 1 91  ? 1.78957   1.67254   16.55350  1.000 18.93000 ? 91  GLU A CA    1 
ATOM   786  C  C     . GLU A 1 91  ? 1.70118   3.00601   15.82744  1.000 23.98000 ? 91  GLU A C     1 
ATOM   787  O  O     . GLU A 1 91  ? 2.26583   3.16661   14.74127  1.000 19.60000 ? 91  GLU A O     1 
ATOM   788  C  CB    . GLU A 1 91  ? 3.17300   1.51967   17.19836  1.000 24.56000 ? 91  GLU A CB    1 
ATOM   789  C  CG    . GLU A 1 91  ? 3.47608   2.53025   18.31660  1.000 38.33000 ? 91  GLU A CG    1 
ATOM   790  C  CD    . GLU A 1 91  ? 3.81146   3.93296   17.80723  1.000 55.50000 ? 91  GLU A CD    1 
ATOM   791  O  OE1   . GLU A 1 91  ? 4.41995   4.04953   16.72073  1.000 54.16000 ? 91  GLU A OE1   1 
ATOM   792  O  OE2   . GLU A 1 91  ? 3.44893   4.92046   18.48798  1.000 59.61000 ? 91  GLU A OE2   1 
ATOM   793  N  N     . GLY A 1 92  ? 1.01746   3.96596   16.44353  1.000 20.27000 ? 92  GLY A N     1 
ATOM   794  C  CA    . GLY A 1 92  ? 0.90641   5.29943   15.88057  1.000 21.65000 ? 92  GLY A CA    1 
ATOM   795  C  C     . GLY A 1 92  ? -0.42486  5.54342   15.19473  1.000 19.86000 ? 92  GLY A C     1 
ATOM   796  O  O     . GLY A 1 92  ? -1.32861  4.70237   15.16745  1.000 20.56000 ? 92  GLY A O     1 
ATOM   797  N  N     . GLU A 1 93  ? -0.53157  6.74624   14.64070  1.000 17.00000 ? 93  GLU A N     1 
ATOM   798  C  CA    . GLU A 1 93  ? -1.72483  7.19170   13.92790  1.000 14.14000 ? 93  GLU A CA    1 
ATOM   799  C  C     . GLU A 1 93  ? -1.29656  7.59515   12.52594  1.000 13.27000 ? 93  GLU A C     1 
ATOM   800  O  O     . GLU A 1 93  ? -0.41350  8.45833   12.38260  1.000 15.08000 ? 93  GLU A O     1 
ATOM   801  C  CB    . GLU A 1 93  ? -2.38652  8.36882   14.65542  1.000 20.85000 ? 93  GLU A CB    1 
ATOM   802  C  CG    . GLU A 1 93  ? -3.77047  8.68786   14.19190  1.000 25.48000 ? 93  GLU A CG    1 
ATOM   803  C  CD    . GLU A 1 93  ? -4.76872  7.63107   14.60088  1.000 32.28000 ? 93  GLU A CD    1 
ATOM   804  O  OE1   . GLU A 1 93  ? -4.55115  6.97283   15.63750  1.000 33.06000 ? 93  GLU A OE1   1 
ATOM   805  O  OE2   . GLU A 1 93  ? -5.76654  7.45548   13.87540  1.000 31.75000 ? 93  GLU A OE2   1 
ATOM   806  N  N     . PRO A 1 94  ? -1.82267  6.98870   11.46663  1.000 13.55000 ? 94  PRO A N     1 
ATOM   807  C  CA    . PRO A 1 94  ? -1.33556  7.32776   10.12691  1.000 12.23000 ? 94  PRO A CA    1 
ATOM   808  C  C     . PRO A 1 94  ? -1.73858  8.74018   9.72880   1.000 12.61000 ? 94  PRO A C     1 
ATOM   809  O  O     . PRO A 1 94  ? -2.83064  9.21648   10.05427  1.000 15.11000 ? 94  PRO A O     1 
ATOM   810  C  CB    . PRO A 1 94  ? -1.99616  6.27545   9.22504   1.000 16.65000 ? 94  PRO A CB    1 
ATOM   811  C  CG    . PRO A 1 94  ? -3.20344  5.85638   9.96629   1.000 18.79000 ? 94  PRO A CG    1 
ATOM   812  C  CD    . PRO A 1 94  ? -2.84771  5.93056   11.43049  1.000 16.37000 ? 94  PRO A CD    1 
ATOM   813  N  N     . TRP A 1 95  ? -0.82634  9.41777   9.04308   1.000 12.51000 ? 95  TRP A N     1 
ATOM   814  C  CA    . TRP A 1 95  ? -1.04562  10.79749  8.61364   1.000 12.20000 ? 95  TRP A CA    1 
ATOM   815  C  C     . TRP A 1 95  ? -0.17723  11.03508  7.38786   1.000 14.23000 ? 95  TRP A C     1 
ATOM   816  O  O     . TRP A 1 95  ? 0.59108   10.16622  6.97638   1.000 13.31000 ? 95  TRP A O     1 
ATOM   817  C  CB    . TRP A 1 95  ? -0.75709  11.79873  9.75412   1.000 12.59000 ? 95  TRP A CB    1 
ATOM   818  C  CG    . TRP A 1 95  ? 0.69542   11.89666  10.16788  1.000 11.42000 ? 95  TRP A CG    1 
ATOM   819  C  CD1   . TRP A 1 95  ? 1.43945   10.93448  10.81523  1.000 12.30000 ? 95  TRP A CD1   1 
ATOM   820  C  CD2   . TRP A 1 95  ? 1.57251   13.00908  9.96993   1.000 14.39000 ? 95  TRP A CD2   1 
ATOM   821  N  NE1   . TRP A 1 95  ? 2.71708   11.38942  11.02144  1.000 15.20000 ? 95  TRP A NE1   1 
ATOM   822  C  CE2   . TRP A 1 95  ? 2.82559   12.66027  10.51899  1.000 13.66000 ? 95  TRP A CE2   1 
ATOM   823  C  CE3   . TRP A 1 95  ? 1.42154   14.26809  9.38315   1.000 12.58000 ? 95  TRP A CE3   1 
ATOM   824  C  CZ2   . TRP A 1 95  ? 3.92197   13.52811  10.49625  1.000 16.15000 ? 95  TRP A CZ2   1 
ATOM   825  C  CZ3   . TRP A 1 95  ? 2.50551   15.13709  9.37589   1.000 15.30000 ? 95  TRP A CZ3   1 
ATOM   826  C  CH2   . TRP A 1 95  ? 3.73827   14.76348  9.92462   1.000 15.80000 ? 95  TRP A CH2   1 
ATOM   827  N  N     . GLY A 1 96  ? -0.31032  12.21221  6.78829   1.000 13.89000 ? 96  GLY A N     1 
ATOM   828  C  CA    . GLY A 1 96  ? 0.46862   12.52015  5.60204   1.000 13.94000 ? 96  GLY A CA    1 
ATOM   829  C  C     . GLY A 1 96  ? 1.86118   13.00113  5.95257   1.000 15.18000 ? 96  GLY A C     1 
ATOM   830  O  O     . GLY A 1 96  ? 2.18572   14.18455  5.79759   1.000 15.28000 ? 96  GLY A O     1 
ATOM   831  N  N     . LYS A 1 97  ? 2.71018   12.06602  6.39141   1.000 13.08000 ? 97  LYS A N     1 
ATOM   832  C  CA    . LYS A 1 97  ? 3.99333   12.43559  6.96930   1.000 10.26000 ? 97  LYS A CA    1 
ATOM   833  C  C     . LYS A 1 97  ? 4.94212   13.03702  5.93839   1.000 15.68000 ? 97  LYS A C     1 
ATOM   834  O  O     . LYS A 1 97  ? 5.84975   13.78683  6.31029   1.000 17.54000 ? 97  LYS A O     1 
ATOM   835  C  CB    . LYS A 1 97  ? 4.58849   11.19934  7.64220   1.000 11.29000 ? 97  LYS A CB    1 
ATOM   836  C  CG    . LYS A 1 97  ? 5.94695   11.37949  8.25525   1.000 13.40000 ? 97  LYS A CG    1 
ATOM   837  C  CD    . LYS A 1 97  ? 6.28497   10.17206  9.10012   1.000 11.84000 ? 97  LYS A CD    1 
ATOM   838  C  CE    . LYS A 1 97  ? 7.74423   10.21362  9.52343   1.000 18.68000 ? 97  LYS A CE    1 
ATOM   839  N  NZ    . LYS A 1 97  ? 8.11717   9.04194   10.35569  1.000 16.07000 ? 97  LYS A NZ    1 
ATOM   840  N  N     . GLU A 1 98  ? 4.75320   12.71896  4.65595   1.000 14.97000 ? 98  GLU A N     1 
ATOM   841  C  CA    . GLU A 1 98  ? 5.51850   13.30765  3.56095   1.000 15.50000 ? 98  GLU A CA    1 
ATOM   842  C  C     . GLU A 1 98  ? 4.73780   14.40952  2.84502   1.000 17.92000 ? 98  GLU A C     1 
ATOM   843  O  O     . GLU A 1 98  ? 5.09786   14.80074  1.72783   1.000 20.84000 ? 98  GLU A O     1 
ATOM   844  C  CB    . GLU A 1 98  ? 5.95471   12.21347  2.58543   1.000 15.82000 ? 98  GLU A CB    1 
ATOM   845  C  CG    . GLU A 1 98  ? 6.85117   11.20338  3.27751   1.000 17.02000 ? 98  GLU A CG    1 
ATOM   846  C  CD    . GLU A 1 98  ? 7.39691   10.12393  2.33888   1.000 19.09000 ? 98  GLU A CD    1 
ATOM   847  O  OE1   . GLU A 1 98  ? 6.85451   9.96522   1.22956   1.000 25.85000 ? 98  GLU A OE1   1 
ATOM   848  O  OE2   . GLU A 1 98  ? 8.35528   9.42228   2.72672   1.000 27.41000 ? 98  GLU A OE2   1 
ATOM   849  N  N     . GLY A 1 99  ? 3.68292   14.92161  3.47463   1.000 15.49000 ? 99  GLY A N     1 
ATOM   850  C  CA    . GLY A 1 99  ? 2.91172   16.00693  2.90240   1.000 16.46000 ? 99  GLY A CA    1 
ATOM   851  C  C     . GLY A 1 99  ? 1.93738   15.58973  1.82556   1.000 18.16000 ? 99  GLY A C     1 
ATOM   852  O  O     . GLY A 1 99  ? 1.34422   16.46192  1.17394   1.000 18.55000 ? 99  GLY A O     1 
ATOM   853  N  N     . GLN A 1 100 ? 1.76198   14.27689  1.61285   1.000 17.03000 ? 100 GLN A N     1 
ATOM   854  C  CA    . GLN A 1 100 ? 0.84726   13.69365  0.64491   1.000 16.46000 ? 100 GLN A CA    1 
ATOM   855  C  C     . GLN A 1 100 ? -0.57419  13.63443  1.21343   1.000 15.79000 ? 100 GLN A C     1 
ATOM   856  O  O     . GLN A 1 100 ? -0.76291  13.60332  2.43468   1.000 15.76000 ? 100 GLN A O     1 
ATOM   857  C  CB    . GLN A 1 100 ? 1.31223   12.28393  0.26481   1.000 14.93000 ? 100 GLN A CB    1 
ATOM   858  C  CG    . GLN A 1 100 ? 0.96040   11.21918  1.29121   1.000 14.08000 ? 100 GLN A CG    1 
ATOM   859  C  CD    . GLN A 1 100 ? 2.01974   11.04518  2.38060   1.000 14.96000 ? 100 GLN A CD    1 
ATOM   860  O  OE1   . GLN A 1 100 ? 2.53895   12.02156  2.93760   1.000 15.21000 ? 100 GLN A OE1   1 
ATOM   861  N  NE2   . GLN A 1 100 ? 2.34863   9.78480   2.68145   1.000 15.30000 ? 100 GLN A NE2   1 
ATOM   862  N  N     . PRO A 1 101 ? -1.59356  13.64341  0.35250   1.000 16.81000 ? 101 PRO A N     1 
ATOM   863  C  CA    . PRO A 1 101 ? -2.95622  13.41251  0.83987   1.000 14.31000 ? 101 PRO A CA    1 
ATOM   864  C  C     . PRO A 1 101 ? -3.06821  12.02406  1.43284   1.000 16.75000 ? 101 PRO A C     1 
ATOM   865  O  O     . PRO A 1 101 ? -2.48401  11.07141  0.91852   1.000 16.93000 ? 101 PRO A O     1 
ATOM   866  C  CB    . PRO A 1 101 ? -3.82648  13.55729  -0.41508  1.000 15.91000 ? 101 PRO A CB    1 
ATOM   867  C  CG    . PRO A 1 101 ? -2.97877  14.30884  -1.40205  1.000 18.31000 ? 101 PRO A CG    1 
ATOM   868  C  CD    . PRO A 1 101 ? -1.55413  13.91779  -1.09450  1.000 16.97000 ? 101 PRO A CD    1 
ATOM   869  N  N     . GLY A 1 102 ? -3.79267  11.92476  2.54516   1.000 15.67000 ? 102 GLY A N     1 
ATOM   870  C  CA    . GLY A 1 102 ? -4.00628  10.63845  3.17990   1.000 15.01000 ? 102 GLY A CA    1 
ATOM   871  C  C     . GLY A 1 102 ? -5.27976  10.65252  3.99647   1.000 23.09000 ? 102 GLY A C     1 
ATOM   872  O  O     . GLY A 1 102 ? -5.49456  11.58325  4.78600   1.000 21.99000 ? 102 GLY A O     1 
ATOM   873  N  N     . GLU A 1 103 ? -6.14482  9.65375   3.81551   1.000 18.54000 ? 103 GLU A N     1 
ATOM   874  C  CA    . GLU A 1 103 ? -7.35702  9.62352   4.62147   1.000 17.97000 ? 103 GLU A CA    1 
ATOM   875  C  C     . GLU A 1 103 ? -7.96653  8.22964   4.64593   1.000 16.03000 ? 103 GLU A C     1 
ATOM   876  O  O     . GLU A 1 103 ? -7.61918  7.34782   3.84586   1.000 11.80000 ? 103 GLU A O     1 
ATOM   877  C  CB    . GLU A 1 103 ? -8.38520  10.62544  4.11007   1.000 20.17000 ? 103 GLU A CB    1 
ATOM   878  C  CG    . GLU A 1 103 ? -8.98504  10.20645  2.80101   1.000 17.71000 ? 103 GLU A CG    1 
ATOM   879  C  CD    . GLU A 1 103 ? -9.76168  11.31554  2.14674   1.000 23.86000 ? 103 GLU A CD    1 
ATOM   880  O  OE1   . GLU A 1 103 ? -10.01071 12.34405  2.81401   1.000 24.44000 ? 103 GLU A OE1   1 
ATOM   881  O  OE2   . GLU A 1 103 ? -10.12538 11.15483  0.96694   1.000 23.30000 ? 103 GLU A OE2   1 
ATOM   882  N  N     . TRP A 1 104 ? -8.86436  8.04260   5.60719   1.000 14.41000 ? 104 TRP A N     1 
ATOM   883  C  CA    . TRP A 1 104 ? -9.56729  6.78290   5.77628   1.000 15.11000 ? 104 TRP A CA    1 
ATOM   884  C  C     . TRP A 1 104 ? -10.70182 6.67011   4.77085   1.000 12.53000 ? 104 TRP A C     1 
ATOM   885  O  O     . TRP A 1 104 ? -11.48170 7.60830   4.58392   1.000 15.45000 ? 104 TRP A O     1 
ATOM   886  C  CB    . TRP A 1 104 ? -10.09675 6.66017   7.19915   1.000 13.73000 ? 104 TRP A CB    1 
ATOM   887  C  CG    . TRP A 1 104 ? -8.99993  6.52690   8.18169   1.000 13.59000 ? 104 TRP A CG    1 
ATOM   888  C  CD1   . TRP A 1 104 ? -8.45823  7.52300   8.94888   1.000 16.21000 ? 104 TRP A CD1   1 
ATOM   889  C  CD2   . TRP A 1 104 ? -8.29454  5.33089   8.51449   1.000 13.83000 ? 104 TRP A CD2   1 
ATOM   890  N  NE1   . TRP A 1 104 ? -7.45620  7.01276   9.74233   1.000 14.86000 ? 104 TRP A NE1   1 
ATOM   891  C  CE2   . TRP A 1 104 ? -7.33656  5.66998   9.48968   1.000 13.62000 ? 104 TRP A CE2   1 
ATOM   892  C  CE3   . TRP A 1 104 ? -8.37179  4.00471   8.07295   1.000 14.29000 ? 104 TRP A CE3   1 
ATOM   893  C  CZ2   . TRP A 1 104 ? -6.47437  4.73307   10.04493  1.000 13.79000 ? 104 TRP A CZ2   1 
ATOM   894  C  CZ3   . TRP A 1 104 ? -7.50927  3.06804   8.63148   1.000 14.93000 ? 104 TRP A CZ3   1 
ATOM   895  C  CH2   . TRP A 1 104 ? -6.56609  3.44129   9.59776   1.000 14.68000 ? 104 TRP A CH2   1 
ATOM   896  N  N     . MET A 1 105 ? -10.76236 5.52648   4.08189   1.000 11.32000 ? 105 MET A N     1 
ATOM   897  C  CA    . MET A 1 105 ? -11.77904 5.28464   3.06966   1.000 12.42000 ? 105 MET A CA    1 
ATOM   898  C  C     . MET A 1 105 ? -12.44550 3.95103   3.34989   1.000 13.94000 ? 105 MET A C     1 
ATOM   899  O  O     . MET A 1 105 ? -11.75389 2.94364   3.52304   1.000 14.61000 ? 105 MET A O     1 
ATOM   900  C  CB    . MET A 1 105 ? -11.15023 5.27239   1.67393   1.000 13.19000 ? 105 MET A CB    1 
ATOM   901  C  CG    . MET A 1 105 ? -10.20028 6.41755   1.42353   1.000 16.16000 ? 105 MET A CG    1 
ATOM   902  S  SD    . MET A 1 105 ? -9.73188  6.50285   -0.30455  1.000 16.22000 ? 105 MET A SD    1 
ATOM   903  C  CE    . MET A 1 105 ? -8.99320  8.13005   -0.33828  1.000 17.08000 ? 105 MET A CE    1 
ATOM   904  N  N     A SER A 1 106 ? -13.77994 3.93598   3.36341   0.670 15.11000 ? 106 SER A N     1 
ATOM   905  N  N     B SER A 1 106 ? -13.77562 3.93247   3.36657   0.330 15.15000 ? 106 SER A N     1 
ATOM   906  C  CA    A SER A 1 106 ? -14.48830 2.67392   3.54144   0.670 14.53000 ? 106 SER A CA    1 
ATOM   907  C  CA    B SER A 1 106 ? -14.48740 2.67652   3.56304   0.330 14.61000 ? 106 SER A CA    1 
ATOM   908  C  C     A SER A 1 106 ? -14.05064 1.68299   2.47272   0.670 13.89000 ? 106 SER A C     1 
ATOM   909  C  C     B SER A 1 106 ? -14.11055 1.67483   2.47644   0.330 13.92000 ? 106 SER A C     1 
ATOM   910  O  O     A SER A 1 106 ? -13.89131 2.03925   1.30215   0.670 13.96000 ? 106 SER A O     1 
ATOM   911  O  O     B SER A 1 106 ? -14.05781 2.02082   1.29174   0.330 14.12000 ? 106 SER A O     1 
ATOM   912  C  CB    A SER A 1 106 ? -16.00022 2.87749   3.47282   0.670 16.38000 ? 106 SER A CB    1 
ATOM   913  C  CB    B SER A 1 106 ? -15.99281 2.91988   3.56830   0.330 16.38000 ? 106 SER A CB    1 
ATOM   914  O  OG    A SER A 1 106 ? -16.43862 3.11260   2.14131   0.670 15.79000 ? 106 SER A OG    1 
ATOM   915  O  OG    B SER A 1 106 ? -16.70466 1.72083   3.80584   0.330 17.18000 ? 106 SER A OG    1 
ATOM   916  N  N     . LEU A 1 107 ? -13.83310 0.43385   2.89055   1.000 17.17000 ? 107 LEU A N     1 
ATOM   917  C  CA    . LEU A 1 107 ? -13.44706 -0.60568  1.93680   1.000 14.85000 ? 107 LEU A CA    1 
ATOM   918  C  C     . LEU A 1 107 ? -14.47969 -0.76111  0.82955   1.000 18.34000 ? 107 LEU A C     1 
ATOM   919  O  O     . LEU A 1 107 ? -14.12171 -0.92061  -0.34572  1.000 16.15000 ? 107 LEU A O     1 
ATOM   920  C  CB    . LEU A 1 107 ? -13.26333 -1.93232  2.66958   1.000 18.08000 ? 107 LEU A CB    1 
ATOM   921  C  CG    . LEU A 1 107 ? -12.95021 -3.17236  1.83451   1.000 23.88000 ? 107 LEU A CG    1 
ATOM   922  C  CD1   . LEU A 1 107 ? -11.76085 -2.89923  0.93145   1.000 24.70000 ? 107 LEU A CD1   1 
ATOM   923  C  CD2   . LEU A 1 107 ? -12.67085 -4.35039  2.74492   1.000 24.53000 ? 107 LEU A CD2   1 
ATOM   924  N  N     . VAL A 1 108 ? -15.76550 -0.72079  1.18744   1.000 18.36000 ? 108 VAL A N     1 
ATOM   925  C  CA    . VAL A 1 108 ? -16.82188 -0.97648  0.21679   1.000 19.44000 ? 108 VAL A CA    1 
ATOM   926  C  C     . VAL A 1 108 ? -16.89488 0.14307   -0.80865  1.000 20.39000 ? 108 VAL A C     1 
ATOM   927  O  O     . VAL A 1 108 ? -17.31750 -0.07852  -1.94963  1.000 21.41000 ? 108 VAL A O     1 
ATOM   928  C  CB    . VAL A 1 108 ? -18.16789 -1.17704  0.93665   1.000 17.04000 ? 108 VAL A CB    1 
ATOM   929  C  CG1   . VAL A 1 108 ? -18.07082 -2.34981  1.90581   1.000 24.45000 ? 108 VAL A CG1   1 
ATOM   930  C  CG2   . VAL A 1 108 ? -18.58070 0.09634   1.67464   1.000 18.44000 ? 108 VAL A CG2   1 
ATOM   931  N  N     . GLY A 1 109 ? -16.48073 1.35176   -0.44224  1.000 15.51000 ? 109 GLY A N     1 
ATOM   932  C  CA    . GLY A 1 109 ? -16.51861 2.44595   -1.39039  1.000 17.87000 ? 109 GLY A CA    1 
ATOM   933  C  C     . GLY A 1 109 ? -15.30817 2.56814   -2.28564  1.000 18.07000 ? 109 GLY A C     1 
ATOM   934  O  O     . GLY A 1 109 ? -15.28895 3.44495   -3.15153  1.000 19.99000 ? 109 GLY A O     1 
ATOM   935  N  N     . LEU A 1 110 ? -14.27999 1.73164   -2.10864  1.000 17.93000 ? 110 LEU A N     1 
ATOM   936  C  CA    . LEU A 1 110 ? -13.11031 1.84312   -2.96974  1.000 18.44000 ? 110 LEU A CA    1 
ATOM   937  C  C     . LEU A 1 110 ? -13.49270 1.54022   -4.41062  1.000 18.51000 ? 110 LEU A C     1 
ATOM   938  O  O     . LEU A 1 110 ? -14.26483 0.61950   -4.68015  1.000 19.61000 ? 110 LEU A O     1 
ATOM   939  C  CB    . LEU A 1 110 ? -12.00266 0.88650   -2.51665  1.000 17.78000 ? 110 LEU A CB    1 
ATOM   940  C  CG    . LEU A 1 110 ? -11.35018 1.29241   -1.19137  1.000 15.05000 ? 110 LEU A CG    1 
ATOM   941  C  CD1   . LEU A 1 110 ? -10.17030 0.38484   -0.86421  1.000 18.13000 ? 110 LEU A CD1   1 
ATOM   942  C  CD2   . LEU A 1 110 ? -10.90419 2.74373   -1.21545  1.000 16.88000 ? 110 LEU A CD2   1 
ATOM   943  N  N     . ASN A 1 111 ? -12.96434 2.34238   -5.33116  1.000 19.78000 ? 111 ASN A N     1 
ATOM   944  C  CA    . ASN A 1 111 ? -13.15084 2.15013   -6.76479  1.000 18.92000 ? 111 ASN A CA    1 
ATOM   945  C  C     . ASN A 1 111 ? -11.79480 1.82003   -7.36707  1.000 15.91000 ? 111 ASN A C     1 
ATOM   946  O  O     . ASN A 1 111 ? -10.87437 2.64426   -7.31989  1.000 17.29000 ? 111 ASN A O     1 
ATOM   947  C  CB    . ASN A 1 111 ? -13.74771 3.39606   -7.42364  1.000 21.06000 ? 111 ASN A CB    1 
ATOM   948  C  CG    . ASN A 1 111 ? -13.98688 3.21883   -8.91406  1.000 23.33000 ? 111 ASN A CG    1 
ATOM   949  O  OD1   . ASN A 1 111 ? -13.39292 2.35360   -9.56289  1.000 24.19000 ? 111 ASN A OD1   1 
ATOM   950  N  ND2   . ASN A 1 111 ? -14.87364 4.04477   -9.46950  1.000 33.16000 ? 111 ASN A ND2   1 
ATOM   951  N  N     . ALA A 1 112 ? -11.67467 0.61728   -7.93770  1.000 17.07000 ? 112 ALA A N     1 
ATOM   952  C  CA    . ALA A 1 112 ? -10.38015 0.17799   -8.44291  1.000 16.96000 ? 112 ALA A CA    1 
ATOM   953  C  C     . ALA A 1 112 ? -9.86460  1.09146   -9.54787  1.000 16.62000 ? 112 ALA A C     1 
ATOM   954  O  O     . ALA A 1 112 ? -8.64699  1.19573   -9.74900  1.000 17.16000 ? 112 ALA A O     1 
ATOM   955  C  CB    . ALA A 1 112 ? -10.47070 -1.26779  -8.94262  1.000 23.53000 ? 112 ALA A CB    1 
ATOM   956  N  N     . ASP A 1 113 ? -10.76161 1.78167   -10.25542 1.000 16.87000 ? 113 ASP A N     1 
ATOM   957  C  CA    . ASP A 1 113 ? -10.31451 2.70460   -11.28961 1.000 18.90000 ? 113 ASP A CA    1 
ATOM   958  C  C     . ASP A 1 113 ? -9.47739  3.84307   -10.72498 1.000 14.73000 ? 113 ASP A C     1 
ATOM   959  O  O     . ASP A 1 113 ? -8.71107  4.46326   -11.47262 1.000 18.48000 ? 113 ASP A O     1 
ATOM   960  C  CB    . ASP A 1 113 ? -11.51566 3.28050   -12.04408 1.000 19.53000 ? 113 ASP A CB    1 
ATOM   961  C  CG    . ASP A 1 113 ? -12.20226 2.24647   -12.92548 1.000 25.42000 ? 113 ASP A CG    1 
ATOM   962  O  OD1   . ASP A 1 113 ? -11.50406 1.36913   -13.48049 1.000 30.00000 ? 113 ASP A OD1   1 
ATOM   963  O  OD2   . ASP A 1 113 ? -13.43835 2.31768   -13.05457 1.000 31.67000 ? 113 ASP A OD2   1 
ATOM   964  N  N     . ASP A 1 114 ? -9.62687  4.15703   -9.43606  1.000 15.44000 ? 114 ASP A N     1 
ATOM   965  C  CA    . ASP A 1 114 ? -8.87248  5.24823   -8.83330  1.000 14.81000 ? 114 ASP A CA    1 
ATOM   966  C  C     . ASP A 1 114 ? -7.44882  4.84633   -8.47440  1.000 12.49000 ? 114 ASP A C     1 
ATOM   967  O  O     . ASP A 1 114 ? -6.63887  5.72454   -8.14939  1.000 14.72000 ? 114 ASP A O     1 
ATOM   968  C  CB    . ASP A 1 114 ? -9.56817  5.76103   -7.56198  1.000 14.16000 ? 114 ASP A CB    1 
ATOM   969  C  CG    . ASP A 1 114 ? -10.92063 6.40821   -7.83299  1.000 21.71000 ? 114 ASP A CG    1 
ATOM   970  O  OD1   . ASP A 1 114 ? -11.15280 6.94201   -8.94339  1.000 24.92000 ? 114 ASP A OD1   1 
ATOM   971  O  OD2   . ASP A 1 114 ? -11.75556 6.38401   -6.90544  1.000 22.70000 ? 114 ASP A OD2   1 
ATOM   972  N  N     . PHE A 1 115 ? -7.13216  3.55765   -8.52700  1.000 11.34000 ? 115 PHE A N     1 
ATOM   973  C  CA    . PHE A 1 115 ? -5.85566  2.97886   -8.11648  1.000 13.82000 ? 115 PHE A CA    1 
ATOM   974  C  C     . PHE A 1 115 ? -5.07731  2.53394   -9.35452  1.000 13.38000 ? 115 PHE A C     1 
ATOM   975  O  O     . PHE A 1 115 ? -5.64231  2.43732   -10.45579 1.000 13.31000 ? 115 PHE A O     1 
ATOM   976  C  CB    . PHE A 1 115 ? -6.07955  1.77169   -7.18446  1.000 14.00000 ? 115 PHE A CB    1 
ATOM   977  C  CG    . PHE A 1 115 ? -6.59493  2.12799   -5.79728  1.000 13.97000 ? 115 PHE A CG    1 
ATOM   978  C  CD1   . PHE A 1 115 ? -7.92226  2.48004   -5.60135  1.000 12.00000 ? 115 PHE A CD1   1 
ATOM   979  C  CD2   . PHE A 1 115 ? -5.75139  2.07587   -4.68655  1.000 12.12000 ? 115 PHE A CD2   1 
ATOM   980  C  CE1   . PHE A 1 115 ? -8.40166  2.79056   -4.32601  1.000 14.86000 ? 115 PHE A CE1   1 
ATOM   981  C  CE2   . PHE A 1 115 ? -6.22340  2.36793   -3.42884  1.000 14.75000 ? 115 PHE A CE2   1 
ATOM   982  C  CZ    . PHE A 1 115 ? -7.55336  2.73876   -3.24710  1.000 12.76000 ? 115 PHE A CZ    1 
ATOM   983  N  N     . PRO A 1 116 ? -3.77541  2.27973   -9.22746  1.000 12.34000 ? 116 PRO A N     1 
ATOM   984  C  CA    . PRO A 1 116 ? -3.06172  1.64222   -10.32941 1.000 13.32000 ? 116 PRO A CA    1 
ATOM   985  C  C     . PRO A 1 116 ? -3.72048  0.32477   -10.68362 1.000 14.28000 ? 116 PRO A C     1 
ATOM   986  O  O     . PRO A 1 116 ? -4.29677  -0.35519  -9.81158  1.000 14.32000 ? 116 PRO A O     1 
ATOM   987  C  CB    . PRO A 1 116 ? -1.64959  1.43363   -9.76451  1.000 13.38000 ? 116 PRO A CB    1 
ATOM   988  C  CG    . PRO A 1 116 ? -1.52981  2.45499   -8.66107  1.000 15.25000 ? 116 PRO A CG    1 
ATOM   989  C  CD    . PRO A 1 116 ? -2.89553  2.51130   -8.06761  1.000 15.13000 ? 116 PRO A CD    1 
ATOM   990  N  N     . PRO A 1 117 ? -3.66636  -0.07639  -11.95477 1.000 14.44000 ? 117 PRO A N     1 
ATOM   991  C  CA    . PRO A 1 117 ? -4.44107  -1.25133  -12.37723 1.000 16.46000 ? 117 PRO A CA    1 
ATOM   992  C  C     . PRO A 1 117 ? -3.97838  -2.53566  -11.73792 1.000 14.63000 ? 117 PRO A C     1 
ATOM   993  O  O     . PRO A 1 117 ? -4.76910  -3.48389  -11.65248 1.000 17.52000 ? 117 PRO A O     1 
ATOM   994  C  CB    . PRO A 1 117 ? -4.24467  -1.28564  -13.90198 1.000 20.36000 ? 117 PRO A CB    1 
ATOM   995  C  CG    . PRO A 1 117 ? -3.13192  -0.33223  -14.19320 1.000 19.14000 ? 117 PRO A CG    1 
ATOM   996  C  CD    . PRO A 1 117 ? -3.09701  0.66412   -13.08922 1.000 18.63000 ? 117 PRO A CD    1 
ATOM   997  N  N     . ALA A 1 118 ? -2.72462  -2.59024  -11.28213 1.000 14.97000 ? 118 ALA A N     1 
ATOM   998  C  CA    . ALA A 1 118 ? -2.23483  -3.77348  -10.58866 1.000 17.36000 ? 118 ALA A CA    1 
ATOM   999  C  C     . ALA A 1 118 ? -3.03950  -4.07154  -9.33243  1.000 16.63000 ? 118 ALA A C     1 
ATOM   1000 O  O     . ALA A 1 118 ? -3.11678  -5.22777  -8.91370  1.000 19.92000 ? 118 ALA A O     1 
ATOM   1001 C  CB    . ALA A 1 118 ? -0.76461  -3.59450  -10.22953 1.000 19.59000 ? 118 ALA A CB    1 
ATOM   1002 N  N     . ASN A 1 119 ? -3.63910  -3.04967  -8.71194  1.000 13.91000 ? 119 ASN A N     1 
ATOM   1003 C  CA    . ASN A 1 119 ? -4.35801  -3.23391  -7.45896  1.000 14.90000 ? 119 ASN A CA    1 
ATOM   1004 C  C     . ASN A 1 119 ? -5.73752  -3.86385  -7.63902  1.000 18.78000 ? 119 ASN A C     1 
ATOM   1005 O  O     . ASN A 1 119 ? -6.37765  -4.21352  -6.63899  1.000 17.79000 ? 119 ASN A O     1 
ATOM   1006 C  CB    . ASN A 1 119 ? -4.51730  -1.88277  -6.74972  1.000 13.28000 ? 119 ASN A CB    1 
ATOM   1007 C  CG    . ASN A 1 119 ? -3.18803  -1.27315  -6.29220  1.000 16.70000 ? 119 ASN A CG    1 
ATOM   1008 O  OD1   . ASN A 1 119 ? -2.14859  -1.43831  -6.92403  1.000 14.70000 ? 119 ASN A OD1   1 
ATOM   1009 N  ND2   . ASN A 1 119 ? -3.23554  -0.53643  -5.18516  1.000 13.09000 ? 119 ASN A ND2   1 
ATOM   1010 N  N     . GLU A 1 120 ? -6.21884  -4.00808  -8.87331  1.000 19.68000 ? 120 GLU A N     1 
ATOM   1011 C  CA    . GLU A 1 120 ? -7.61659  -4.39024  -9.07409  1.000 20.15000 ? 120 GLU A CA    1 
ATOM   1012 C  C     . GLU A 1 120 ? -7.99183  -5.71097  -8.40897  1.000 15.30000 ? 120 GLU A C     1 
ATOM   1013 O  O     . GLU A 1 120 ? -9.01077  -5.74633  -7.69723  1.000 23.53000 ? 120 GLU A O     1 
ATOM   1014 C  CB    . GLU A 1 120 ? -7.93639  -4.40609  -10.57061 1.000 26.20000 ? 120 GLU A CB    1 
ATOM   1015 C  CG    . GLU A 1 120 ? -9.42237  -4.56486  -10.83632 1.000 32.89000 ? 120 GLU A CG    1 
ATOM   1016 C  CD    . GLU A 1 120 ? -9.92303  -3.66871  -11.95388 1.000 36.10000 ? 120 GLU A CD    1 
ATOM   1017 O  OE1   . GLU A 1 120 ? -9.47415  -2.50121  -12.04902 1.000 45.12000 ? 120 GLU A OE1   1 
ATOM   1018 O  OE2   . GLU A 1 120 ? -10.76801 -4.13880  -12.73920 1.000 46.11000 ? 120 GLU A OE2   1 
ATOM   1019 N  N     . PRO A 1 121 ? -7.25078  -6.81328  -8.58215  1.000 20.69000 ? 121 PRO A N     1 
ATOM   1020 C  CA    . PRO A 1 121 ? -7.66361  -8.05585  -7.91013  1.000 22.98000 ? 121 PRO A CA    1 
ATOM   1021 C  C     . PRO A 1 121 ? -7.55644  -7.98174  -6.39822  1.000 20.92000 ? 121 PRO A C     1 
ATOM   1022 O  O     . PRO A 1 121 ? -8.35163  -8.62941  -5.70516  1.000 20.93000 ? 121 PRO A O     1 
ATOM   1023 C  CB    . PRO A 1 121 ? -6.71517  -9.10782  -8.50009  1.000 19.72000 ? 121 PRO A CB    1 
ATOM   1024 C  CG    . PRO A 1 121 ? -5.51903  -8.34538  -8.89909  1.000 24.49000 ? 121 PRO A CG    1 
ATOM   1025 C  CD    . PRO A 1 121 ? -6.02974  -7.01267  -9.37992  1.000 17.34000 ? 121 PRO A CD    1 
ATOM   1026 N  N     . VAL A 1 122 ? -6.61061  -7.20047  -5.87150  1.000 19.20000 ? 122 VAL A N     1 
ATOM   1027 C  CA    . VAL A 1 122 ? -6.46888  -7.04835  -4.42422  1.000 16.67000 ? 122 VAL A CA    1 
ATOM   1028 C  C     . VAL A 1 122 ? -7.66682  -6.31581  -3.83545  1.000 16.92000 ? 122 VAL A C     1 
ATOM   1029 O  O     . VAL A 1 122 ? -8.21299  -6.71543  -2.79579  1.000 19.17000 ? 122 VAL A O     1 
ATOM   1030 C  CB    . VAL A 1 122 ? -5.15606  -6.31797  -4.09066  1.000 15.80000 ? 122 VAL A CB    1 
ATOM   1031 C  CG1   . VAL A 1 122 ? -5.07739  -6.02261  -2.60345  1.000 20.21000 ? 122 VAL A CG1   1 
ATOM   1032 C  CG2   . VAL A 1 122 ? -3.97010  -7.15514  -4.53248  1.000 18.47000 ? 122 VAL A CG2   1 
ATOM   1033 N  N     . ILE A 1 123 ? -8.07436  -5.21361  -4.46815  1.000 18.40000 ? 123 ILE A N     1 
ATOM   1034 C  CA    . ILE A 1 123 ? -9.25608  -4.49275  -4.00418  1.000 21.51000 ? 123 ILE A CA    1 
ATOM   1035 C  C     . ILE A 1 123 ? -10.47236 -5.40191  -4.05360  1.000 18.44000 ? 123 ILE A C     1 
ATOM   1036 O  O     . ILE A 1 123 ? -11.25613 -5.47031  -3.09703  1.000 19.45000 ? 123 ILE A O     1 
ATOM   1037 C  CB    . ILE A 1 123 ? -9.44563  -3.20580  -4.83098  1.000 19.65000 ? 123 ILE A CB    1 
ATOM   1038 C  CG1   . ILE A 1 123 ? -8.30906  -2.23682  -4.50428  1.000 22.07000 ? 123 ILE A CG1   1 
ATOM   1039 C  CG2   . ILE A 1 123 ? -10.78653 -2.55306  -4.53982  1.000 18.28000 ? 123 ILE A CG2   1 
ATOM   1040 C  CD1   . ILE A 1 123 ? -8.25049  -1.02773  -5.38301  1.000 21.73000 ? 123 ILE A CD1   1 
ATOM   1041 N  N     . ALA A 1 124 ? -10.61366 -6.16227  -5.14528  1.000 21.41000 ? 124 ALA A N     1 
ATOM   1042 C  CA    . ALA A 1 124 ? -11.70629 -7.11982  -5.25608  1.000 21.00000 ? 124 ALA A CA    1 
ATOM   1043 C  C     . ALA A 1 124 ? -11.62789 -8.18282  -4.16609  1.000 22.56000 ? 124 ALA A C     1 
ATOM   1044 O  O     . ALA A 1 124 ? -12.65227 -8.58446  -3.60174  1.000 22.30000 ? 124 ALA A O     1 
ATOM   1045 C  CB    . ALA A 1 124 ? -11.68561 -7.76550  -6.63851  1.000 25.45000 ? 124 ALA A CB    1 
ATOM   1046 N  N     . LYS A 1 125 ? -10.41609 -8.63085  -3.83460  1.000 19.81000 ? 125 LYS A N     1 
ATOM   1047 C  CA    . LYS A 1 125 ? -10.26687 -9.64855  -2.79900  1.000 23.20000 ? 125 LYS A CA    1 
ATOM   1048 C  C     . LYS A 1 125 ? -10.62970 -9.09275  -1.42766  1.000 27.26000 ? 125 LYS A C     1 
ATOM   1049 O  O     . LYS A 1 125 ? -11.34571 -9.74293  -0.65593  1.000 25.08000 ? 125 LYS A O     1 
ATOM   1050 C  CB    . LYS A 1 125 ? -8.83944  -10.19162 -2.80841  1.000 24.30000 ? 125 LYS A CB    1 
ATOM   1051 C  CG    . LYS A 1 125 ? -8.64413  -11.43697 -1.96644  1.000 34.17000 ? 125 LYS A CG    1 
ATOM   1052 C  CD    . LYS A 1 125 ? -7.19789  -11.90522 -2.01736  1.000 41.37000 ? 125 LYS A CD    1 
ATOM   1053 C  CE    . LYS A 1 125 ? -6.94651  -13.04573 -1.04880  1.000 38.08000 ? 125 LYS A CE    1 
ATOM   1054 N  NZ    . LYS A 1 125 ? -5.53103  -13.50148 -1.10448  1.000 37.77000 ? 125 LYS A NZ    1 
ATOM   1055 N  N     . LEU A 1 126 ? -10.13924 -7.88786  -1.10862  1.000 21.86000 ? 126 LEU A N     1 
ATOM   1056 C  CA    . LEU A 1 126 ? -10.46401 -7.24840  0.16600   1.000 25.58000 ? 126 LEU A CA    1 
ATOM   1057 C  C     . LEU A 1 126 ? -11.96874 -7.13602  0.37387   1.000 26.15000 ? 126 LEU A C     1 
ATOM   1058 O  O     . LEU A 1 126 ? -12.46707 -7.34273  1.48704   1.000 29.34000 ? 126 LEU A O     1 
ATOM   1059 C  CB    . LEU A 1 126 ? -9.83199  -5.85817  0.23614   1.000 23.72000 ? 126 LEU A CB    1 
ATOM   1060 C  CG    . LEU A 1 126 ? -8.33866  -5.66171  0.47186   1.000 24.53000 ? 126 LEU A CG    1 
ATOM   1061 C  CD1   . LEU A 1 126 ? -7.95560  -4.24213  0.09159   1.000 23.78000 ? 126 LEU A CD1   1 
ATOM   1062 C  CD2   . LEU A 1 126 ? -7.97226  -5.93088  1.92726   1.000 20.82000 ? 126 LEU A CD2   1 
ATOM   1063 N  N     . LYS A 1 127 ? -12.71316 -6.82354  -0.68820  1.000 25.58000 ? 127 LYS A N     1 
ATOM   1064 C  CA    . LYS A 1 127 ? -14.15152 -6.61642  -0.55858  1.000 29.67000 ? 127 LYS A CA    1 
ATOM   1065 C  C     . LYS A 1 127 ? -14.91889 -7.89926  -0.27905  1.000 32.71000 ? 127 LYS A C     1 
ATOM   1066 O  O     . LYS A 1 127 ? -16.11661 -7.82808  0.01737   1.000 37.01000 ? 127 LYS A O     1 
ATOM   1067 C  CB    . LYS A 1 127 ? -14.70441 -5.95808  -1.81910  1.000 30.57000 ? 127 LYS A CB    1 
ATOM   1068 C  CG    . LYS A 1 127 ? -14.20611 -4.54501  -2.04570  1.000 23.19000 ? 127 LYS A CG    1 
ATOM   1069 C  CD    . LYS A 1 127 ? -14.86599 -3.96238  -3.28477  1.000 28.51000 ? 127 LYS A CD    1 
ATOM   1070 C  CE    . LYS A 1 127 ? -14.50465 -2.50586  -3.47013  1.000 30.93000 ? 127 LYS A CE    1 
ATOM   1071 N  NZ    . LYS A 1 127 ? -15.23313 -1.93300  -4.62728  1.000 32.45000 ? 127 LYS A NZ    1 
ATOM   1072 N  N     . ARG A 1 128 ? -14.27491 -9.05999  -0.37229  1.000 32.74000 ? 128 ARG A N     1 
ATOM   1073 C  CA    . ARG A 1 128 ? -14.89705 -10.32845 -0.02698  1.000 38.46000 ? 128 ARG A CA    1 
ATOM   1074 C  C     . ARG A 1 128 ? -14.51068 -10.80827 1.36324   1.000 40.51000 ? 128 ARG A C     1 
ATOM   1075 O  O     . ARG A 1 128 ? -14.92244 -11.90141 1.76363   1.000 50.62000 ? 128 ARG A O     1 
ATOM   1076 C  CB    . ARG A 1 128 ? -14.53747 -11.39254 -1.06798  1.000 35.76000 ? 128 ARG A CB    1 
ATOM   1077 C  CG    . ARG A 1 128 ? -14.83670 -10.95667 -2.49216  1.000 39.94000 ? 128 ARG A CG    1 
ATOM   1078 C  CD    . ARG A 1 128 ? -14.94028 -12.14072 -3.42505  1.000 44.35000 ? 128 ARG A CD    1 
ATOM   1079 N  NE    . ARG A 1 128 ? -15.84615 -13.15773 -2.89873  1.000 51.89000 ? 128 ARG A NE    1 
ATOM   1080 C  CZ    . ARG A 1 128 ? -17.17263 -13.08627 -2.95716  1.000 51.83000 ? 128 ARG A CZ    1 
ATOM   1081 N  NH1   . ARG A 1 128 ? -17.76323 -12.03827 -3.51721  1.000 48.18000 ? 128 ARG A NH1   1 
ATOM   1082 N  NH2   . ARG A 1 128 ? -17.91105 -14.06388 -2.44943  1.000 50.54000 ? 128 ARG A NH2   1 
ATOM   1083 N  N     . LEU A 1 129 ? -13.73340 -10.02157 2.10199   1.000 39.88000 ? 129 LEU A N     1 
ATOM   1084 C  CA    . LEU A 1 129 ? -13.37745 -10.34314 3.47967   1.000 48.18000 ? 129 LEU A CA    1 
ATOM   1085 C  C     . LEU A 1 129 ? -14.57215 -10.15752 4.41131   1.000 54.04000 ? 129 LEU A C     1 
ATOM   1086 O  O     . LEU A 1 129 ? -15.50134 -9.40555  4.10518   1.000 46.53000 ? 129 LEU A O     1 
ATOM   1087 C  CB    . LEU A 1 129 ? -12.21241 -9.47103  3.94829   1.000 46.47000 ? 129 LEU A CB    1 
ATOM   1088 C  CG    . LEU A 1 129 ? -10.91086 -9.62007  3.16254   1.000 38.26000 ? 129 LEU A CG    1 
ATOM   1089 C  CD1   . LEU A 1 129 ? -9.87615  -8.61857  3.65229   1.000 37.92000 ? 129 LEU A CD1   1 
ATOM   1090 C  CD2   . LEU A 1 129 ? -10.39109 -11.04801 3.26625   1.000 44.73000 ? 129 LEU A CD2   1 
ATOM   1091 O  OXT   . LEU A 1 129 ? -14.62802 -10.74916 5.49356   1.000 60.97000 ? 129 LEU A OXT   1 
HETATM 1092 P  PG    A 8DG B 2 .   ? 11.32910  6.56334   -3.98628  0.600 41.47000 ? 201 8DG A PG    1 
HETATM 1093 P  PG    B 8DG B 2 .   ? 11.13782  6.61090   -4.18807  0.400 41.23000 ? 201 8DG A PG    1 
HETATM 1094 O  O1G   A 8DG B 2 .   ? 12.41835  6.38271   -5.02051  0.600 41.06000 ? 201 8DG A O1G   1 
HETATM 1095 O  O1G   B 8DG B 2 .   ? 12.17640  6.51851   -5.28290  0.400 40.19000 ? 201 8DG A O1G   1 
HETATM 1096 O  O2G   A 8DG B 2 .   ? 11.66291  5.98238   -2.63058  0.600 40.40000 ? 201 8DG A O2G   1 
HETATM 1097 O  O2G   B 8DG B 2 .   ? 11.59044  6.05724   -2.85632  0.400 40.53000 ? 201 8DG A O2G   1 
HETATM 1098 O  O3G   A 8DG B 2 .   ? 10.73680  7.95215   -3.95201  0.600 42.71000 ? 201 8DG A O3G   1 
HETATM 1099 O  O3G   B 8DG B 2 .   ? 10.44055  7.94964   -4.11773  0.400 41.86000 ? 201 8DG A O3G   1 
HETATM 1100 O  O3B   A 8DG B 2 .   ? 10.11944  5.65707   -4.54565  0.600 28.49000 ? 201 8DG A O3B   1 
HETATM 1101 O  O3B   B 8DG B 2 .   ? 9.97768   5.61283   -4.68860  0.400 28.57000 ? 201 8DG A O3B   1 
HETATM 1102 P  PB    A 8DG B 2 .   ? 9.16737   4.76463   -3.59863  0.600 23.45000 ? 201 8DG A PB    1 
HETATM 1103 P  PB    B 8DG B 2 .   ? 9.24002   4.57097   -3.70481  0.400 23.36000 ? 201 8DG A PB    1 
HETATM 1104 O  O1B   A 8DG B 2 .   ? 9.98242   3.74373   -2.84846  0.600 22.72000 ? 201 8DG A O1B   1 
HETATM 1105 O  O1B   B 8DG B 2 .   ? 10.26633  3.69211   -3.03334  0.400 23.03000 ? 201 8DG A O1B   1 
HETATM 1106 O  O2B   A 8DG B 2 .   ? 8.20392   5.67545   -2.86326  0.600 25.40000 ? 201 8DG A O2B   1 
HETATM 1107 O  O2B   B 8DG B 2 .   ? 8.24103   5.34028   -2.86536  0.400 24.85000 ? 201 8DG A O2B   1 
HETATM 1108 O  O3A   A 8DG B 2 .   ? 8.37202   3.91577   -4.70109  0.600 21.95000 ? 201 8DG A O3A   1 
HETATM 1109 O  O3A   B 8DG B 2 .   ? 8.44849   3.61994   -4.73688  0.400 22.70000 ? 201 8DG A O3A   1 
HETATM 1110 P  PA    A 8DG B 2 .   ? 6.95123   4.29443   -5.33513  0.600 18.91000 ? 201 8DG A PA    1 
HETATM 1111 P  PA    B 8DG B 2 .   ? 7.74969   4.12650   -6.09792  0.400 20.67000 ? 201 8DG A PA    1 
HETATM 1112 O  O1A   A 8DG B 2 .   ? 5.84562   4.22531   -4.30048  0.600 17.63000 ? 201 8DG A O1A   1 
HETATM 1113 O  O1A   B 8DG B 2 .   ? 8.79759   4.70783   -7.01595  0.400 23.58000 ? 201 8DG A O1A   1 
HETATM 1114 O  O2A   A 8DG B 2 .   ? 7.13255   5.53911   -6.17257  0.600 21.86000 ? 201 8DG A O2A   1 
HETATM 1115 O  O2A   B 8DG B 2 .   ? 6.52687   4.93666   -5.73845  0.400 23.36000 ? 201 8DG A O2A   1 
HETATM 1116 O  "O5'" A 8DG B 2 .   ? 6.88293   3.06176   -6.36560  0.600 18.69000 ? 201 8DG A "O5'" 1 
HETATM 1117 O  "O5'" B 8DG B 2 .   ? 7.30286   2.70506   -6.68197  0.400 18.16000 ? 201 8DG A "O5'" 1 
HETATM 1118 C  "C5'" A 8DG B 2 .   ? 5.79084   2.15568   -6.33135  0.600 15.17000 ? 201 8DG A "C5'" 1 
HETATM 1119 C  "C5'" B 8DG B 2 .   ? 6.00345   2.19221   -6.41029  0.400 15.54000 ? 201 8DG A "C5'" 1 
HETATM 1120 C  "C4'" . 8DG B 2 .   ? 5.55474   1.53598   -7.69997  1.000 13.83000 ? 201 8DG A "C4'" 1 
HETATM 1121 O  "O4'" . 8DG B 2 .   ? 4.53568   0.57105   -7.51417  1.000 15.62000 ? 201 8DG A "O4'" 1 
HETATM 1122 C  "C3'" . 8DG B 2 .   ? 5.00569   2.56411   -8.66581  1.000 14.68000 ? 201 8DG A "C3'" 1 
HETATM 1123 O  "O3'" . 8DG B 2 .   ? 5.37727   2.12385   -9.97062  1.000 15.74000 ? 201 8DG A "O3'" 1 
HETATM 1124 C  "C2'" . 8DG B 2 .   ? 3.50848   2.44671   -8.50005  1.000 14.23000 ? 201 8DG A "C2'" 1 
HETATM 1125 C  "C1'" . 8DG B 2 .   ? 3.36100   0.95934   -8.20003  1.000 15.84000 ? 201 8DG A "C1'" 1 
HETATM 1126 N  N9    . 8DG B 2 .   ? 2.16560   0.71500   -7.38085  1.000 13.37000 ? 201 8DG A N9    1 
HETATM 1127 C  C8    . 8DG B 2 .   ? 1.07560   0.06246   -7.75643  1.000 13.12000 ? 201 8DG A C8    1 
HETATM 1128 N  N7    . 8DG B 2 .   ? 0.11607   -0.02754  -6.82580  1.000 12.34000 ? 201 8DG A N7    1 
HETATM 1129 C  C5    . 8DG B 2 .   ? 0.68363   0.61157   -5.76678  1.000 12.03000 ? 201 8DG A C5    1 
HETATM 1130 C  C6    . 8DG B 2 .   ? 0.21207   0.90512   -4.40134  1.000 13.78000 ? 201 8DG A C6    1 
HETATM 1131 O  O6    . 8DG B 2 .   ? -0.92624  0.54916   -4.00312  1.000 13.99000 ? 201 8DG A O6    1 
HETATM 1132 N  N1    . 8DG B 2 .   ? 1.06006   1.56890   -3.58690  1.000 11.73000 ? 201 8DG A N1    1 
HETATM 1133 C  C2    . 8DG B 2 .   ? 2.28512   1.97737   -3.99761  1.000 11.99000 ? 201 8DG A C2    1 
HETATM 1134 N  N2    . 8DG B 2 .   ? 3.10902   2.63351   -3.15643  1.000 14.00000 ? 201 8DG A N2    1 
HETATM 1135 N  N3    . 8DG B 2 .   ? 2.73549   1.73208   -5.24593  1.000 12.12000 ? 201 8DG A N3    1 
HETATM 1136 C  C4    . 8DG B 2 .   ? 1.95578   1.05989   -6.12055  1.000 12.14000 ? 201 8DG A C4    1 
HETATM 1137 O  O8    . 8DG B 2 .   ? 0.94796   -0.41692  -8.93778  1.000 14.56000 ? 201 8DG A O8    1 
HETATM 1138 NA NA    . NA  C 3 .   ? 5.91569   5.24498   -2.17642  1.000 25.65000 ? 202 NA  A NA    1 
HETATM 1139 NA NA    . NA  D 3 .   ? 11.24566  4.29535   -0.95480  1.000 26.63000 ? 203 NA  A NA    1 
HETATM 1140 S  S     . SO4 E 4 .   ? 6.01384   -7.89643  14.43638  0.610 32.74000 ? 204 SO4 A S     1 
HETATM 1141 O  O1    . SO4 E 4 .   ? 4.89868   -7.82305  15.37727  0.610 28.07000 ? 204 SO4 A O1    1 
HETATM 1142 O  O2    . SO4 E 4 .   ? 7.07883   -7.01972  14.91645  0.610 33.35000 ? 204 SO4 A O2    1 
HETATM 1143 O  O3    . SO4 E 4 .   ? 6.49740   -9.27443  14.36080  0.610 31.44000 ? 204 SO4 A O3    1 
HETATM 1144 O  O4    . SO4 E 4 .   ? 5.60789   -7.46235  13.10170  0.610 31.03000 ? 204 SO4 A O4    1 
HETATM 1145 O  O     . HOH F 5 .   ? 7.12577   8.48130   -0.51862  1.000 35.08000 ? 301 HOH A O     1 
HETATM 1146 O  O     . HOH F 5 .   ? -7.70184  7.26224   -12.00017 1.000 38.27000 ? 302 HOH A O     1 
HETATM 1147 O  O     . HOH F 5 .   ? -14.62870 4.83126   11.61710  1.000 33.27000 ? 303 HOH A O     1 
HETATM 1148 O  O     . HOH F 5 .   ? 4.43256   6.02161   15.41186  1.000 33.20000 ? 304 HOH A O     1 
HETATM 1149 O  O     . HOH F 5 .   ? 7.07449   7.75945   -5.16577  1.000 33.73000 ? 305 HOH A O     1 
HETATM 1150 O  O     . HOH F 5 .   ? 4.93557   -10.90970 13.41988  1.000 39.68000 ? 306 HOH A O     1 
HETATM 1151 O  O     . HOH F 5 .   ? -10.48482 -4.49883  -15.15989 1.000 42.20000 ? 307 HOH A O     1 
HETATM 1152 O  O     . HOH F 5 .   ? 4.59225   2.85704   -16.94200 1.000 22.25000 ? 308 HOH A O     1 
HETATM 1153 O  O     . HOH F 5 .   ? -4.93463  -6.98601  21.83135  1.000 32.78000 ? 309 HOH A O     1 
HETATM 1154 O  O     . HOH F 5 .   ? -0.39215  -14.39561 -3.48821  1.000 35.05000 ? 310 HOH A O     1 
HETATM 1155 O  O     . HOH F 5 .   ? 4.30601   -9.51662  17.13993  1.000 30.67000 ? 311 HOH A O     1 
HETATM 1156 O  O     . HOH F 5 .   ? 1.93203   7.23851   1.10474   1.000 19.12000 ? 312 HOH A O     1 
HETATM 1157 O  O     . HOH F 5 .   ? 7.04149   -4.43928  13.12212  1.000 25.69000 ? 313 HOH A O     1 
HETATM 1158 O  O     . HOH F 5 .   ? -7.40090  -3.01253  12.61604  1.000 27.49000 ? 314 HOH A O     1 
HETATM 1159 O  O     . HOH F 5 .   ? 16.62869  -0.37777  3.75585   1.000 21.38000 ? 315 HOH A O     1 
HETATM 1160 O  O     A HOH F 5 .   ? -2.06762  -10.96201 11.72700  0.540 28.02000 ? 316 HOH A O     1 
HETATM 1161 O  O     . HOH F 5 .   ? -16.20142 6.55607   9.81766   1.000 30.85000 ? 317 HOH A O     1 
HETATM 1162 O  O     . HOH F 5 .   ? 9.51121   7.49122   1.50737   1.000 20.50000 ? 318 HOH A O     1 
HETATM 1163 O  O     . HOH F 5 .   ? -8.26011  7.80794   13.40694  1.000 27.15000 ? 319 HOH A O     1 
HETATM 1164 O  O     . HOH F 5 .   ? 15.33155  5.10516   0.68128   1.000 39.80000 ? 320 HOH A O     1 
HETATM 1165 O  O     . HOH F 5 .   ? -16.43429 -0.80741  4.22572   1.000 26.26000 ? 321 HOH A O     1 
HETATM 1166 O  O     . HOH F 5 .   ? 8.86720   5.54878   -0.26119  1.000 25.81000 ? 322 HOH A O     1 
HETATM 1167 O  O     . HOH F 5 .   ? 20.47046  -1.01568  0.33448   1.000 34.91000 ? 323 HOH A O     1 
HETATM 1168 O  O     . HOH F 5 .   ? -16.63866 5.53566   1.17677   1.000 18.01000 ? 324 HOH A O     1 
HETATM 1169 O  O     . HOH F 5 .   ? 1.79019   8.55058   13.80372  1.000 18.88000 ? 325 HOH A O     1 
HETATM 1170 O  O     . HOH F 5 .   ? -0.99049  -0.82661  -17.53904 1.000 36.40000 ? 326 HOH A O     1 
HETATM 1171 O  O     . HOH F 5 .   ? 14.76118  -1.76848  6.65149   1.000 22.73000 ? 327 HOH A O     1 
HETATM 1172 O  O     . HOH F 5 .   ? 6.91288   -13.62392 7.01335   1.000 21.02000 ? 328 HOH A O     1 
HETATM 1173 O  O     A HOH F 5 .   ? -2.46991  -8.78752  13.58186  0.410 29.20000 ? 329 HOH A O     1 
HETATM 1174 O  O     . HOH F 5 .   ? -20.33726 -13.07807 -2.90757  1.000 35.74000 ? 330 HOH A O     1 
HETATM 1175 O  O     . HOH F 5 .   ? 1.55340   9.38888   -1.63231  1.000 32.28000 ? 331 HOH A O     1 
HETATM 1176 O  O     . HOH F 5 .   ? 6.34048   4.38750   14.00973  1.000 28.90000 ? 332 HOH A O     1 
HETATM 1177 O  O     . HOH F 5 .   ? 17.55237  -7.88793  5.84512   1.000 16.89000 ? 333 HOH A O     1 
HETATM 1178 O  O     . HOH F 5 .   ? 18.71075  -0.84993  -2.52625  1.000 34.50000 ? 334 HOH A O     1 
HETATM 1179 O  O     . HOH F 5 .   ? 12.39283  5.20081   0.97868   1.000 23.89000 ? 335 HOH A O     1 
HETATM 1180 O  O     . HOH F 5 .   ? -16.74046 -15.95466 -3.95955  1.000 40.06000 ? 336 HOH A O     1 
HETATM 1181 O  O     . HOH F 5 .   ? -1.74750  8.07601   -13.52611 1.000 25.54000 ? 337 HOH A O     1 
HETATM 1182 O  O     . HOH F 5 .   ? -16.53215 1.15352   6.43288   1.000 28.45000 ? 338 HOH A O     1 
HETATM 1183 O  O     . HOH F 5 .   ? 5.41847   -3.11416  -21.05172 1.000 26.58000 ? 339 HOH A O     1 
HETATM 1184 O  O     A HOH F 5 .   ? -1.13052  -6.21644  11.33748  0.660 19.64000 ? 340 HOH A O     1 
HETATM 1185 O  O     . HOH F 5 .   ? -8.97668  -11.10319 -6.63703  1.000 35.10000 ? 341 HOH A O     1 
HETATM 1186 O  O     . HOH F 5 .   ? 12.96625  2.54258   -0.95550  1.000 20.73000 ? 342 HOH A O     1 
HETATM 1187 O  O     . HOH F 5 .   ? 12.47449  -9.78784  8.00549   1.000 20.50000 ? 343 HOH A O     1 
HETATM 1188 O  O     . HOH F 5 .   ? 9.31613   10.60922  6.10575   1.000 22.31000 ? 344 HOH A O     1 
HETATM 1189 O  O     A HOH F 5 .   ? 8.36369   5.14827   -8.57313  0.930 28.42000 ? 345 HOH A O     1 
HETATM 1190 O  O     . HOH F 5 .   ? 3.49739   5.44650   -1.63699  1.000 24.36000 ? 346 HOH A O     1 
HETATM 1191 O  O     . HOH F 5 .   ? -3.64908  1.11080   3.14292   1.000 12.57000 ? 347 HOH A O     1 
HETATM 1192 O  O     . HOH F 5 .   ? -14.32965 -6.90504  3.43656   1.000 38.99000 ? 348 HOH A O     1 
HETATM 1193 O  O     . HOH F 5 .   ? 12.46907  0.44454   9.98494   1.000 19.62000 ? 349 HOH A O     1 
HETATM 1194 O  O     . HOH F 5 .   ? 18.71973  -2.19454  3.42492   1.000 27.03000 ? 350 HOH A O     1 
HETATM 1195 O  O     . HOH F 5 .   ? -16.80651 3.68540   6.94647   1.000 24.06000 ? 351 HOH A O     1 
HETATM 1196 O  O     . HOH F 5 .   ? -6.94587  -1.02439  -9.48182  1.000 20.88000 ? 352 HOH A O     1 
HETATM 1197 O  O     . HOH F 5 .   ? -3.42674  12.25683  6.48894   1.000 17.57000 ? 353 HOH A O     1 
HETATM 1198 O  O     . HOH F 5 .   ? -9.73707  9.92316   -7.53216  1.000 34.37000 ? 354 HOH A O     1 
HETATM 1199 O  O     . HOH F 5 .   ? -4.79211  4.67586   14.10817  1.000 30.46000 ? 355 HOH A O     1 
HETATM 1200 O  O     . HOH F 5 .   ? -3.00020  -7.84576  9.81533   1.000 27.24000 ? 356 HOH A O     1 
HETATM 1201 O  O     . HOH F 5 .   ? -11.70488 4.67127   -4.45188  1.000 22.93000 ? 357 HOH A O     1 
HETATM 1202 O  O     . HOH F 5 .   ? 21.33821  -5.40508  5.31968   1.000 20.59000 ? 358 HOH A O     1 
HETATM 1203 O  O     . HOH F 5 .   ? -3.59792  -11.65054 4.85231   1.000 26.19000 ? 359 HOH A O     1 
HETATM 1204 O  O     . HOH F 5 .   ? 12.25781  -2.03347  8.76746   1.000 17.68000 ? 360 HOH A O     1 
HETATM 1205 O  O     . HOH F 5 .   ? 8.10740   2.80826   -10.26758 1.000 21.23000 ? 361 HOH A O     1 
HETATM 1206 O  O     . HOH F 5 .   ? 4.42553   10.19709  -0.14745  1.000 32.02000 ? 362 HOH A O     1 
HETATM 1207 O  O     . HOH F 5 .   ? -2.29504  2.60002   16.75471  1.000 30.59000 ? 363 HOH A O     1 
HETATM 1208 O  O     . HOH F 5 .   ? -14.17868 4.55648   0.08401   1.000 17.28000 ? 364 HOH A O     1 
HETATM 1209 O  O     . HOH F 5 .   ? -0.91368  -13.80209 -7.39488  1.000 34.96000 ? 365 HOH A O     1 
HETATM 1210 O  O     . HOH F 5 .   ? 7.29905   7.65566   -9.11900  1.000 25.16000 ? 366 HOH A O     1 
HETATM 1211 O  O     . HOH F 5 .   ? 9.67091   -11.52811 -5.92270  1.000 25.18000 ? 367 HOH A O     1 
HETATM 1212 O  O     . HOH F 5 .   ? -1.40897  -8.99087  -11.86573 1.000 27.21000 ? 368 HOH A O     1 
HETATM 1213 O  O     . HOH F 5 .   ? -17.96314 -2.43949  -4.00160  1.000 38.34000 ? 369 HOH A O     1 
HETATM 1214 O  O     . HOH F 5 .   ? -5.37427  8.51999   11.12681  1.000 14.57000 ? 370 HOH A O     1 
HETATM 1215 O  O     . HOH F 5 .   ? -2.92142  -7.09295  -11.05955 1.000 20.70000 ? 371 HOH A O     1 
HETATM 1216 O  O     . HOH F 5 .   ? -10.86253 6.93196   -11.77882 1.000 38.21000 ? 372 HOH A O     1 
HETATM 1217 O  O     . HOH F 5 .   ? 3.74356   10.42049  -4.58860  1.000 27.55000 ? 373 HOH A O     1 
HETATM 1218 O  O     . HOH F 5 .   ? 4.41108   -9.58873  11.60835  1.000 33.78000 ? 374 HOH A O     1 
HETATM 1219 O  O     . HOH F 5 .   ? -7.04111  1.07517   -12.56363 1.000 25.98000 ? 375 HOH A O     1 
HETATM 1220 O  O     . HOH F 5 .   ? 3.27158   8.53009   -2.75386  1.000 32.67000 ? 376 HOH A O     1 
HETATM 1221 O  O     . HOH F 5 .   ? -19.27483 -9.68006  -4.19518  1.000 33.02000 ? 377 HOH A O     1 
HETATM 1222 O  O     . HOH F 5 .   ? -17.48902 0.71459   -4.73238  1.000 35.09000 ? 378 HOH A O     1 
HETATM 1223 O  O     . HOH F 5 .   ? 2.12152   -13.69856 5.93960   1.000 25.77000 ? 379 HOH A O     1 
HETATM 1224 O  O     . HOH F 5 .   ? 0.79256   -7.40870  -16.24950 1.000 25.56000 ? 380 HOH A O     1 
HETATM 1225 O  O     . HOH F 5 .   ? 0.99437   -12.11561 -10.82748 1.000 26.26000 ? 381 HOH A O     1 
HETATM 1226 O  O     . HOH F 5 .   ? 8.54808   0.63349   -23.04217 1.000 22.19000 ? 382 HOH A O     1 
HETATM 1227 O  O     . HOH F 5 .   ? 13.13482  -2.96774  -5.45457  1.000 37.72000 ? 383 HOH A O     1 
HETATM 1228 O  O     . HOH F 5 .   ? -2.75645  14.14145  4.50357   1.000 21.71000 ? 384 HOH A O     1 
HETATM 1229 O  O     . HOH F 5 .   ? -7.67021  8.40030   -8.73577  1.000 29.36000 ? 385 HOH A O     1 
HETATM 1230 O  O     . HOH F 5 .   ? 19.18751  -8.09030  -0.67942  1.000 22.46000 ? 386 HOH A O     1 
HETATM 1231 O  O     . HOH F 5 .   ? 0.15854   14.16926  -14.29816 1.000 20.01000 ? 387 HOH A O     1 
HETATM 1232 O  O     . HOH F 5 .   ? 6.64533   9.01046   12.90493  1.000 28.14000 ? 388 HOH A O     1 
HETATM 1233 O  O     . HOH F 5 .   ? -11.34322 9.08603   -5.81181  1.000 32.14000 ? 389 HOH A O     1 
HETATM 1234 O  O     . HOH F 5 .   ? -0.12205  -5.60959  -18.26152 1.000 32.37000 ? 390 HOH A O     1 
HETATM 1235 O  O     . HOH F 5 .   ? 4.68977   10.30762  12.93857  1.000 26.28000 ? 391 HOH A O     1 
HETATM 1236 O  O     . HOH F 5 .   ? 5.51838   7.52320   -2.75714  1.000 30.62000 ? 392 HOH A O     1 
HETATM 1237 O  O     . HOH F 5 .   ? 1.54938   16.45611  -6.59720  1.000 27.73000 ? 393 HOH A O     1 
HETATM 1238 O  O     . HOH F 5 .   ? 9.71168   -7.18632  -10.65606 1.000 31.44000 ? 394 HOH A O     1 
HETATM 1239 O  O     . HOH F 5 .   ? -13.81939 -1.44648  -7.59873  1.000 29.06000 ? 395 HOH A O     1 
HETATM 1240 O  O     . HOH F 5 .   ? 4.75868   -10.94417 9.66321   1.000 36.73000 ? 396 HOH A O     1 
HETATM 1241 O  O     . HOH F 5 .   ? -3.44852  -0.95323  16.12630  1.000 33.63000 ? 397 HOH A O     1 
HETATM 1242 O  O     . HOH F 5 .   ? -5.91088  10.26819  -0.01893  1.000 19.93000 ? 398 HOH A O     1 
HETATM 1243 O  O     . HOH F 5 .   ? -7.05471  11.76836  -2.00868  1.000 22.09000 ? 399 HOH A O     1 
HETATM 1244 O  O     . HOH F 5 .   ? -1.65414  16.85972  1.34417   1.000 32.08000 ? 400 HOH A O     1 
HETATM 1245 O  O     . HOH F 5 .   ? 1.05348   -2.04836  -19.74242 1.000 31.24000 ? 401 HOH A O     1 
HETATM 1246 O  O     . HOH F 5 .   ? 2.54954   6.54770   -15.03338 1.000 24.88000 ? 402 HOH A O     1 
HETATM 1247 O  O     . HOH F 5 .   ? -0.94503  13.81194  -4.33396  1.000 20.76000 ? 403 HOH A O     1 
HETATM 1248 O  O     . HOH F 5 .   ? 3.96428   11.91927  -13.91543 1.000 32.65000 ? 404 HOH A O     1 
HETATM 1249 O  O     . HOH F 5 .   ? 4.57351   16.57389  6.65713   1.000 31.05000 ? 405 HOH A O     1 
HETATM 1250 O  O     . HOH F 5 .   ? -8.57350  0.46668   14.49626  1.000 38.04000 ? 406 HOH A O     1 
HETATM 1251 O  O     . HOH F 5 .   ? 0.00735   3.55681   19.35352  1.000 38.00000 ? 407 HOH A O     1 
HETATM 1252 O  O     . HOH F 5 .   ? 9.32507   -11.68819 -8.91816  1.000 36.47000 ? 408 HOH A O     1 
HETATM 1253 O  O     . HOH F 5 .   ? -17.25110 5.96370   -2.89918  1.000 31.86000 ? 409 HOH A O     1 
HETATM 1254 O  O     . HOH F 5 .   ? 7.34152   12.02526  -7.61638  1.000 38.88000 ? 410 HOH A O     1 
HETATM 1255 O  O     . HOH F 5 .   ? 15.71289  -5.62670  -3.06920  1.000 29.08000 ? 411 HOH A O     1 
HETATM 1256 O  O     . HOH F 5 .   ? 18.42861  -4.91061  7.29653   1.000 25.72000 ? 412 HOH A O     1 
HETATM 1257 O  O     . HOH F 5 .   ? -6.84015  12.55792  1.60039   1.000 28.44000 ? 413 HOH A O     1 
HETATM 1258 O  O     . HOH F 5 .   ? 9.41770   -6.61147  9.87609   1.000 25.16000 ? 414 HOH A O     1 
HETATM 1259 O  O     . HOH F 5 .   ? 0.99757   8.32510   -14.92234 1.000 34.35000 ? 415 HOH A O     1 
HETATM 1260 O  O     . HOH F 5 .   ? -0.06497  -14.65650 5.31446   1.000 38.69000 ? 416 HOH A O     1 
HETATM 1261 O  O     . HOH F 5 .   ? 18.88855  -2.91817  5.78977   1.000 38.12000 ? 417 HOH A O     1 
HETATM 1262 O  O     . HOH F 5 .   ? -5.60588  14.90603  2.77016   1.000 35.30000 ? 418 HOH A O     1 
HETATM 1263 O  O     . HOH F 5 .   ? -4.16196  9.49473   -14.24971 1.000 30.15000 ? 419 HOH A O     1 
HETATM 1264 O  O     . HOH F 5 .   ? 9.42332   13.11588  6.82577   1.000 37.99000 ? 420 HOH A O     1 
HETATM 1265 O  O     . HOH F 5 .   ? 1.72425   -11.68176 -14.19861 1.000 44.93000 ? 421 HOH A O     1 
HETATM 1266 O  O     . HOH F 5 .   ? -12.66517 5.82055   -1.86601  1.000 31.29000 ? 422 HOH A O     1 
HETATM 1267 O  O     . HOH F 5 .   ? -1.77374  16.76911  4.29687   1.000 29.94000 ? 423 HOH A O     1 
HETATM 1268 O  O     . HOH F 5 .   ? 16.41313  -3.22383  8.07274   1.000 31.52000 ? 424 HOH A O     1 
HETATM 1269 O  O     . HOH F 5 .   ? 2.65294   -2.41391  -21.90763 1.000 31.38000 ? 425 HOH A O     1 
HETATM 1270 O  O     . HOH F 5 .   ? -16.15912 -0.07953  -8.11585  1.000 38.35000 ? 426 HOH A O     1 
HETATM 1271 O  O     . HOH F 5 .   ? 4.05202   -13.01217 7.45328   1.000 28.18000 ? 427 HOH A O     1 
HETATM 1272 O  O     . HOH F 5 .   ? 2.80382   4.92873   -17.54146 1.000 26.14000 ? 428 HOH A O     1 
HETATM 1273 O  O     . HOH F 5 .   ? 17.01029  0.70106   6.20884   1.000 26.39000 ? 429 HOH A O     1 
HETATM 1274 O  O     . HOH F 5 .   ? -0.72095  1.64242   -16.57670 1.000 30.63000 ? 430 HOH A O     1 
HETATM 1275 O  O     . HOH F 5 .   ? 6.95998   -10.48843 9.93955   1.000 33.34000 ? 431 HOH A O     1 
HETATM 1276 O  O     . HOH F 5 .   ? 15.73122  2.78190   7.55709   1.000 22.87000 ? 432 HOH A O     1 
HETATM 1277 O  O     . HOH F 5 .   ? 6.45050   10.95833  -5.42272  1.000 34.90000 ? 433 HOH A O     1 
HETATM 1278 O  O     . HOH F 5 .   ? -3.25668  3.09157   -15.72005 1.000 33.32000 ? 434 HOH A O     1 
# 
loop_
_pdbx_poly_seq_scheme.asym_id 
_pdbx_poly_seq_scheme.entity_id 
_pdbx_poly_seq_scheme.seq_id 
_pdbx_poly_seq_scheme.mon_id 
_pdbx_poly_seq_scheme.ndb_seq_num 
_pdbx_poly_seq_scheme.pdb_seq_num 
_pdbx_poly_seq_scheme.auth_seq_num 
_pdbx_poly_seq_scheme.pdb_mon_id 
_pdbx_poly_seq_scheme.auth_mon_id 
_pdbx_poly_seq_scheme.pdb_strand_id 
_pdbx_poly_seq_scheme.pdb_ins_code 
_pdbx_poly_seq_scheme.hetero 
A 1 1   MET 1   1   1   MET MET A . n 
A 1 2   LYS 2   2   2   LYS LYS A . n 
A 1 3   LYS 3   3   3   LYS LYS A . n 
A 1 4   LEU 4   4   4   LEU LEU A . n 
A 1 5   GLN 5   5   5   GLN GLN A . n 
A 1 6   ILE 6   6   6   ILE ILE A . n 
A 1 7   ALA 7   7   7   ALA ALA A . n 
A 1 8   VAL 8   8   8   VAL VAL A . n 
A 1 9   GLY 9   9   9   GLY GLY A . n 
A 1 10  ILE 10  10  10  ILE ILE A . n 
A 1 11  ILE 11  11  11  ILE ILE A . n 
A 1 12  ARG 12  12  12  ARG ARG A . n 
A 1 13  ASN 13  13  13  ASN ASN A . n 
A 1 14  GLU 14  14  14  GLU GLU A . n 
A 1 15  ASN 15  15  15  ASN ASN A . n 
A 1 16  ASN 16  16  16  ASN ASN A . n 
A 1 17  GLU 17  17  17  GLU GLU A . n 
A 1 18  ILE 18  18  18  ILE ILE A . n 
A 1 19  PHE 19  19  19  PHE PHE A . n 
A 1 20  ILE 20  20  20  ILE ILE A . n 
A 1 21  THR 21  21  21  THR THR A . n 
A 1 22  ARG 22  22  22  ARG ARG A . n 
A 1 23  ARG 23  23  23  ARG ARG A . n 
A 1 24  ALA 24  24  24  ALA ALA A . n 
A 1 25  ALA 25  25  25  ALA ALA A . n 
A 1 26  ASP 26  26  26  ASP ASP A . n 
A 1 27  ALA 27  27  27  ALA ALA A . n 
A 1 28  HIS 28  28  28  HIS HIS A . n 
A 1 29  MET 29  29  29  MET MET A . n 
A 1 30  ALA 30  30  30  ALA ALA A . n 
A 1 31  ASN 31  31  31  ASN ASN A . n 
A 1 32  LYS 32  32  32  LYS LYS A . n 
A 1 33  LEU 33  33  33  LEU LEU A . n 
A 1 34  GLU 34  34  34  GLU GLU A . n 
A 1 35  PHE 35  35  35  PHE PHE A . n 
A 1 36  PRO 36  36  36  PRO PRO A . n 
A 1 37  GLY 37  37  37  GLY GLY A . n 
A 1 38  GLY 38  38  38  GLY GLY A . n 
A 1 39  LYS 39  39  39  LYS LYS A . n 
A 1 40  ILE 40  40  40  ILE ILE A . n 
A 1 41  GLU 41  41  41  GLU GLU A . n 
A 1 42  MET 42  42  42  MET MET A . n 
A 1 43  GLY 43  43  43  GLY GLY A . n 
A 1 44  GLU 44  44  44  GLU GLU A . n 
A 1 45  THR 45  45  45  THR THR A . n 
A 1 46  PRO 46  46  46  PRO PRO A . n 
A 1 47  GLU 47  47  47  GLU GLU A . n 
A 1 48  GLN 48  48  48  GLN GLN A . n 
A 1 49  ALA 49  49  49  ALA ALA A . n 
A 1 50  VAL 50  50  50  VAL VAL A . n 
A 1 51  VAL 51  51  51  VAL VAL A . n 
A 1 52  ARG 52  52  52  ARG ARG A . n 
A 1 53  GLU 53  53  53  GLU GLU A . n 
A 1 54  LEU 54  54  54  LEU LEU A . n 
A 1 55  GLN 55  55  55  GLN GLN A . n 
A 1 56  GLU 56  56  56  GLU GLU A . n 
A 1 57  GLU 57  57  57  GLU GLU A . n 
A 1 58  VAL 58  58  58  VAL VAL A . n 
A 1 59  GLY 59  59  59  GLY GLY A . n 
A 1 60  ILE 60  60  60  ILE ILE A . n 
A 1 61  THR 61  61  61  THR THR A . n 
A 1 62  PRO 62  62  62  PRO PRO A . n 
A 1 63  GLN 63  63  63  GLN GLN A . n 
A 1 64  HIS 64  64  64  HIS HIS A . n 
A 1 65  PHE 65  65  65  PHE PHE A . n 
A 1 66  SER 66  66  66  SER SER A . n 
A 1 67  LEU 67  67  67  LEU LEU A . n 
A 1 68  PHE 68  68  68  PHE PHE A . n 
A 1 69  GLU 69  69  69  GLU GLU A . n 
A 1 70  LYS 70  70  70  LYS LYS A . n 
A 1 71  LEU 71  71  71  LEU LEU A . n 
A 1 72  GLU 72  72  72  GLU GLU A . n 
A 1 73  TYR 73  73  73  TYR TYR A . n 
A 1 74  GLU 74  74  74  GLU GLU A . n 
A 1 75  PHE 75  75  75  PHE PHE A . n 
A 1 76  PRO 76  76  76  PRO PRO A . n 
A 1 77  ASP 77  77  77  ASP ASP A . n 
A 1 78  ARG 78  78  78  ARG ARG A . n 
A 1 79  HIS 79  79  79  HIS HIS A . n 
A 1 80  ILE 80  80  80  ILE ILE A . n 
A 1 81  THR 81  81  81  THR THR A . n 
A 1 82  LEU 82  82  82  LEU LEU A . n 
A 1 83  TRP 83  83  83  TRP TRP A . n 
A 1 84  PHE 84  84  84  PHE PHE A . n 
A 1 85  TRP 85  85  85  TRP TRP A . n 
A 1 86  LEU 86  86  86  LEU LEU A . n 
A 1 87  VAL 87  87  87  VAL VAL A . n 
A 1 88  GLU 88  88  88  GLU GLU A . n 
A 1 89  ARG 89  89  89  ARG ARG A . n 
A 1 90  TRP 90  90  90  TRP TRP A . n 
A 1 91  GLU 91  91  91  GLU GLU A . n 
A 1 92  GLY 92  92  92  GLY GLY A . n 
A 1 93  GLU 93  93  93  GLU GLU A . n 
A 1 94  PRO 94  94  94  PRO PRO A . n 
A 1 95  TRP 95  95  95  TRP TRP A . n 
A 1 96  GLY 96  96  96  GLY GLY A . n 
A 1 97  LYS 97  97  97  LYS LYS A . n 
A 1 98  GLU 98  98  98  GLU GLU A . n 
A 1 99  GLY 99  99  99  GLY GLY A . n 
A 1 100 GLN 100 100 100 GLN GLN A . n 
A 1 101 PRO 101 101 101 PRO PRO A . n 
A 1 102 GLY 102 102 102 GLY GLY A . n 
A 1 103 GLU 103 103 103 GLU GLU A . n 
A 1 104 TRP 104 104 104 TRP TRP A . n 
A 1 105 MET 105 105 105 MET MET A . n 
A 1 106 SER 106 106 106 SER SER A . n 
A 1 107 LEU 107 107 107 LEU LEU A . n 
A 1 108 VAL 108 108 108 VAL VAL A . n 
A 1 109 GLY 109 109 109 GLY GLY A . n 
A 1 110 LEU 110 110 110 LEU LEU A . n 
A 1 111 ASN 111 111 111 ASN ASN A . n 
A 1 112 ALA 112 112 112 ALA ALA A . n 
A 1 113 ASP 113 113 113 ASP ASP A . n 
A 1 114 ASP 114 114 114 ASP ASP A . n 
A 1 115 PHE 115 115 115 PHE PHE A . n 
A 1 116 PRO 116 116 116 PRO PRO A . n 
A 1 117 PRO 117 117 117 PRO PRO A . n 
A 1 118 ALA 118 118 118 ALA ALA A . n 
A 1 119 ASN 119 119 119 ASN ASN A . n 
A 1 120 GLU 120 120 120 GLU GLU A . n 
A 1 121 PRO 121 121 121 PRO PRO A . n 
A 1 122 VAL 122 122 122 VAL VAL A . n 
A 1 123 ILE 123 123 123 ILE ILE A . n 
A 1 124 ALA 124 124 124 ALA ALA A . n 
A 1 125 LYS 125 125 125 LYS LYS A . n 
A 1 126 LEU 126 126 126 LEU LEU A . n 
A 1 127 LYS 127 127 127 LYS LYS A . n 
A 1 128 ARG 128 128 128 ARG ARG A . n 
A 1 129 LEU 129 129 129 LEU LEU A . n 
# 
_pdbx_contact_author.id                 2 
_pdbx_contact_author.email              tnaka@gpo.kumamoto-u.ac.jp 
_pdbx_contact_author.name_first         Teruya 
_pdbx_contact_author.name_last          Nakamura 
_pdbx_contact_author.name_mi            ? 
_pdbx_contact_author.role               'principal investigator/group leader' 
_pdbx_contact_author.identifier_ORCID   0000-0003-2013-3057 
# 
loop_
_pdbx_nonpoly_scheme.asym_id 
_pdbx_nonpoly_scheme.entity_id 
_pdbx_nonpoly_scheme.mon_id 
_pdbx_nonpoly_scheme.ndb_seq_num 
_pdbx_nonpoly_scheme.pdb_seq_num 
_pdbx_nonpoly_scheme.auth_seq_num 
_pdbx_nonpoly_scheme.pdb_mon_id 
_pdbx_nonpoly_scheme.auth_mon_id 
_pdbx_nonpoly_scheme.pdb_strand_id 
_pdbx_nonpoly_scheme.pdb_ins_code 
B 2 8DG 1   201 25  8DG 8GT A . 
C 3 NA  1   202 1   NA  NA  A . 
D 3 NA  1   203 2   NA  NA  A . 
E 4 SO4 1   204 1   SO4 SO4 A . 
F 5 HOH 1   301 110 HOH HOH A . 
F 5 HOH 2   302 83  HOH HOH A . 
F 5 HOH 3   303 93  HOH HOH A . 
F 5 HOH 4   304 55  HOH HOH A . 
F 5 HOH 5   305 138 HOH HOH A . 
F 5 HOH 6   306 101 HOH HOH A . 
F 5 HOH 7   307 119 HOH HOH A . 
F 5 HOH 8   308 19  HOH HOH A . 
F 5 HOH 9   309 95  HOH HOH A . 
F 5 HOH 10  310 70  HOH HOH A . 
F 5 HOH 11  311 79  HOH HOH A . 
F 5 HOH 12  312 16  HOH HOH A . 
F 5 HOH 13  313 48  HOH HOH A . 
F 5 HOH 14  314 78  HOH HOH A . 
F 5 HOH 15  315 66  HOH HOH A . 
F 5 HOH 16  316 99  HOH HOH A . 
F 5 HOH 17  317 44  HOH HOH A . 
F 5 HOH 18  318 21  HOH HOH A . 
F 5 HOH 19  319 28  HOH HOH A . 
F 5 HOH 20  320 128 HOH HOH A . 
F 5 HOH 21  321 60  HOH HOH A . 
F 5 HOH 22  322 1   HOH HOH A . 
F 5 HOH 23  323 82  HOH HOH A . 
F 5 HOH 24  324 10  HOH HOH A . 
F 5 HOH 25  325 4   HOH HOH A . 
F 5 HOH 26  326 103 HOH HOH A . 
F 5 HOH 27  327 23  HOH HOH A . 
F 5 HOH 28  328 46  HOH HOH A . 
F 5 HOH 29  329 106 HOH HOH A . 
F 5 HOH 30  330 97  HOH HOH A . 
F 5 HOH 31  331 115 HOH HOH A . 
F 5 HOH 32  332 57  HOH HOH A . 
F 5 HOH 33  333 12  HOH HOH A . 
F 5 HOH 34  334 98  HOH HOH A . 
F 5 HOH 35  335 20  HOH HOH A . 
F 5 HOH 36  336 104 HOH HOH A . 
F 5 HOH 37  337 73  HOH HOH A . 
F 5 HOH 38  338 58  HOH HOH A . 
F 5 HOH 39  339 92  HOH HOH A . 
F 5 HOH 40  340 5   HOH HOH A . 
F 5 HOH 41  341 125 HOH HOH A . 
F 5 HOH 42  342 3   HOH HOH A . 
F 5 HOH 43  343 27  HOH HOH A . 
F 5 HOH 44  344 15  HOH HOH A . 
F 5 HOH 45  345 137 HOH HOH A . 
F 5 HOH 46  346 17  HOH HOH A . 
F 5 HOH 47  347 2   HOH HOH A . 
F 5 HOH 48  348 102 HOH HOH A . 
F 5 HOH 49  349 18  HOH HOH A . 
F 5 HOH 50  350 42  HOH HOH A . 
F 5 HOH 51  351 40  HOH HOH A . 
F 5 HOH 52  352 7   HOH HOH A . 
F 5 HOH 53  353 8   HOH HOH A . 
F 5 HOH 54  354 136 HOH HOH A . 
F 5 HOH 55  355 61  HOH HOH A . 
F 5 HOH 56  356 75  HOH HOH A . 
F 5 HOH 57  357 14  HOH HOH A . 
F 5 HOH 58  358 11  HOH HOH A . 
F 5 HOH 59  359 80  HOH HOH A . 
F 5 HOH 60  360 22  HOH HOH A . 
F 5 HOH 61  361 13  HOH HOH A . 
F 5 HOH 62  362 118 HOH HOH A . 
F 5 HOH 63  363 39  HOH HOH A . 
F 5 HOH 64  364 9   HOH HOH A . 
F 5 HOH 65  365 113 HOH HOH A . 
F 5 HOH 66  366 31  HOH HOH A . 
F 5 HOH 67  367 64  HOH HOH A . 
F 5 HOH 68  368 87  HOH HOH A . 
F 5 HOH 69  369 109 HOH HOH A . 
F 5 HOH 70  370 6   HOH HOH A . 
F 5 HOH 71  371 26  HOH HOH A . 
F 5 HOH 72  372 111 HOH HOH A . 
F 5 HOH 73  373 43  HOH HOH A . 
F 5 HOH 74  374 51  HOH HOH A . 
F 5 HOH 75  375 62  HOH HOH A . 
F 5 HOH 76  376 89  HOH HOH A . 
F 5 HOH 77  377 114 HOH HOH A . 
F 5 HOH 78  378 132 HOH HOH A . 
F 5 HOH 79  379 33  HOH HOH A . 
F 5 HOH 80  380 32  HOH HOH A . 
F 5 HOH 81  381 30  HOH HOH A . 
F 5 HOH 82  382 29  HOH HOH A . 
F 5 HOH 83  383 129 HOH HOH A . 
F 5 HOH 84  384 38  HOH HOH A . 
F 5 HOH 85  385 74  HOH HOH A . 
F 5 HOH 86  386 69  HOH HOH A . 
F 5 HOH 87  387 25  HOH HOH A . 
F 5 HOH 88  388 41  HOH HOH A . 
F 5 HOH 89  389 130 HOH HOH A . 
F 5 HOH 90  390 63  HOH HOH A . 
F 5 HOH 91  391 45  HOH HOH A . 
F 5 HOH 92  392 49  HOH HOH A . 
F 5 HOH 93  393 47  HOH HOH A . 
F 5 HOH 94  394 139 HOH HOH A . 
F 5 HOH 95  395 36  HOH HOH A . 
F 5 HOH 96  396 91  HOH HOH A . 
F 5 HOH 97  397 52  HOH HOH A . 
F 5 HOH 98  398 24  HOH HOH A . 
F 5 HOH 99  399 37  HOH HOH A . 
F 5 HOH 100 400 131 HOH HOH A . 
F 5 HOH 101 401 96  HOH HOH A . 
F 5 HOH 102 402 54  HOH HOH A . 
F 5 HOH 103 403 35  HOH HOH A . 
F 5 HOH 104 404 121 HOH HOH A . 
F 5 HOH 105 405 68  HOH HOH A . 
F 5 HOH 106 406 81  HOH HOH A . 
F 5 HOH 107 407 123 HOH HOH A . 
F 5 HOH 108 408 90  HOH HOH A . 
F 5 HOH 109 409 59  HOH HOH A . 
F 5 HOH 110 410 134 HOH HOH A . 
F 5 HOH 111 411 108 HOH HOH A . 
F 5 HOH 112 412 53  HOH HOH A . 
F 5 HOH 113 413 77  HOH HOH A . 
F 5 HOH 114 414 135 HOH HOH A . 
F 5 HOH 115 415 112 HOH HOH A . 
F 5 HOH 116 416 126 HOH HOH A . 
F 5 HOH 117 417 94  HOH HOH A . 
F 5 HOH 118 418 127 HOH HOH A . 
F 5 HOH 119 419 84  HOH HOH A . 
F 5 HOH 120 420 124 HOH HOH A . 
F 5 HOH 121 421 86  HOH HOH A . 
F 5 HOH 122 422 105 HOH HOH A . 
F 5 HOH 123 423 88  HOH HOH A . 
F 5 HOH 124 424 72  HOH HOH A . 
F 5 HOH 125 425 100 HOH HOH A . 
F 5 HOH 126 426 116 HOH HOH A . 
F 5 HOH 127 427 34  HOH HOH A . 
F 5 HOH 128 428 50  HOH HOH A . 
F 5 HOH 129 429 56  HOH HOH A . 
F 5 HOH 130 430 65  HOH HOH A . 
F 5 HOH 131 431 76  HOH HOH A . 
F 5 HOH 132 432 71  HOH HOH A . 
F 5 HOH 133 433 67  HOH HOH A . 
F 5 HOH 134 434 85  HOH HOH A . 
# 
_pdbx_struct_assembly.id                   1 
_pdbx_struct_assembly.details              author_defined_assembly 
_pdbx_struct_assembly.method_details       ? 
_pdbx_struct_assembly.oligomeric_details   monomeric 
_pdbx_struct_assembly.oligomeric_count     1 
# 
_pdbx_struct_assembly_gen.assembly_id       1 
_pdbx_struct_assembly_gen.oper_expression   1 
_pdbx_struct_assembly_gen.asym_id_list      A,B,C,D,E,F 
# 
loop_
_pdbx_struct_assembly_prop.biol_id 
_pdbx_struct_assembly_prop.type 
_pdbx_struct_assembly_prop.value 
_pdbx_struct_assembly_prop.details 
1 'ABSA (A^2)' 1260 ? 
1 MORE         -33  ? 
1 'SSA (A^2)'  6800 ? 
# 
_pdbx_struct_oper_list.id                   1 
_pdbx_struct_oper_list.type                 'identity operation' 
_pdbx_struct_oper_list.name                 1_555 
_pdbx_struct_oper_list.symmetry_operation   x,y,z 
_pdbx_struct_oper_list.matrix[1][1]         1.0000000000 
_pdbx_struct_oper_list.matrix[1][2]         0.0000000000 
_pdbx_struct_oper_list.matrix[1][3]         0.0000000000 
_pdbx_struct_oper_list.vector[1]            0.0000000000 
_pdbx_struct_oper_list.matrix[2][1]         0.0000000000 
_pdbx_struct_oper_list.matrix[2][2]         1.0000000000 
_pdbx_struct_oper_list.matrix[2][3]         0.0000000000 
_pdbx_struct_oper_list.vector[2]            0.0000000000 
_pdbx_struct_oper_list.matrix[3][1]         0.0000000000 
_pdbx_struct_oper_list.matrix[3][2]         0.0000000000 
_pdbx_struct_oper_list.matrix[3][3]         1.0000000000 
_pdbx_struct_oper_list.vector[3]            0.0000000000 
# 
loop_
_pdbx_struct_conn_angle.id 
_pdbx_struct_conn_angle.ptnr1_label_atom_id 
_pdbx_struct_conn_angle.ptnr1_label_alt_id 
_pdbx_struct_conn_angle.ptnr1_label_asym_id 
_pdbx_struct_conn_angle.ptnr1_label_comp_id 
_pdbx_struct_conn_angle.ptnr1_label_seq_id 
_pdbx_struct_conn_angle.ptnr1_auth_atom_id 
_pdbx_struct_conn_angle.ptnr1_auth_asym_id 
_pdbx_struct_conn_angle.ptnr1_auth_comp_id 
_pdbx_struct_conn_angle.ptnr1_auth_seq_id 
_pdbx_struct_conn_angle.ptnr1_PDB_ins_code 
_pdbx_struct_conn_angle.ptnr1_symmetry 
_pdbx_struct_conn_angle.ptnr2_label_atom_id 
_pdbx_struct_conn_angle.ptnr2_label_alt_id 
_pdbx_struct_conn_angle.ptnr2_label_asym_id 
_pdbx_struct_conn_angle.ptnr2_label_comp_id 
_pdbx_struct_conn_angle.ptnr2_label_seq_id 
_pdbx_struct_conn_angle.ptnr2_auth_atom_id 
_pdbx_struct_conn_angle.ptnr2_auth_asym_id 
_pdbx_struct_conn_angle.ptnr2_auth_comp_id 
_pdbx_struct_conn_angle.ptnr2_auth_seq_id 
_pdbx_struct_conn_angle.ptnr2_PDB_ins_code 
_pdbx_struct_conn_angle.ptnr2_symmetry 
_pdbx_struct_conn_angle.ptnr3_label_atom_id 
_pdbx_struct_conn_angle.ptnr3_label_alt_id 
_pdbx_struct_conn_angle.ptnr3_label_asym_id 
_pdbx_struct_conn_angle.ptnr3_label_comp_id 
_pdbx_struct_conn_angle.ptnr3_label_seq_id 
_pdbx_struct_conn_angle.ptnr3_auth_atom_id 
_pdbx_struct_conn_angle.ptnr3_auth_asym_id 
_pdbx_struct_conn_angle.ptnr3_auth_comp_id 
_pdbx_struct_conn_angle.ptnr3_auth_seq_id 
_pdbx_struct_conn_angle.ptnr3_PDB_ins_code 
_pdbx_struct_conn_angle.ptnr3_symmetry 
_pdbx_struct_conn_angle.value 
_pdbx_struct_conn_angle.value_esd 
1  O   ? A GLY 37 ? A GLY 37  ? 1_555 NA ? C NA . ? A NA 202 ? 1_555 OE2 ? A GLU 57 ? A GLU 57  ? 1_555 84.1  ? 
2  O   ? A GLY 37 ? A GLY 37  ? 1_555 NA ? C NA . ? A NA 202 ? 1_555 O2B A B 8DG .  ? A 8DG 201 ? 1_555 112.6 ? 
3  OE2 ? A GLU 57 ? A GLU 57  ? 1_555 NA ? C NA . ? A NA 202 ? 1_555 O2B A B 8DG .  ? A 8DG 201 ? 1_555 104.2 ? 
4  O   ? A GLY 37 ? A GLY 37  ? 1_555 NA ? C NA . ? A NA 202 ? 1_555 O2B B B 8DG .  ? A 8DG 201 ? 1_555 105.8 ? 
5  OE2 ? A GLU 57 ? A GLU 57  ? 1_555 NA ? C NA . ? A NA 202 ? 1_555 O2B B B 8DG .  ? A 8DG 201 ? 1_555 108.3 ? 
6  O2B A B 8DG .  ? A 8DG 201 ? 1_555 NA ? C NA . ? A NA 202 ? 1_555 O2B B B 8DG .  ? A 8DG 201 ? 1_555 8.0   ? 
7  O   ? A GLY 37 ? A GLY 37  ? 1_555 NA ? C NA . ? A NA 202 ? 1_555 O1A A B 8DG .  ? A 8DG 201 ? 1_555 98.0  ? 
8  OE2 ? A GLU 57 ? A GLU 57  ? 1_555 NA ? C NA . ? A NA 202 ? 1_555 O1A A B 8DG .  ? A 8DG 201 ? 1_555 172.8 ? 
9  O2B A B 8DG .  ? A 8DG 201 ? 1_555 NA ? C NA . ? A NA 202 ? 1_555 O1A A B 8DG .  ? A 8DG 201 ? 1_555 81.4  ? 
10 O2B B B 8DG .  ? A 8DG 201 ? 1_555 NA ? C NA . ? A NA 202 ? 1_555 O1A A B 8DG .  ? A 8DG 201 ? 1_555 77.9  ? 
11 O   ? A GLY 37 ? A GLY 37  ? 1_555 NA ? C NA . ? A NA 202 ? 1_555 O   ? F HOH .  ? A HOH 346 ? 1_555 82.2  ? 
12 OE2 ? A GLU 57 ? A GLU 57  ? 1_555 NA ? C NA . ? A NA 202 ? 1_555 O   ? F HOH .  ? A HOH 346 ? 1_555 71.8  ? 
13 O2B A B 8DG .  ? A 8DG 201 ? 1_555 NA ? C NA . ? A NA 202 ? 1_555 O   ? F HOH .  ? A HOH 346 ? 1_555 164.6 ? 
14 O2B B B 8DG .  ? A 8DG 201 ? 1_555 NA ? C NA . ? A NA 202 ? 1_555 O   ? F HOH .  ? A HOH 346 ? 1_555 172.1 ? 
15 O1A A B 8DG .  ? A 8DG 201 ? 1_555 NA ? C NA . ? A NA 202 ? 1_555 O   ? F HOH .  ? A HOH 346 ? 1_555 101.6 ? 
16 O   ? A GLY 37 ? A GLY 37  ? 1_555 NA ? C NA . ? A NA 202 ? 1_555 O   ? F HOH .  ? A HOH 392 ? 1_555 155.7 ? 
17 OE2 ? A GLU 57 ? A GLU 57  ? 1_555 NA ? C NA . ? A NA 202 ? 1_555 O   ? F HOH .  ? A HOH 392 ? 1_555 75.4  ? 
18 O2B A B 8DG .  ? A 8DG 201 ? 1_555 NA ? C NA . ? A NA 202 ? 1_555 O   ? F HOH .  ? A HOH 392 ? 1_555 85.3  ? 
19 O2B B B 8DG .  ? A 8DG 201 ? 1_555 NA ? C NA . ? A NA 202 ? 1_555 O   ? F HOH .  ? A HOH 392 ? 1_555 93.0  ? 
20 O1A A B 8DG .  ? A 8DG 201 ? 1_555 NA ? C NA . ? A NA 202 ? 1_555 O   ? F HOH .  ? A HOH 392 ? 1_555 100.9 ? 
21 O   ? F HOH .  ? A HOH 346 ? 1_555 NA ? C NA . ? A NA 202 ? 1_555 O   ? F HOH .  ? A HOH 392 ? 1_555 79.2  ? 
22 OE2 ? A GLU 53 ? A GLU 53  ? 1_555 NA ? D NA . ? A NA 203 ? 1_555 O2G A B 8DG .  ? A 8DG 201 ? 1_555 164.9 ? 
23 OE2 ? A GLU 53 ? A GLU 53  ? 1_555 NA ? D NA . ? A NA 203 ? 1_555 O2G B B 8DG .  ? A 8DG 201 ? 1_555 162.0 ? 
24 O2G A B 8DG .  ? A 8DG 201 ? 1_555 NA ? D NA . ? A NA 203 ? 1_555 O2G B B 8DG .  ? A 8DG 201 ? 1_555 3.3   ? 
25 OE2 ? A GLU 53 ? A GLU 53  ? 1_555 NA ? D NA . ? A NA 203 ? 1_555 O1B A B 8DG .  ? A 8DG 201 ? 1_555 95.9  ? 
26 O2G A B 8DG .  ? A 8DG 201 ? 1_555 NA ? D NA . ? A NA 203 ? 1_555 O1B A B 8DG .  ? A 8DG 201 ? 1_555 72.3  ? 
27 O2G B B 8DG .  ? A 8DG 201 ? 1_555 NA ? D NA . ? A NA 203 ? 1_555 O1B A B 8DG .  ? A 8DG 201 ? 1_555 69.0  ? 
28 OE2 ? A GLU 53 ? A GLU 53  ? 1_555 NA ? D NA . ? A NA 203 ? 1_555 O1B B B 8DG .  ? A 8DG 201 ? 1_555 100.6 ? 
29 O2G A B 8DG .  ? A 8DG 201 ? 1_555 NA ? D NA . ? A NA 203 ? 1_555 O1B B B 8DG .  ? A 8DG 201 ? 1_555 69.0  ? 
30 O2G B B 8DG .  ? A 8DG 201 ? 1_555 NA ? D NA . ? A NA 203 ? 1_555 O1B B B 8DG .  ? A 8DG 201 ? 1_555 65.7  ? 
31 O1B A B 8DG .  ? A 8DG 201 ? 1_555 NA ? D NA . ? A NA 203 ? 1_555 O1B B B 8DG .  ? A 8DG 201 ? 1_555 8.3   ? 
32 OE2 ? A GLU 53 ? A GLU 53  ? 1_555 NA ? D NA . ? A NA 203 ? 1_555 O   ? F HOH .  ? A HOH 322 ? 1_555 78.2  ? 
33 O2G A B 8DG .  ? A 8DG 201 ? 1_555 NA ? D NA . ? A NA 203 ? 1_555 O   ? F HOH .  ? A HOH 322 ? 1_555 90.3  ? 
34 O2G B B 8DG .  ? A 8DG 201 ? 1_555 NA ? D NA . ? A NA 203 ? 1_555 O   ? F HOH .  ? A HOH 322 ? 1_555 89.5  ? 
35 O1B A B 8DG .  ? A 8DG 201 ? 1_555 NA ? D NA . ? A NA 203 ? 1_555 O   ? F HOH .  ? A HOH 322 ? 1_555 81.2  ? 
36 O1B B B 8DG .  ? A 8DG 201 ? 1_555 NA ? D NA . ? A NA 203 ? 1_555 O   ? F HOH .  ? A HOH 322 ? 1_555 88.9  ? 
37 OE2 ? A GLU 53 ? A GLU 53  ? 1_555 NA ? D NA . ? A NA 203 ? 1_555 O   ? F HOH .  ? A HOH 335 ? 1_555 88.2  ? 
38 O2G A B 8DG .  ? A 8DG 201 ? 1_555 NA ? D NA . ? A NA 203 ? 1_555 O   ? F HOH .  ? A HOH 335 ? 1_555 102.2 ? 
39 O2G B B 8DG .  ? A 8DG 201 ? 1_555 NA ? D NA . ? A NA 203 ? 1_555 O   ? F HOH .  ? A HOH 335 ? 1_555 105.4 ? 
40 O1B A B 8DG .  ? A 8DG 201 ? 1_555 NA ? D NA . ? A NA 203 ? 1_555 O   ? F HOH .  ? A HOH 335 ? 1_555 171.2 ? 
41 O1B B B 8DG .  ? A 8DG 201 ? 1_555 NA ? D NA . ? A NA 203 ? 1_555 O   ? F HOH .  ? A HOH 335 ? 1_555 171.1 ? 
42 O   ? F HOH .  ? A HOH 322 ? 1_555 NA ? D NA . ? A NA 203 ? 1_555 O   ? F HOH .  ? A HOH 335 ? 1_555 92.2  ? 
43 OE2 ? A GLU 53 ? A GLU 53  ? 1_555 NA ? D NA . ? A NA 203 ? 1_555 O   ? F HOH .  ? A HOH 342 ? 1_555 79.1  ? 
44 O2G A B 8DG .  ? A 8DG 201 ? 1_555 NA ? D NA . ? A NA 203 ? 1_555 O   ? F HOH .  ? A HOH 342 ? 1_555 112.2 ? 
45 O2G B B 8DG .  ? A 8DG 201 ? 1_555 NA ? D NA . ? A NA 203 ? 1_555 O   ? F HOH .  ? A HOH 342 ? 1_555 112.8 ? 
46 O1B A B 8DG .  ? A 8DG 201 ? 1_555 NA ? D NA . ? A NA 203 ? 1_555 O   ? F HOH .  ? A HOH 342 ? 1_555 102.1 ? 
47 O1B B B 8DG .  ? A 8DG 201 ? 1_555 NA ? D NA . ? A NA 203 ? 1_555 O   ? F HOH .  ? A HOH 342 ? 1_555 96.2  ? 
48 O   ? F HOH .  ? A HOH 322 ? 1_555 NA ? D NA . ? A NA 203 ? 1_555 O   ? F HOH .  ? A HOH 342 ? 1_555 157.3 ? 
49 O   ? F HOH .  ? A HOH 335 ? 1_555 NA ? D NA . ? A NA 203 ? 1_555 O   ? F HOH .  ? A HOH 342 ? 1_555 86.3  ? 
# 
loop_
_pdbx_audit_revision_history.ordinal 
_pdbx_audit_revision_history.data_content_type 
_pdbx_audit_revision_history.major_revision 
_pdbx_audit_revision_history.minor_revision 
_pdbx_audit_revision_history.revision_date 
1 'Structure model' 1 0 2022-06-01 
2 'Structure model' 1 1 2023-11-29 
# 
_pdbx_audit_revision_details.ordinal             1 
_pdbx_audit_revision_details.revision_ordinal    1 
_pdbx_audit_revision_details.data_content_type   'Structure model' 
_pdbx_audit_revision_details.provider            repository 
_pdbx_audit_revision_details.type                'Initial release' 
_pdbx_audit_revision_details.description         ? 
_pdbx_audit_revision_details.details             ? 
# 
loop_
_pdbx_audit_revision_group.ordinal 
_pdbx_audit_revision_group.revision_ordinal 
_pdbx_audit_revision_group.data_content_type 
_pdbx_audit_revision_group.group 
1 2 'Structure model' 'Data collection'        
2 2 'Structure model' 'Refinement description' 
# 
loop_
_pdbx_audit_revision_category.ordinal 
_pdbx_audit_revision_category.revision_ordinal 
_pdbx_audit_revision_category.data_content_type 
_pdbx_audit_revision_category.category 
1 2 'Structure model' chem_comp_atom                
2 2 'Structure model' chem_comp_bond                
3 2 'Structure model' pdbx_initial_refinement_model 
# 
loop_
_space_group_symop.id 
_space_group_symop.operation_xyz 
1 x,y,z           
2 x+1/2,-y+1/2,-z 
3 -x,y+1/2,-z+1/2 
4 -x+1/2,-y,z+1/2 
# 
loop_
_software.citation_id 
_software.classification 
_software.compiler_name 
_software.compiler_version 
_software.contact_author 
_software.contact_author_email 
_software.date 
_software.description 
_software.dependencies 
_software.hardware 
_software.language 
_software.location 
_software.mods 
_software.name 
_software.os 
_software.os_version 
_software.type 
_software.version 
_software.pdbx_ordinal 
? refinement       ? ? ? ? ? ? ? ? ? ? ? PHENIX ? ? ? 1.13_2998 1 
? 'data reduction' ? ? ? ? ? ? ? ? ? ? ? XDS    ? ? ? .         2 
? 'data scaling'   ? ? ? ? ? ? ? ? ? ? ? XDS    ? ? ? .         3 
# 
_pdbx_entry_details.entry_id                 7WW5 
_pdbx_entry_details.has_ligand_of_interest   Y 
_pdbx_entry_details.compound_details         ? 
_pdbx_entry_details.source_details           ? 
_pdbx_entry_details.nonpolymer_details       ? 
_pdbx_entry_details.sequence_details         ? 
# 
_pdbx_validate_torsion.id              1 
_pdbx_validate_torsion.PDB_model_num   1 
_pdbx_validate_torsion.auth_comp_id    GLN 
_pdbx_validate_torsion.auth_asym_id    A 
_pdbx_validate_torsion.auth_seq_id     63 
_pdbx_validate_torsion.PDB_ins_code    ? 
_pdbx_validate_torsion.label_alt_id    B 
_pdbx_validate_torsion.phi             -134.67 
_pdbx_validate_torsion.psi             -39.64 
# 
loop_
_chem_comp_atom.comp_id 
_chem_comp_atom.atom_id 
_chem_comp_atom.type_symbol 
_chem_comp_atom.pdbx_aromatic_flag 
_chem_comp_atom.pdbx_stereo_config 
_chem_comp_atom.pdbx_ordinal 
8DG PG     P  N N 1   
8DG O1G    O  N N 2   
8DG O2G    O  N N 3   
8DG O3G    O  N N 4   
8DG O3B    O  N N 5   
8DG PB     P  N S 6   
8DG O1B    O  N N 7   
8DG O2B    O  N N 8   
8DG O3A    O  N N 9   
8DG PA     P  N R 10  
8DG O1A    O  N N 11  
8DG O2A    O  N N 12  
8DG "O5'"  O  N N 13  
8DG "C5'"  C  N N 14  
8DG "C4'"  C  N R 15  
8DG "O4'"  O  N N 16  
8DG "C3'"  C  N S 17  
8DG "O3'"  O  N N 18  
8DG "C2'"  C  N N 19  
8DG "C1'"  C  N R 20  
8DG N9     N  N N 21  
8DG C8     C  N N 22  
8DG N7     N  N N 23  
8DG C5     C  N N 24  
8DG C6     C  N N 25  
8DG O6     O  N N 26  
8DG N1     N  N N 27  
8DG C2     C  N N 28  
8DG N2     N  N N 29  
8DG N3     N  N N 30  
8DG C4     C  N N 31  
8DG O8     O  N N 32  
8DG HOG2   H  N N 33  
8DG H3G    H  N N 34  
8DG HOB2   H  N N 35  
8DG HOA2   H  N N 36  
8DG "H5'1" H  N N 37  
8DG "H5'2" H  N N 38  
8DG "H4'"  H  N N 39  
8DG "H3'"  H  N N 40  
8DG H1     H  N N 41  
8DG "H2'1" H  N N 42  
8DG "H2'2" H  N N 43  
8DG "H1'"  H  N N 44  
8DG HN7    H  N N 45  
8DG HN1    H  N N 46  
8DG HN21   H  N N 47  
8DG HN22   H  N N 48  
ALA N      N  N N 49  
ALA CA     C  N S 50  
ALA C      C  N N 51  
ALA O      O  N N 52  
ALA CB     C  N N 53  
ALA OXT    O  N N 54  
ALA H      H  N N 55  
ALA H2     H  N N 56  
ALA HA     H  N N 57  
ALA HB1    H  N N 58  
ALA HB2    H  N N 59  
ALA HB3    H  N N 60  
ALA HXT    H  N N 61  
ARG N      N  N N 62  
ARG CA     C  N S 63  
ARG C      C  N N 64  
ARG O      O  N N 65  
ARG CB     C  N N 66  
ARG CG     C  N N 67  
ARG CD     C  N N 68  
ARG NE     N  N N 69  
ARG CZ     C  N N 70  
ARG NH1    N  N N 71  
ARG NH2    N  N N 72  
ARG OXT    O  N N 73  
ARG H      H  N N 74  
ARG H2     H  N N 75  
ARG HA     H  N N 76  
ARG HB2    H  N N 77  
ARG HB3    H  N N 78  
ARG HG2    H  N N 79  
ARG HG3    H  N N 80  
ARG HD2    H  N N 81  
ARG HD3    H  N N 82  
ARG HE     H  N N 83  
ARG HH11   H  N N 84  
ARG HH12   H  N N 85  
ARG HH21   H  N N 86  
ARG HH22   H  N N 87  
ARG HXT    H  N N 88  
ASN N      N  N N 89  
ASN CA     C  N S 90  
ASN C      C  N N 91  
ASN O      O  N N 92  
ASN CB     C  N N 93  
ASN CG     C  N N 94  
ASN OD1    O  N N 95  
ASN ND2    N  N N 96  
ASN OXT    O  N N 97  
ASN H      H  N N 98  
ASN H2     H  N N 99  
ASN HA     H  N N 100 
ASN HB2    H  N N 101 
ASN HB3    H  N N 102 
ASN HD21   H  N N 103 
ASN HD22   H  N N 104 
ASN HXT    H  N N 105 
ASP N      N  N N 106 
ASP CA     C  N S 107 
ASP C      C  N N 108 
ASP O      O  N N 109 
ASP CB     C  N N 110 
ASP CG     C  N N 111 
ASP OD1    O  N N 112 
ASP OD2    O  N N 113 
ASP OXT    O  N N 114 
ASP H      H  N N 115 
ASP H2     H  N N 116 
ASP HA     H  N N 117 
ASP HB2    H  N N 118 
ASP HB3    H  N N 119 
ASP HD2    H  N N 120 
ASP HXT    H  N N 121 
GLN N      N  N N 122 
GLN CA     C  N S 123 
GLN C      C  N N 124 
GLN O      O  N N 125 
GLN CB     C  N N 126 
GLN CG     C  N N 127 
GLN CD     C  N N 128 
GLN OE1    O  N N 129 
GLN NE2    N  N N 130 
GLN OXT    O  N N 131 
GLN H      H  N N 132 
GLN H2     H  N N 133 
GLN HA     H  N N 134 
GLN HB2    H  N N 135 
GLN HB3    H  N N 136 
GLN HG2    H  N N 137 
GLN HG3    H  N N 138 
GLN HE21   H  N N 139 
GLN HE22   H  N N 140 
GLN HXT    H  N N 141 
GLU N      N  N N 142 
GLU CA     C  N S 143 
GLU C      C  N N 144 
GLU O      O  N N 145 
GLU CB     C  N N 146 
GLU CG     C  N N 147 
GLU CD     C  N N 148 
GLU OE1    O  N N 149 
GLU OE2    O  N N 150 
GLU OXT    O  N N 151 
GLU H      H  N N 152 
GLU H2     H  N N 153 
GLU HA     H  N N 154 
GLU HB2    H  N N 155 
GLU HB3    H  N N 156 
GLU HG2    H  N N 157 
GLU HG3    H  N N 158 
GLU HE2    H  N N 159 
GLU HXT    H  N N 160 
GLY N      N  N N 161 
GLY CA     C  N N 162 
GLY C      C  N N 163 
GLY O      O  N N 164 
GLY OXT    O  N N 165 
GLY H      H  N N 166 
GLY H2     H  N N 167 
GLY HA2    H  N N 168 
GLY HA3    H  N N 169 
GLY HXT    H  N N 170 
HIS N      N  N N 171 
HIS CA     C  N S 172 
HIS C      C  N N 173 
HIS O      O  N N 174 
HIS CB     C  N N 175 
HIS CG     C  Y N 176 
HIS ND1    N  Y N 177 
HIS CD2    C  Y N 178 
HIS CE1    C  Y N 179 
HIS NE2    N  Y N 180 
HIS OXT    O  N N 181 
HIS H      H  N N 182 
HIS H2     H  N N 183 
HIS HA     H  N N 184 
HIS HB2    H  N N 185 
HIS HB3    H  N N 186 
HIS HD1    H  N N 187 
HIS HD2    H  N N 188 
HIS HE1    H  N N 189 
HIS HE2    H  N N 190 
HIS HXT    H  N N 191 
HOH O      O  N N 192 
HOH H1     H  N N 193 
HOH H2     H  N N 194 
ILE N      N  N N 195 
ILE CA     C  N S 196 
ILE C      C  N N 197 
ILE O      O  N N 198 
ILE CB     C  N S 199 
ILE CG1    C  N N 200 
ILE CG2    C  N N 201 
ILE CD1    C  N N 202 
ILE OXT    O  N N 203 
ILE H      H  N N 204 
ILE H2     H  N N 205 
ILE HA     H  N N 206 
ILE HB     H  N N 207 
ILE HG12   H  N N 208 
ILE HG13   H  N N 209 
ILE HG21   H  N N 210 
ILE HG22   H  N N 211 
ILE HG23   H  N N 212 
ILE HD11   H  N N 213 
ILE HD12   H  N N 214 
ILE HD13   H  N N 215 
ILE HXT    H  N N 216 
LEU N      N  N N 217 
LEU CA     C  N S 218 
LEU C      C  N N 219 
LEU O      O  N N 220 
LEU CB     C  N N 221 
LEU CG     C  N N 222 
LEU CD1    C  N N 223 
LEU CD2    C  N N 224 
LEU OXT    O  N N 225 
LEU H      H  N N 226 
LEU H2     H  N N 227 
LEU HA     H  N N 228 
LEU HB2    H  N N 229 
LEU HB3    H  N N 230 
LEU HG     H  N N 231 
LEU HD11   H  N N 232 
LEU HD12   H  N N 233 
LEU HD13   H  N N 234 
LEU HD21   H  N N 235 
LEU HD22   H  N N 236 
LEU HD23   H  N N 237 
LEU HXT    H  N N 238 
LYS N      N  N N 239 
LYS CA     C  N S 240 
LYS C      C  N N 241 
LYS O      O  N N 242 
LYS CB     C  N N 243 
LYS CG     C  N N 244 
LYS CD     C  N N 245 
LYS CE     C  N N 246 
LYS NZ     N  N N 247 
LYS OXT    O  N N 248 
LYS H      H  N N 249 
LYS H2     H  N N 250 
LYS HA     H  N N 251 
LYS HB2    H  N N 252 
LYS HB3    H  N N 253 
LYS HG2    H  N N 254 
LYS HG3    H  N N 255 
LYS HD2    H  N N 256 
LYS HD3    H  N N 257 
LYS HE2    H  N N 258 
LYS HE3    H  N N 259 
LYS HZ1    H  N N 260 
LYS HZ2    H  N N 261 
LYS HZ3    H  N N 262 
LYS HXT    H  N N 263 
MET N      N  N N 264 
MET CA     C  N S 265 
MET C      C  N N 266 
MET O      O  N N 267 
MET CB     C  N N 268 
MET CG     C  N N 269 
MET SD     S  N N 270 
MET CE     C  N N 271 
MET OXT    O  N N 272 
MET H      H  N N 273 
MET H2     H  N N 274 
MET HA     H  N N 275 
MET HB2    H  N N 276 
MET HB3    H  N N 277 
MET HG2    H  N N 278 
MET HG3    H  N N 279 
MET HE1    H  N N 280 
MET HE2    H  N N 281 
MET HE3    H  N N 282 
MET HXT    H  N N 283 
NA  NA     NA N N 284 
PHE N      N  N N 285 
PHE CA     C  N S 286 
PHE C      C  N N 287 
PHE O      O  N N 288 
PHE CB     C  N N 289 
PHE CG     C  Y N 290 
PHE CD1    C  Y N 291 
PHE CD2    C  Y N 292 
PHE CE1    C  Y N 293 
PHE CE2    C  Y N 294 
PHE CZ     C  Y N 295 
PHE OXT    O  N N 296 
PHE H      H  N N 297 
PHE H2     H  N N 298 
PHE HA     H  N N 299 
PHE HB2    H  N N 300 
PHE HB3    H  N N 301 
PHE HD1    H  N N 302 
PHE HD2    H  N N 303 
PHE HE1    H  N N 304 
PHE HE2    H  N N 305 
PHE HZ     H  N N 306 
PHE HXT    H  N N 307 
PRO N      N  N N 308 
PRO CA     C  N S 309 
PRO C      C  N N 310 
PRO O      O  N N 311 
PRO CB     C  N N 312 
PRO CG     C  N N 313 
PRO CD     C  N N 314 
PRO OXT    O  N N 315 
PRO H      H  N N 316 
PRO HA     H  N N 317 
PRO HB2    H  N N 318 
PRO HB3    H  N N 319 
PRO HG2    H  N N 320 
PRO HG3    H  N N 321 
PRO HD2    H  N N 322 
PRO HD3    H  N N 323 
PRO HXT    H  N N 324 
SER N      N  N N 325 
SER CA     C  N S 326 
SER C      C  N N 327 
SER O      O  N N 328 
SER CB     C  N N 329 
SER OG     O  N N 330 
SER OXT    O  N N 331 
SER H      H  N N 332 
SER H2     H  N N 333 
SER HA     H  N N 334 
SER HB2    H  N N 335 
SER HB3    H  N N 336 
SER HG     H  N N 337 
SER HXT    H  N N 338 
SO4 S      S  N N 339 
SO4 O1     O  N N 340 
SO4 O2     O  N N 341 
SO4 O3     O  N N 342 
SO4 O4     O  N N 343 
THR N      N  N N 344 
THR CA     C  N S 345 
THR C      C  N N 346 
THR O      O  N N 347 
THR CB     C  N R 348 
THR OG1    O  N N 349 
THR CG2    C  N N 350 
THR OXT    O  N N 351 
THR H      H  N N 352 
THR H2     H  N N 353 
THR HA     H  N N 354 
THR HB     H  N N 355 
THR HG1    H  N N 356 
THR HG21   H  N N 357 
THR HG22   H  N N 358 
THR HG23   H  N N 359 
THR HXT    H  N N 360 
TRP N      N  N N 361 
TRP CA     C  N S 362 
TRP C      C  N N 363 
TRP O      O  N N 364 
TRP CB     C  N N 365 
TRP CG     C  Y N 366 
TRP CD1    C  Y N 367 
TRP CD2    C  Y N 368 
TRP NE1    N  Y N 369 
TRP CE2    C  Y N 370 
TRP CE3    C  Y N 371 
TRP CZ2    C  Y N 372 
TRP CZ3    C  Y N 373 
TRP CH2    C  Y N 374 
TRP OXT    O  N N 375 
TRP H      H  N N 376 
TRP H2     H  N N 377 
TRP HA     H  N N 378 
TRP HB2    H  N N 379 
TRP HB3    H  N N 380 
TRP HD1    H  N N 381 
TRP HE1    H  N N 382 
TRP HE3    H  N N 383 
TRP HZ2    H  N N 384 
TRP HZ3    H  N N 385 
TRP HH2    H  N N 386 
TRP HXT    H  N N 387 
TYR N      N  N N 388 
TYR CA     C  N S 389 
TYR C      C  N N 390 
TYR O      O  N N 391 
TYR CB     C  N N 392 
TYR CG     C  Y N 393 
TYR CD1    C  Y N 394 
TYR CD2    C  Y N 395 
TYR CE1    C  Y N 396 
TYR CE2    C  Y N 397 
TYR CZ     C  Y N 398 
TYR OH     O  N N 399 
TYR OXT    O  N N 400 
TYR H      H  N N 401 
TYR H2     H  N N 402 
TYR HA     H  N N 403 
TYR HB2    H  N N 404 
TYR HB3    H  N N 405 
TYR HD1    H  N N 406 
TYR HD2    H  N N 407 
TYR HE1    H  N N 408 
TYR HE2    H  N N 409 
TYR HH     H  N N 410 
TYR HXT    H  N N 411 
VAL N      N  N N 412 
VAL CA     C  N S 413 
VAL C      C  N N 414 
VAL O      O  N N 415 
VAL CB     C  N N 416 
VAL CG1    C  N N 417 
VAL CG2    C  N N 418 
VAL OXT    O  N N 419 
VAL H      H  N N 420 
VAL H2     H  N N 421 
VAL HA     H  N N 422 
VAL HB     H  N N 423 
VAL HG11   H  N N 424 
VAL HG12   H  N N 425 
VAL HG13   H  N N 426 
VAL HG21   H  N N 427 
VAL HG22   H  N N 428 
VAL HG23   H  N N 429 
VAL HXT    H  N N 430 
# 
loop_
_chem_comp_bond.comp_id 
_chem_comp_bond.atom_id_1 
_chem_comp_bond.atom_id_2 
_chem_comp_bond.value_order 
_chem_comp_bond.pdbx_aromatic_flag 
_chem_comp_bond.pdbx_stereo_config 
_chem_comp_bond.pdbx_ordinal 
8DG PG    O1G    doub N N 1   
8DG PG    O2G    sing N N 2   
8DG PG    O3G    sing N N 3   
8DG PG    O3B    sing N N 4   
8DG O2G   HOG2   sing N N 5   
8DG O3G   H3G    sing N N 6   
8DG O3B   PB     sing N N 7   
8DG PB    O1B    doub N N 8   
8DG PB    O2B    sing N N 9   
8DG PB    O3A    sing N N 10  
8DG O2B   HOB2   sing N N 11  
8DG O3A   PA     sing N N 12  
8DG PA    O1A    doub N N 13  
8DG PA    O2A    sing N N 14  
8DG PA    "O5'"  sing N N 15  
8DG O2A   HOA2   sing N N 16  
8DG "O5'" "C5'"  sing N N 17  
8DG "C5'" "C4'"  sing N N 18  
8DG "C5'" "H5'1" sing N N 19  
8DG "C5'" "H5'2" sing N N 20  
8DG "C4'" "O4'"  sing N N 21  
8DG "C4'" "C3'"  sing N N 22  
8DG "C4'" "H4'"  sing N N 23  
8DG "O4'" "C1'"  sing N N 24  
8DG "C3'" "O3'"  sing N N 25  
8DG "C3'" "C2'"  sing N N 26  
8DG "C3'" "H3'"  sing N N 27  
8DG "O3'" H1     sing N N 28  
8DG "C2'" "C1'"  sing N N 29  
8DG "C2'" "H2'1" sing N N 30  
8DG "C2'" "H2'2" sing N N 31  
8DG "C1'" N9     sing N N 32  
8DG "C1'" "H1'"  sing N N 33  
8DG N9    C8     sing N N 34  
8DG N9    C4     sing N N 35  
8DG C8    N7     sing N N 36  
8DG C8    O8     doub N N 37  
8DG N7    C5     sing N N 38  
8DG N7    HN7    sing N N 39  
8DG C5    C6     sing N N 40  
8DG C5    C4     doub N N 41  
8DG C6    O6     doub N N 42  
8DG C6    N1     sing N N 43  
8DG N1    C2     sing N N 44  
8DG N1    HN1    sing N N 45  
8DG C2    N2     sing N N 46  
8DG C2    N3     doub N N 47  
8DG N2    HN21   sing N N 48  
8DG N2    HN22   sing N N 49  
8DG N3    C4     sing N N 50  
ALA N     CA     sing N N 51  
ALA N     H      sing N N 52  
ALA N     H2     sing N N 53  
ALA CA    C      sing N N 54  
ALA CA    CB     sing N N 55  
ALA CA    HA     sing N N 56  
ALA C     O      doub N N 57  
ALA C     OXT    sing N N 58  
ALA CB    HB1    sing N N 59  
ALA CB    HB2    sing N N 60  
ALA CB    HB3    sing N N 61  
ALA OXT   HXT    sing N N 62  
ARG N     CA     sing N N 63  
ARG N     H      sing N N 64  
ARG N     H2     sing N N 65  
ARG CA    C      sing N N 66  
ARG CA    CB     sing N N 67  
ARG CA    HA     sing N N 68  
ARG C     O      doub N N 69  
ARG C     OXT    sing N N 70  
ARG CB    CG     sing N N 71  
ARG CB    HB2    sing N N 72  
ARG CB    HB3    sing N N 73  
ARG CG    CD     sing N N 74  
ARG CG    HG2    sing N N 75  
ARG CG    HG3    sing N N 76  
ARG CD    NE     sing N N 77  
ARG CD    HD2    sing N N 78  
ARG CD    HD3    sing N N 79  
ARG NE    CZ     sing N N 80  
ARG NE    HE     sing N N 81  
ARG CZ    NH1    sing N N 82  
ARG CZ    NH2    doub N N 83  
ARG NH1   HH11   sing N N 84  
ARG NH1   HH12   sing N N 85  
ARG NH2   HH21   sing N N 86  
ARG NH2   HH22   sing N N 87  
ARG OXT   HXT    sing N N 88  
ASN N     CA     sing N N 89  
ASN N     H      sing N N 90  
ASN N     H2     sing N N 91  
ASN CA    C      sing N N 92  
ASN CA    CB     sing N N 93  
ASN CA    HA     sing N N 94  
ASN C     O      doub N N 95  
ASN C     OXT    sing N N 96  
ASN CB    CG     sing N N 97  
ASN CB    HB2    sing N N 98  
ASN CB    HB3    sing N N 99  
ASN CG    OD1    doub N N 100 
ASN CG    ND2    sing N N 101 
ASN ND2   HD21   sing N N 102 
ASN ND2   HD22   sing N N 103 
ASN OXT   HXT    sing N N 104 
ASP N     CA     sing N N 105 
ASP N     H      sing N N 106 
ASP N     H2     sing N N 107 
ASP CA    C      sing N N 108 
ASP CA    CB     sing N N 109 
ASP CA    HA     sing N N 110 
ASP C     O      doub N N 111 
ASP C     OXT    sing N N 112 
ASP CB    CG     sing N N 113 
ASP CB    HB2    sing N N 114 
ASP CB    HB3    sing N N 115 
ASP CG    OD1    doub N N 116 
ASP CG    OD2    sing N N 117 
ASP OD2   HD2    sing N N 118 
ASP OXT   HXT    sing N N 119 
GLN N     CA     sing N N 120 
GLN N     H      sing N N 121 
GLN N     H2     sing N N 122 
GLN CA    C      sing N N 123 
GLN CA    CB     sing N N 124 
GLN CA    HA     sing N N 125 
GLN C     O      doub N N 126 
GLN C     OXT    sing N N 127 
GLN CB    CG     sing N N 128 
GLN CB    HB2    sing N N 129 
GLN CB    HB3    sing N N 130 
GLN CG    CD     sing N N 131 
GLN CG    HG2    sing N N 132 
GLN CG    HG3    sing N N 133 
GLN CD    OE1    doub N N 134 
GLN CD    NE2    sing N N 135 
GLN NE2   HE21   sing N N 136 
GLN NE2   HE22   sing N N 137 
GLN OXT   HXT    sing N N 138 
GLU N     CA     sing N N 139 
GLU N     H      sing N N 140 
GLU N     H2     sing N N 141 
GLU CA    C      sing N N 142 
GLU CA    CB     sing N N 143 
GLU CA    HA     sing N N 144 
GLU C     O      doub N N 145 
GLU C     OXT    sing N N 146 
GLU CB    CG     sing N N 147 
GLU CB    HB2    sing N N 148 
GLU CB    HB3    sing N N 149 
GLU CG    CD     sing N N 150 
GLU CG    HG2    sing N N 151 
GLU CG    HG3    sing N N 152 
GLU CD    OE1    doub N N 153 
GLU CD    OE2    sing N N 154 
GLU OE2   HE2    sing N N 155 
GLU OXT   HXT    sing N N 156 
GLY N     CA     sing N N 157 
GLY N     H      sing N N 158 
GLY N     H2     sing N N 159 
GLY CA    C      sing N N 160 
GLY CA    HA2    sing N N 161 
GLY CA    HA3    sing N N 162 
GLY C     O      doub N N 163 
GLY C     OXT    sing N N 164 
GLY OXT   HXT    sing N N 165 
HIS N     CA     sing N N 166 
HIS N     H      sing N N 167 
HIS N     H2     sing N N 168 
HIS CA    C      sing N N 169 
HIS CA    CB     sing N N 170 
HIS CA    HA     sing N N 171 
HIS C     O      doub N N 172 
HIS C     OXT    sing N N 173 
HIS CB    CG     sing N N 174 
HIS CB    HB2    sing N N 175 
HIS CB    HB3    sing N N 176 
HIS CG    ND1    sing Y N 177 
HIS CG    CD2    doub Y N 178 
HIS ND1   CE1    doub Y N 179 
HIS ND1   HD1    sing N N 180 
HIS CD2   NE2    sing Y N 181 
HIS CD2   HD2    sing N N 182 
HIS CE1   NE2    sing Y N 183 
HIS CE1   HE1    sing N N 184 
HIS NE2   HE2    sing N N 185 
HIS OXT   HXT    sing N N 186 
HOH O     H1     sing N N 187 
HOH O     H2     sing N N 188 
ILE N     CA     sing N N 189 
ILE N     H      sing N N 190 
ILE N     H2     sing N N 191 
ILE CA    C      sing N N 192 
ILE CA    CB     sing N N 193 
ILE CA    HA     sing N N 194 
ILE C     O      doub N N 195 
ILE C     OXT    sing N N 196 
ILE CB    CG1    sing N N 197 
ILE CB    CG2    sing N N 198 
ILE CB    HB     sing N N 199 
ILE CG1   CD1    sing N N 200 
ILE CG1   HG12   sing N N 201 
ILE CG1   HG13   sing N N 202 
ILE CG2   HG21   sing N N 203 
ILE CG2   HG22   sing N N 204 
ILE CG2   HG23   sing N N 205 
ILE CD1   HD11   sing N N 206 
ILE CD1   HD12   sing N N 207 
ILE CD1   HD13   sing N N 208 
ILE OXT   HXT    sing N N 209 
LEU N     CA     sing N N 210 
LEU N     H      sing N N 211 
LEU N     H2     sing N N 212 
LEU CA    C      sing N N 213 
LEU CA    CB     sing N N 214 
LEU CA    HA     sing N N 215 
LEU C     O      doub N N 216 
LEU C     OXT    sing N N 217 
LEU CB    CG     sing N N 218 
LEU CB    HB2    sing N N 219 
LEU CB    HB3    sing N N 220 
LEU CG    CD1    sing N N 221 
LEU CG    CD2    sing N N 222 
LEU CG    HG     sing N N 223 
LEU CD1   HD11   sing N N 224 
LEU CD1   HD12   sing N N 225 
LEU CD1   HD13   sing N N 226 
LEU CD2   HD21   sing N N 227 
LEU CD2   HD22   sing N N 228 
LEU CD2   HD23   sing N N 229 
LEU OXT   HXT    sing N N 230 
LYS N     CA     sing N N 231 
LYS N     H      sing N N 232 
LYS N     H2     sing N N 233 
LYS CA    C      sing N N 234 
LYS CA    CB     sing N N 235 
LYS CA    HA     sing N N 236 
LYS C     O      doub N N 237 
LYS C     OXT    sing N N 238 
LYS CB    CG     sing N N 239 
LYS CB    HB2    sing N N 240 
LYS CB    HB3    sing N N 241 
LYS CG    CD     sing N N 242 
LYS CG    HG2    sing N N 243 
LYS CG    HG3    sing N N 244 
LYS CD    CE     sing N N 245 
LYS CD    HD2    sing N N 246 
LYS CD    HD3    sing N N 247 
LYS CE    NZ     sing N N 248 
LYS CE    HE2    sing N N 249 
LYS CE    HE3    sing N N 250 
LYS NZ    HZ1    sing N N 251 
LYS NZ    HZ2    sing N N 252 
LYS NZ    HZ3    sing N N 253 
LYS OXT   HXT    sing N N 254 
MET N     CA     sing N N 255 
MET N     H      sing N N 256 
MET N     H2     sing N N 257 
MET CA    C      sing N N 258 
MET CA    CB     sing N N 259 
MET CA    HA     sing N N 260 
MET C     O      doub N N 261 
MET C     OXT    sing N N 262 
MET CB    CG     sing N N 263 
MET CB    HB2    sing N N 264 
MET CB    HB3    sing N N 265 
MET CG    SD     sing N N 266 
MET CG    HG2    sing N N 267 
MET CG    HG3    sing N N 268 
MET SD    CE     sing N N 269 
MET CE    HE1    sing N N 270 
MET CE    HE2    sing N N 271 
MET CE    HE3    sing N N 272 
MET OXT   HXT    sing N N 273 
PHE N     CA     sing N N 274 
PHE N     H      sing N N 275 
PHE N     H2     sing N N 276 
PHE CA    C      sing N N 277 
PHE CA    CB     sing N N 278 
PHE CA    HA     sing N N 279 
PHE C     O      doub N N 280 
PHE C     OXT    sing N N 281 
PHE CB    CG     sing N N 282 
PHE CB    HB2    sing N N 283 
PHE CB    HB3    sing N N 284 
PHE CG    CD1    doub Y N 285 
PHE CG    CD2    sing Y N 286 
PHE CD1   CE1    sing Y N 287 
PHE CD1   HD1    sing N N 288 
PHE CD2   CE2    doub Y N 289 
PHE CD2   HD2    sing N N 290 
PHE CE1   CZ     doub Y N 291 
PHE CE1   HE1    sing N N 292 
PHE CE2   CZ     sing Y N 293 
PHE CE2   HE2    sing N N 294 
PHE CZ    HZ     sing N N 295 
PHE OXT   HXT    sing N N 296 
PRO N     CA     sing N N 297 
PRO N     CD     sing N N 298 
PRO N     H      sing N N 299 
PRO CA    C      sing N N 300 
PRO CA    CB     sing N N 301 
PRO CA    HA     sing N N 302 
PRO C     O      doub N N 303 
PRO C     OXT    sing N N 304 
PRO CB    CG     sing N N 305 
PRO CB    HB2    sing N N 306 
PRO CB    HB3    sing N N 307 
PRO CG    CD     sing N N 308 
PRO CG    HG2    sing N N 309 
PRO CG    HG3    sing N N 310 
PRO CD    HD2    sing N N 311 
PRO CD    HD3    sing N N 312 
PRO OXT   HXT    sing N N 313 
SER N     CA     sing N N 314 
SER N     H      sing N N 315 
SER N     H2     sing N N 316 
SER CA    C      sing N N 317 
SER CA    CB     sing N N 318 
SER CA    HA     sing N N 319 
SER C     O      doub N N 320 
SER C     OXT    sing N N 321 
SER CB    OG     sing N N 322 
SER CB    HB2    sing N N 323 
SER CB    HB3    sing N N 324 
SER OG    HG     sing N N 325 
SER OXT   HXT    sing N N 326 
SO4 S     O1     doub N N 327 
SO4 S     O2     doub N N 328 
SO4 S     O3     sing N N 329 
SO4 S     O4     sing N N 330 
THR N     CA     sing N N 331 
THR N     H      sing N N 332 
THR N     H2     sing N N 333 
THR CA    C      sing N N 334 
THR CA    CB     sing N N 335 
THR CA    HA     sing N N 336 
THR C     O      doub N N 337 
THR C     OXT    sing N N 338 
THR CB    OG1    sing N N 339 
THR CB    CG2    sing N N 340 
THR CB    HB     sing N N 341 
THR OG1   HG1    sing N N 342 
THR CG2   HG21   sing N N 343 
THR CG2   HG22   sing N N 344 
THR CG2   HG23   sing N N 345 
THR OXT   HXT    sing N N 346 
TRP N     CA     sing N N 347 
TRP N     H      sing N N 348 
TRP N     H2     sing N N 349 
TRP CA    C      sing N N 350 
TRP CA    CB     sing N N 351 
TRP CA    HA     sing N N 352 
TRP C     O      doub N N 353 
TRP C     OXT    sing N N 354 
TRP CB    CG     sing N N 355 
TRP CB    HB2    sing N N 356 
TRP CB    HB3    sing N N 357 
TRP CG    CD1    doub Y N 358 
TRP CG    CD2    sing Y N 359 
TRP CD1   NE1    sing Y N 360 
TRP CD1   HD1    sing N N 361 
TRP CD2   CE2    doub Y N 362 
TRP CD2   CE3    sing Y N 363 
TRP NE1   CE2    sing Y N 364 
TRP NE1   HE1    sing N N 365 
TRP CE2   CZ2    sing Y N 366 
TRP CE3   CZ3    doub Y N 367 
TRP CE3   HE3    sing N N 368 
TRP CZ2   CH2    doub Y N 369 
TRP CZ2   HZ2    sing N N 370 
TRP CZ3   CH2    sing Y N 371 
TRP CZ3   HZ3    sing N N 372 
TRP CH2   HH2    sing N N 373 
TRP OXT   HXT    sing N N 374 
TYR N     CA     sing N N 375 
TYR N     H      sing N N 376 
TYR N     H2     sing N N 377 
TYR CA    C      sing N N 378 
TYR CA    CB     sing N N 379 
TYR CA    HA     sing N N 380 
TYR C     O      doub N N 381 
TYR C     OXT    sing N N 382 
TYR CB    CG     sing N N 383 
TYR CB    HB2    sing N N 384 
TYR CB    HB3    sing N N 385 
TYR CG    CD1    doub Y N 386 
TYR CG    CD2    sing Y N 387 
TYR CD1   CE1    sing Y N 388 
TYR CD1   HD1    sing N N 389 
TYR CD2   CE2    doub Y N 390 
TYR CD2   HD2    sing N N 391 
TYR CE1   CZ     doub Y N 392 
TYR CE1   HE1    sing N N 393 
TYR CE2   CZ     sing Y N 394 
TYR CE2   HE2    sing N N 395 
TYR CZ    OH     sing N N 396 
TYR OH    HH     sing N N 397 
TYR OXT   HXT    sing N N 398 
VAL N     CA     sing N N 399 
VAL N     H      sing N N 400 
VAL N     H2     sing N N 401 
VAL CA    C      sing N N 402 
VAL CA    CB     sing N N 403 
VAL CA    HA     sing N N 404 
VAL C     O      doub N N 405 
VAL C     OXT    sing N N 406 
VAL CB    CG1    sing N N 407 
VAL CB    CG2    sing N N 408 
VAL CB    HB     sing N N 409 
VAL CG1   HG11   sing N N 410 
VAL CG1   HG12   sing N N 411 
VAL CG1   HG13   sing N N 412 
VAL CG2   HG21   sing N N 413 
VAL CG2   HG22   sing N N 414 
VAL CG2   HG23   sing N N 415 
VAL OXT   HXT    sing N N 416 
# 
_pdbx_audit_support.funding_organization   'Ministry of Education, Culture, Sports, Science and Technology (Japan)' 
_pdbx_audit_support.country                Japan 
_pdbx_audit_support.grant_number           ? 
_pdbx_audit_support.ordinal                1 
# 
_pdbx_entity_instance_feature.ordinal        1 
_pdbx_entity_instance_feature.comp_id        8DG 
_pdbx_entity_instance_feature.asym_id        ? 
_pdbx_entity_instance_feature.seq_num        ? 
_pdbx_entity_instance_feature.auth_comp_id   8DG 
_pdbx_entity_instance_feature.auth_asym_id   ? 
_pdbx_entity_instance_feature.auth_seq_num   ? 
_pdbx_entity_instance_feature.feature_type   'SUBJECT OF INVESTIGATION' 
_pdbx_entity_instance_feature.details        ? 
# 
loop_
_pdbx_entity_nonpoly.entity_id 
_pdbx_entity_nonpoly.name 
_pdbx_entity_nonpoly.comp_id 
2 "8-OXO-2'-DEOXYGUANOSINE-5'-TRIPHOSPHATE" 8DG 
3 'SODIUM ION'                              NA  
4 'SULFATE ION'                             SO4 
5 water                                     HOH 
# 
_pdbx_initial_refinement_model.id               1 
_pdbx_initial_refinement_model.entity_id_list   ? 
_pdbx_initial_refinement_model.type             'experimental model' 
_pdbx_initial_refinement_model.source_name      PDB 
_pdbx_initial_refinement_model.accession_code   3A6T 
_pdbx_initial_refinement_model.details          ? 
# 
_pdbx_struct_assembly_auth_evidence.id                     1 
_pdbx_struct_assembly_auth_evidence.assembly_id            1 
_pdbx_struct_assembly_auth_evidence.experimental_support   'gel filtration' 
_pdbx_struct_assembly_auth_evidence.details                ? 
# 
_space_group.name_H-M_alt     'P 21 21 21' 
_space_group.name_Hall        'P 2ac 2ab' 
_space_group.IT_number        19 
_space_group.crystal_system   orthorhombic 
_space_group.id               1 
# 
